data_8HO8
#
_entry.id   8HO8
#
_cell.length_a   1.00
_cell.length_b   1.00
_cell.length_c   1.00
_cell.angle_alpha   90.00
_cell.angle_beta   90.00
_cell.angle_gamma   90.00
#
_symmetry.space_group_name_H-M   'P 1'
#
loop_
_entity.id
_entity.type
_entity.pdbx_description
1 polymer 'Cellobiose phosphorylase'
2 branched beta-D-glucopyranose-(1-4)-beta-D-glucopyranose
3 water water
#
_entity_poly.entity_id   1
_entity_poly.type   'polypeptide(L)'
_entity_poly.pdbx_seq_one_letter_code
;MEFGFFDDANKEYVITVPRTPYPWINYLGTENFFSLISNTAGGYCFYRDARLRRITRYRYNNVPIDMGGRYFYIYDNGDF
WSPGWSPVKRELESYECRHGLGYTKIAGKRNGIKAEVTFFVPLNYNGEVQKLILKNEGQDKKKITLFSFIEFCLWNAYDD
MTNFQRNFSTGEVEIEGSVIYHKTEYRERRNHYAFYSVNAKISGFDSDRDSFIGLYNGFDAPQAVVNGKSNNSVADGWAP
IASHSIEIELNPGEQKEYVFIIGYVENKDEEKWESKGVINKKKAYEMIEQFNTVEKVDKAFEELKSYWNALLSKYFLESH
DEKLNRMVNIWNQYQCMVTFNMSRSASYFESGIGRGMGFRDSNQDLLGFVHQIPERARERLLDLAATQLEDGSAYHQYQP
LTKKGNNEIGSNFNDDPLWLILATAAYIKETGDYSILKEQVPFNNDPSKADTMFEHLTRSFYHVVNNLGPHGLPLIGRAD
WNDCLNLNCFSTVPDESFQTTTSKDGKVAESVMIAGMFVFIGKDYVKLCEYMGLEEEARKAQQHIDAMKEAILKYGYDGE
WFLRAYDDFGRKVGSKENEEGKIFIESQGFCVMAEIGLEDGKALKALDSVKKYLDTPYGLVLQNPAFTRYYIEYGEISTY
PPGYKENAGIFCHNNAWIICAETVVGRGDMAFDYYRKIAPAYIEDVSDIHKLEPYVYAQMVAGKDAKRHGEAKNSWLTGT
AAWNFVAISQWILGVKPDYDGLKIDPCIPKAWDGYKVTRYFRGSTYEITVKNPNHVSKGVAKITVDGNEISGNILPVFND
GKTHKVEVILEHHHHHH
;
_entity_poly.pdbx_strand_id   A,B
#
loop_
_chem_comp.id
_chem_comp.type
_chem_comp.name
_chem_comp.formula
BGC D-saccharide, beta linking beta-D-glucopyranose 'C6 H12 O6'
#
# COMPACT_ATOMS: atom_id res chain seq x y z
N GLU A 2 -18.45 -6.23 29.91
CA GLU A 2 -18.07 -7.40 29.11
C GLU A 2 -18.93 -7.57 27.87
N PHE A 3 -18.41 -8.35 26.93
CA PHE A 3 -19.07 -8.60 25.66
C PHE A 3 -19.15 -10.10 25.38
N GLY A 4 -18.99 -10.92 26.41
CA GLY A 4 -18.98 -12.36 26.23
C GLY A 4 -18.46 -13.03 27.49
N PHE A 5 -18.13 -14.31 27.35
CA PHE A 5 -17.67 -15.10 28.49
C PHE A 5 -16.78 -16.24 28.00
N PHE A 6 -16.00 -16.79 28.93
CA PHE A 6 -15.14 -17.93 28.66
C PHE A 6 -15.93 -19.22 28.83
N ASP A 7 -15.80 -20.13 27.87
CA ASP A 7 -16.35 -21.48 27.94
C ASP A 7 -15.16 -22.42 28.07
N ASP A 8 -14.83 -22.77 29.32
CA ASP A 8 -13.60 -23.51 29.57
C ASP A 8 -13.70 -24.97 29.14
N ALA A 9 -14.87 -25.58 29.27
CA ALA A 9 -15.02 -26.99 28.90
C ALA A 9 -14.81 -27.18 27.40
N ASN A 10 -15.26 -26.23 26.59
CA ASN A 10 -15.05 -26.28 25.15
C ASN A 10 -13.80 -25.53 24.72
N LYS A 11 -13.11 -24.86 25.63
CA LYS A 11 -11.94 -24.03 25.33
C LYS A 11 -12.27 -23.00 24.25
N GLU A 12 -13.31 -22.22 24.50
CA GLU A 12 -13.77 -21.20 23.58
C GLU A 12 -13.97 -19.89 24.32
N TYR A 13 -13.94 -18.80 23.57
CA TYR A 13 -14.49 -17.53 24.04
C TYR A 13 -15.77 -17.26 23.27
N VAL A 14 -16.84 -16.96 23.99
CA VAL A 14 -18.16 -16.77 23.41
C VAL A 14 -18.47 -15.28 23.44
N ILE A 15 -18.54 -14.68 22.25
CA ILE A 15 -18.92 -13.29 22.06
C ILE A 15 -20.42 -13.28 21.80
N THR A 16 -21.16 -12.51 22.61
CA THR A 16 -22.61 -12.52 22.58
C THR A 16 -23.21 -11.30 21.88
N VAL A 17 -22.47 -10.22 21.73
CA VAL A 17 -22.96 -9.06 20.98
C VAL A 17 -21.99 -8.78 19.84
N PRO A 18 -22.50 -8.51 18.62
CA PRO A 18 -21.59 -8.33 17.48
C PRO A 18 -20.81 -7.03 17.51
N ARG A 19 -21.28 -6.01 18.22
CA ARG A 19 -20.59 -4.72 18.29
C ARG A 19 -19.62 -4.71 19.45
N THR A 20 -18.50 -5.40 19.27
CA THR A 20 -17.43 -5.36 20.23
C THR A 20 -16.68 -4.03 20.11
N PRO A 21 -15.93 -3.64 21.15
CA PRO A 21 -15.21 -2.36 21.07
C PRO A 21 -14.26 -2.30 19.89
N TYR A 22 -13.74 -3.45 19.46
CA TYR A 22 -13.00 -3.60 18.22
C TYR A 22 -13.33 -4.98 17.67
N PRO A 23 -13.12 -5.21 16.38
CA PRO A 23 -13.26 -6.57 15.86
C PRO A 23 -12.27 -7.51 16.55
N TRP A 24 -12.78 -8.62 17.06
CA TRP A 24 -11.99 -9.60 17.80
C TRP A 24 -11.79 -10.81 16.90
N ILE A 25 -10.53 -11.16 16.64
CA ILE A 25 -10.20 -12.08 15.56
C ILE A 25 -9.67 -13.39 16.13
N ASN A 26 -9.54 -14.37 15.24
CA ASN A 26 -8.97 -15.67 15.51
C ASN A 26 -8.20 -16.12 14.27
N TYR A 27 -7.28 -17.05 14.49
CA TYR A 27 -6.43 -17.58 13.43
C TYR A 27 -6.78 -19.03 13.15
N LEU A 28 -6.76 -19.39 11.87
CA LEU A 28 -6.98 -20.75 11.43
C LEU A 28 -5.81 -21.20 10.58
N GLY A 29 -5.49 -22.48 10.68
CA GLY A 29 -4.40 -23.06 9.92
C GLY A 29 -3.21 -23.40 10.80
N THR A 30 -2.47 -24.41 10.39
CA THR A 30 -1.35 -24.91 11.18
C THR A 30 -0.02 -24.90 10.44
N GLU A 31 0.00 -25.25 9.16
CA GLU A 31 1.26 -25.36 8.43
C GLU A 31 1.42 -24.33 7.33
N ASN A 32 0.53 -24.30 6.34
CA ASN A 32 0.77 -23.44 5.19
C ASN A 32 -0.39 -22.52 4.86
N PHE A 33 -1.63 -23.00 4.93
CA PHE A 33 -2.81 -22.19 4.67
C PHE A 33 -3.21 -21.50 5.97
N PHE A 34 -3.38 -20.18 5.92
CA PHE A 34 -3.70 -19.43 7.13
C PHE A 34 -4.85 -18.48 6.87
N SER A 35 -5.69 -18.32 7.89
CA SER A 35 -6.87 -17.45 7.83
C SER A 35 -6.93 -16.57 9.06
N LEU A 36 -7.23 -15.30 8.85
CA LEU A 36 -7.63 -14.38 9.90
C LEU A 36 -9.13 -14.17 9.76
N ILE A 37 -9.87 -14.43 10.84
CA ILE A 37 -11.32 -14.28 10.81
C ILE A 37 -11.79 -13.53 12.05
N SER A 38 -12.62 -12.50 11.85
CA SER A 38 -13.14 -11.73 12.95
C SER A 38 -14.47 -12.32 13.44
N ASN A 39 -15.04 -11.71 14.47
CA ASN A 39 -16.29 -12.20 15.06
C ASN A 39 -17.50 -11.94 14.16
N THR A 40 -17.35 -11.11 13.12
CA THR A 40 -18.39 -10.94 12.11
C THR A 40 -18.02 -11.59 10.79
N ALA A 41 -17.07 -12.54 10.82
CA ALA A 41 -16.57 -13.28 9.67
C ALA A 41 -15.76 -12.44 8.70
N GLY A 42 -15.25 -11.29 9.15
CA GLY A 42 -14.34 -10.52 8.34
C GLY A 42 -12.92 -11.05 8.40
N GLY A 43 -12.11 -10.64 7.43
CA GLY A 43 -10.72 -11.06 7.38
C GLY A 43 -10.40 -11.66 6.02
N TYR A 44 -9.39 -12.52 6.01
CA TYR A 44 -8.89 -13.04 4.74
C TYR A 44 -7.94 -14.20 4.99
N CYS A 45 -7.53 -14.84 3.90
CA CYS A 45 -6.67 -16.01 3.96
C CYS A 45 -5.49 -15.84 3.00
N PHE A 46 -4.46 -16.66 3.22
CA PHE A 46 -3.27 -16.64 2.39
C PHE A 46 -2.57 -17.98 2.49
N TYR A 47 -1.63 -18.21 1.58
CA TYR A 47 -0.82 -19.43 1.53
C TYR A 47 0.63 -19.06 1.82
N ARG A 48 1.04 -19.25 3.07
CA ARG A 48 2.43 -19.19 3.52
C ARG A 48 3.01 -17.78 3.52
N ASP A 49 2.31 -16.82 2.93
CA ASP A 49 2.90 -15.51 2.70
C ASP A 49 1.78 -14.51 2.50
N ALA A 50 1.52 -13.68 3.50
CA ALA A 50 0.47 -12.68 3.39
C ALA A 50 0.81 -11.62 2.35
N ARG A 51 2.09 -11.44 2.04
CA ARG A 51 2.53 -10.41 1.10
C ARG A 51 2.52 -10.89 -0.35
N LEU A 52 2.92 -12.13 -0.61
CA LEU A 52 3.14 -12.61 -1.96
C LEU A 52 2.18 -13.68 -2.42
N ARG A 53 1.34 -14.23 -1.53
CA ARG A 53 0.38 -15.26 -1.92
C ARG A 53 -0.95 -15.05 -1.21
N ARG A 54 -1.43 -13.81 -1.16
CA ARG A 54 -2.71 -13.50 -0.54
C ARG A 54 -3.85 -13.94 -1.45
N ILE A 55 -4.81 -14.68 -0.89
CA ILE A 55 -5.88 -15.27 -1.69
C ILE A 55 -7.09 -14.33 -1.77
N THR A 56 -7.48 -13.74 -0.65
CA THR A 56 -8.65 -12.87 -0.61
C THR A 56 -8.24 -11.46 -0.24
N ARG A 57 -9.02 -10.49 -0.70
CA ARG A 57 -8.73 -9.09 -0.50
C ARG A 57 -9.29 -8.59 0.84
N TYR A 58 -8.52 -7.76 1.52
CA TYR A 58 -8.95 -7.14 2.76
C TYR A 58 -8.43 -5.72 2.83
N ARG A 59 -9.27 -4.82 3.32
CA ARG A 59 -8.93 -3.40 3.44
C ARG A 59 -8.72 -3.07 4.91
N TYR A 60 -7.51 -2.65 5.25
CA TYR A 60 -7.20 -2.20 6.60
C TYR A 60 -7.66 -0.76 6.79
N ASN A 61 -8.01 -0.42 8.04
CA ASN A 61 -8.38 0.94 8.42
C ASN A 61 -9.54 1.46 7.58
N ASN A 62 -10.53 0.60 7.34
CA ASN A 62 -11.64 0.92 6.45
C ASN A 62 -12.77 1.62 7.19
N VAL A 63 -13.63 2.28 6.41
CA VAL A 63 -14.84 2.92 6.91
C VAL A 63 -16.04 2.31 6.19
N PRO A 64 -16.87 1.50 6.85
CA PRO A 64 -16.80 1.04 8.24
C PRO A 64 -15.68 0.04 8.45
N ILE A 65 -15.29 -0.19 9.71
CA ILE A 65 -14.20 -1.12 10.00
C ILE A 65 -14.57 -2.54 9.59
N ASP A 66 -13.57 -3.30 9.17
CA ASP A 66 -13.67 -4.75 9.00
C ASP A 66 -14.76 -5.13 7.99
N MET A 67 -14.72 -4.48 6.83
CA MET A 67 -15.62 -4.79 5.73
C MET A 67 -14.88 -5.64 4.70
N GLY A 68 -15.45 -6.79 4.37
CA GLY A 68 -14.75 -7.73 3.49
C GLY A 68 -14.40 -8.98 4.28
N GLY A 69 -14.87 -10.11 3.77
CA GLY A 69 -14.66 -11.37 4.44
C GLY A 69 -15.42 -12.48 3.75
N ARG A 70 -15.79 -13.49 4.51
CA ARG A 70 -16.61 -14.59 4.02
C ARG A 70 -18.06 -14.27 4.35
N TYR A 71 -18.79 -13.73 3.37
CA TYR A 71 -20.09 -13.13 3.61
C TYR A 71 -21.19 -14.04 3.08
N PHE A 72 -22.08 -14.46 3.98
CA PHE A 72 -23.26 -15.22 3.61
C PHE A 72 -24.49 -14.34 3.73
N TYR A 73 -25.33 -14.35 2.71
CA TYR A 73 -26.55 -13.55 2.67
C TYR A 73 -27.74 -14.49 2.61
N ILE A 74 -28.65 -14.37 3.57
CA ILE A 74 -29.92 -15.06 3.54
C ILE A 74 -30.96 -14.09 3.00
N TYR A 75 -31.60 -14.47 1.90
CA TYR A 75 -32.66 -13.71 1.26
C TYR A 75 -33.98 -14.43 1.51
N ASP A 76 -34.89 -13.76 2.19
CA ASP A 76 -36.19 -14.30 2.57
C ASP A 76 -37.25 -13.30 2.15
N ASN A 77 -37.83 -13.53 0.97
CA ASN A 77 -39.00 -12.79 0.49
C ASN A 77 -38.80 -11.28 0.55
N GLY A 78 -37.65 -10.83 0.05
CA GLY A 78 -37.35 -9.41 0.03
C GLY A 78 -36.39 -9.00 1.12
N ASP A 79 -36.57 -9.54 2.33
CA ASP A 79 -35.64 -9.26 3.40
C ASP A 79 -34.34 -10.01 3.18
N PHE A 80 -33.24 -9.46 3.70
CA PHE A 80 -31.98 -10.20 3.64
C PHE A 80 -31.12 -9.81 4.83
N TRP A 81 -30.25 -10.73 5.24
CA TRP A 81 -29.45 -10.54 6.44
C TRP A 81 -28.22 -11.45 6.38
N SER A 82 -27.34 -11.28 7.36
CA SER A 82 -26.09 -12.01 7.46
C SER A 82 -25.98 -12.71 8.82
N PRO A 83 -25.44 -13.93 8.85
CA PRO A 83 -25.30 -14.63 10.14
C PRO A 83 -24.36 -13.95 11.11
N GLY A 84 -23.32 -13.28 10.64
CA GLY A 84 -22.41 -12.56 11.49
C GLY A 84 -22.82 -11.13 11.78
N TRP A 85 -24.01 -10.74 11.33
CA TRP A 85 -24.60 -9.42 11.47
C TRP A 85 -23.89 -8.41 10.57
N SER A 86 -22.75 -8.80 10.01
CA SER A 86 -22.08 -7.99 9.02
C SER A 86 -22.02 -8.75 7.71
N PRO A 87 -22.09 -8.07 6.57
CA PRO A 87 -22.12 -6.62 6.38
C PRO A 87 -23.49 -5.96 6.44
N VAL A 88 -24.58 -6.74 6.45
CA VAL A 88 -25.92 -6.17 6.28
C VAL A 88 -26.30 -5.31 7.48
N LYS A 89 -26.04 -5.80 8.69
CA LYS A 89 -26.28 -5.06 9.94
C LYS A 89 -27.76 -4.80 10.18
N ARG A 90 -28.59 -5.79 9.87
CA ARG A 90 -29.97 -5.82 10.29
C ARG A 90 -30.08 -6.66 11.56
N GLU A 91 -30.92 -6.22 12.50
CA GLU A 91 -30.97 -6.83 13.82
C GLU A 91 -31.35 -8.29 13.75
N LEU A 92 -30.67 -9.11 14.56
CA LEU A 92 -30.87 -10.55 14.59
C LEU A 92 -31.61 -10.95 15.86
N GLU A 93 -32.44 -11.99 15.75
CA GLU A 93 -33.07 -12.56 16.94
C GLU A 93 -32.02 -13.05 17.92
N SER A 94 -30.99 -13.73 17.42
CA SER A 94 -29.88 -14.16 18.25
C SER A 94 -28.60 -14.10 17.43
N TYR A 95 -27.50 -13.77 18.12
CA TYR A 95 -26.17 -13.76 17.54
C TYR A 95 -25.21 -14.43 18.51
N GLU A 96 -24.24 -15.16 17.97
CA GLU A 96 -23.19 -15.73 18.80
C GLU A 96 -21.95 -16.00 17.96
N CYS A 97 -20.78 -15.71 18.53
CA CYS A 97 -19.51 -16.10 17.92
C CYS A 97 -18.68 -16.85 18.93
N ARG A 98 -18.27 -18.07 18.60
CA ARG A 98 -17.38 -18.86 19.45
C ARG A 98 -16.02 -18.92 18.78
N HIS A 99 -15.03 -18.32 19.42
CA HIS A 99 -13.64 -18.41 18.97
C HIS A 99 -13.00 -19.57 19.73
N GLY A 100 -12.65 -20.63 19.00
CA GLY A 100 -12.00 -21.78 19.57
C GLY A 100 -10.54 -21.88 19.18
N LEU A 101 -10.01 -23.09 19.26
CA LEU A 101 -8.61 -23.37 18.95
C LEU A 101 -8.53 -23.82 17.49
N GLY A 102 -8.15 -22.90 16.61
CA GLY A 102 -8.07 -23.19 15.20
C GLY A 102 -9.38 -23.17 14.46
N TYR A 103 -10.47 -22.75 15.09
CA TYR A 103 -11.78 -22.74 14.44
C TYR A 103 -12.60 -21.60 15.01
N THR A 104 -13.62 -21.19 14.24
CA THR A 104 -14.55 -20.18 14.68
C THR A 104 -15.97 -20.57 14.26
N LYS A 105 -16.91 -20.46 15.18
CA LYS A 105 -18.31 -20.72 14.89
C LYS A 105 -19.11 -19.42 15.00
N ILE A 106 -19.97 -19.16 14.03
CA ILE A 106 -20.81 -17.97 14.04
C ILE A 106 -22.25 -18.38 13.75
N ALA A 107 -23.16 -18.01 14.65
CA ALA A 107 -24.57 -18.36 14.53
C ALA A 107 -25.41 -17.09 14.58
N GLY A 108 -26.36 -17.00 13.66
CA GLY A 108 -27.27 -15.87 13.63
C GLY A 108 -28.67 -16.31 13.25
N LYS A 109 -29.66 -15.64 13.81
CA LYS A 109 -31.05 -15.98 13.53
C LYS A 109 -31.87 -14.74 13.18
N ARG A 110 -32.70 -14.87 12.15
CA ARG A 110 -33.67 -13.83 11.82
C ARG A 110 -34.89 -14.45 11.18
N ASN A 111 -36.07 -13.98 11.62
CA ASN A 111 -37.37 -14.38 11.07
C ASN A 111 -37.52 -15.89 11.00
N GLY A 112 -37.16 -16.57 12.08
CA GLY A 112 -37.31 -18.02 12.15
C GLY A 112 -36.32 -18.81 11.35
N ILE A 113 -35.28 -18.18 10.81
CA ILE A 113 -34.24 -18.88 10.07
C ILE A 113 -32.93 -18.74 10.83
N LYS A 114 -32.29 -19.86 11.12
CA LYS A 114 -31.02 -19.88 11.84
C LYS A 114 -29.92 -20.36 10.91
N ALA A 115 -28.79 -19.66 10.93
CA ALA A 115 -27.62 -19.98 10.11
C ALA A 115 -26.42 -20.13 11.02
N GLU A 116 -25.79 -21.30 11.00
CA GLU A 116 -24.60 -21.58 11.78
C GLU A 116 -23.46 -21.96 10.84
N VAL A 117 -22.32 -21.28 10.97
CA VAL A 117 -21.17 -21.54 10.11
C VAL A 117 -19.96 -21.83 10.98
N THR A 118 -19.31 -22.97 10.74
CA THR A 118 -18.03 -23.33 11.34
C THR A 118 -16.93 -23.14 10.30
N PHE A 119 -15.97 -22.28 10.61
CA PHE A 119 -14.81 -22.03 9.77
C PHE A 119 -13.60 -22.68 10.42
N PHE A 120 -12.87 -23.49 9.65
CA PHE A 120 -11.57 -23.97 10.12
C PHE A 120 -10.73 -24.45 8.94
N VAL A 121 -9.42 -24.47 9.17
CA VAL A 121 -8.48 -25.06 8.21
C VAL A 121 -8.13 -26.46 8.72
N PRO A 122 -8.48 -27.51 7.99
CA PRO A 122 -8.12 -28.86 8.43
C PRO A 122 -6.62 -29.11 8.33
N LEU A 123 -6.16 -30.10 9.08
CA LEU A 123 -4.75 -30.48 9.05
C LEU A 123 -4.37 -31.05 7.69
N ASN A 124 -3.18 -30.67 7.23
CA ASN A 124 -2.63 -31.14 5.95
C ASN A 124 -3.57 -30.83 4.79
N TYR A 125 -4.19 -29.66 4.83
CA TYR A 125 -5.15 -29.25 3.83
C TYR A 125 -4.90 -27.81 3.45
N ASN A 126 -4.85 -27.53 2.15
CA ASN A 126 -4.59 -26.17 1.67
C ASN A 126 -5.90 -25.44 1.38
N GLY A 127 -6.71 -25.29 2.41
CA GLY A 127 -8.01 -24.66 2.23
C GLY A 127 -8.71 -24.37 3.54
N GLU A 128 -9.62 -23.43 3.47
CA GLU A 128 -10.52 -23.10 4.57
C GLU A 128 -11.89 -23.74 4.30
N VAL A 129 -12.37 -24.52 5.26
CA VAL A 129 -13.63 -25.23 5.16
C VAL A 129 -14.65 -24.50 6.01
N GLN A 130 -15.82 -24.25 5.44
CA GLN A 130 -16.93 -23.56 6.09
C GLN A 130 -18.15 -24.47 6.01
N LYS A 131 -18.59 -24.94 7.17
CA LYS A 131 -19.76 -25.81 7.27
C LYS A 131 -20.95 -24.94 7.67
N LEU A 132 -22.00 -24.94 6.85
CA LEU A 132 -23.15 -24.06 7.05
C LEU A 132 -24.40 -24.91 7.26
N ILE A 133 -25.06 -24.68 8.39
CA ILE A 133 -26.35 -25.28 8.71
C ILE A 133 -27.40 -24.20 8.61
N LEU A 134 -28.45 -24.47 7.82
CA LEU A 134 -29.61 -23.60 7.72
C LEU A 134 -30.80 -24.34 8.31
N LYS A 135 -31.45 -23.75 9.30
CA LYS A 135 -32.54 -24.40 10.02
C LYS A 135 -33.76 -23.50 10.03
N ASN A 136 -34.92 -24.09 9.74
CA ASN A 136 -36.20 -23.39 9.84
C ASN A 136 -36.78 -23.67 11.21
N GLU A 137 -36.66 -22.70 12.12
CA GLU A 137 -37.21 -22.80 13.46
C GLU A 137 -38.60 -22.18 13.56
N GLY A 138 -39.18 -21.74 12.45
CA GLY A 138 -40.51 -21.19 12.45
C GLY A 138 -41.58 -22.26 12.27
N GLN A 139 -42.82 -21.79 12.16
CA GLN A 139 -43.97 -22.68 12.04
C GLN A 139 -44.48 -22.81 10.60
N ASP A 140 -43.85 -22.16 9.65
CA ASP A 140 -44.31 -22.16 8.27
C ASP A 140 -43.20 -22.58 7.34
N LYS A 141 -43.59 -23.19 6.22
CA LYS A 141 -42.64 -23.56 5.18
C LYS A 141 -42.07 -22.29 4.54
N LYS A 142 -40.76 -22.30 4.29
CA LYS A 142 -40.05 -21.12 3.82
C LYS A 142 -39.33 -21.42 2.51
N LYS A 143 -39.26 -20.40 1.67
CA LYS A 143 -38.48 -20.43 0.43
C LYS A 143 -37.49 -19.28 0.47
N ILE A 144 -36.20 -19.60 0.49
CA ILE A 144 -35.13 -18.63 0.68
C ILE A 144 -34.05 -18.85 -0.36
N THR A 145 -33.18 -17.85 -0.47
CA THR A 145 -31.99 -17.96 -1.31
C THR A 145 -30.76 -17.67 -0.46
N LEU A 146 -29.76 -18.54 -0.57
CA LEU A 146 -28.49 -18.39 0.11
C LEU A 146 -27.45 -17.89 -0.88
N PHE A 147 -26.74 -16.82 -0.50
CA PHE A 147 -25.66 -16.27 -1.30
C PHE A 147 -24.36 -16.40 -0.52
N SER A 148 -23.32 -16.91 -1.18
CA SER A 148 -21.96 -16.83 -0.65
C SER A 148 -21.23 -15.69 -1.32
N PHE A 149 -20.18 -15.20 -0.65
CA PHE A 149 -19.38 -14.15 -1.26
C PHE A 149 -17.99 -14.10 -0.64
N ILE A 150 -16.98 -14.09 -1.49
CA ILE A 150 -15.62 -13.69 -1.16
C ILE A 150 -15.12 -12.77 -2.26
N GLU A 151 -14.14 -11.95 -1.91
CA GLU A 151 -13.48 -11.07 -2.88
C GLU A 151 -12.02 -11.50 -3.00
N PHE A 152 -11.59 -11.78 -4.22
CA PHE A 152 -10.24 -12.26 -4.46
C PHE A 152 -9.22 -11.13 -4.40
N CYS A 153 -8.01 -11.47 -3.99
CA CYS A 153 -6.83 -10.63 -4.12
C CYS A 153 -6.04 -11.10 -5.34
N LEU A 154 -5.21 -10.20 -5.86
CA LEU A 154 -4.42 -10.50 -7.05
C LEU A 154 -3.04 -11.06 -6.70
N TRP A 155 -2.97 -11.81 -5.59
CA TRP A 155 -1.83 -12.61 -5.15
C TRP A 155 -0.69 -11.80 -4.57
N ASN A 156 -0.69 -10.48 -4.79
CA ASN A 156 0.42 -9.64 -4.35
C ASN A 156 -0.23 -8.39 -3.76
N ALA A 157 -0.27 -8.32 -2.43
CA ALA A 157 -1.10 -7.32 -1.76
C ALA A 157 -0.66 -5.90 -2.11
N TYR A 158 0.65 -5.64 -2.09
CA TYR A 158 1.15 -4.32 -2.44
C TYR A 158 0.81 -3.98 -3.89
N ASP A 159 1.08 -4.91 -4.80
CA ASP A 159 0.69 -4.72 -6.20
C ASP A 159 -0.82 -4.61 -6.33
N ASP A 160 -1.55 -5.43 -5.56
CA ASP A 160 -3.01 -5.40 -5.62
C ASP A 160 -3.57 -4.05 -5.21
N MET A 161 -2.90 -3.34 -4.32
CA MET A 161 -3.39 -2.05 -3.86
C MET A 161 -2.67 -0.86 -4.46
N THR A 162 -1.71 -1.05 -5.38
CA THR A 162 -1.03 0.11 -5.95
C THR A 162 -1.01 0.16 -7.47
N ASN A 163 -1.03 -0.99 -8.13
CA ASN A 163 -0.67 -1.10 -9.55
C ASN A 163 -1.88 -1.23 -10.46
N PHE A 164 -2.93 -0.47 -10.21
CA PHE A 164 -4.19 -0.61 -10.96
C PHE A 164 -3.98 -0.43 -12.47
N GLN A 165 -3.02 0.41 -12.87
CA GLN A 165 -2.79 0.71 -14.28
C GLN A 165 -2.54 -0.55 -15.09
N ARG A 166 -1.95 -1.57 -14.48
CA ARG A 166 -1.84 -2.88 -15.11
C ARG A 166 -2.93 -3.85 -14.65
N ASN A 167 -3.12 -3.99 -13.34
CA ASN A 167 -3.89 -5.11 -12.82
C ASN A 167 -5.40 -4.95 -12.97
N PHE A 168 -5.89 -3.78 -13.37
CA PHE A 168 -7.31 -3.72 -13.72
C PHE A 168 -7.63 -4.48 -14.99
N SER A 169 -6.62 -4.93 -15.74
CA SER A 169 -6.82 -5.67 -16.97
C SER A 169 -6.33 -7.11 -16.90
N THR A 170 -5.99 -7.60 -15.71
CA THR A 170 -5.39 -8.93 -15.58
C THR A 170 -6.29 -9.97 -14.95
N GLY A 171 -7.33 -9.56 -14.21
CA GLY A 171 -8.18 -10.50 -13.50
C GLY A 171 -8.89 -11.51 -14.36
N GLU A 172 -8.74 -12.79 -14.04
CA GLU A 172 -9.33 -13.87 -14.83
C GLU A 172 -9.93 -14.92 -13.91
N VAL A 173 -11.08 -15.48 -14.34
CA VAL A 173 -11.74 -16.55 -13.62
C VAL A 173 -12.18 -17.64 -14.59
N GLU A 174 -12.48 -18.79 -14.02
CA GLU A 174 -13.15 -19.90 -14.69
C GLU A 174 -14.32 -20.31 -13.82
N ILE A 175 -15.42 -20.72 -14.45
CA ILE A 175 -16.60 -21.16 -13.71
C ILE A 175 -16.99 -22.53 -14.24
N GLU A 176 -17.00 -23.54 -13.36
CA GLU A 176 -17.39 -24.88 -13.77
C GLU A 176 -18.17 -25.54 -12.64
N GLY A 177 -19.39 -25.98 -12.96
CA GLY A 177 -20.24 -26.59 -11.95
C GLY A 177 -20.49 -25.63 -10.81
N SER A 178 -20.25 -26.08 -9.59
CA SER A 178 -20.40 -25.27 -8.40
C SER A 178 -19.07 -24.67 -7.92
N VAL A 179 -18.07 -24.59 -8.80
CA VAL A 179 -16.76 -24.10 -8.41
C VAL A 179 -16.40 -22.89 -9.26
N ILE A 180 -15.92 -21.84 -8.60
CA ILE A 180 -15.37 -20.65 -9.25
C ILE A 180 -13.87 -20.64 -8.99
N TYR A 181 -13.09 -20.68 -10.06
CA TYR A 181 -11.63 -20.70 -9.99
C TYR A 181 -11.09 -19.32 -10.30
N HIS A 182 -10.24 -18.81 -9.42
CA HIS A 182 -9.51 -17.57 -9.66
C HIS A 182 -8.12 -17.92 -10.18
N LYS A 183 -7.81 -17.43 -11.38
CA LYS A 183 -6.60 -17.81 -12.11
C LYS A 183 -5.95 -16.59 -12.76
N THR A 184 -5.85 -15.49 -12.03
CA THR A 184 -5.15 -14.32 -12.54
C THR A 184 -3.66 -14.61 -12.69
N GLU A 185 -3.11 -14.28 -13.86
CA GLU A 185 -1.72 -14.47 -14.24
C GLU A 185 -1.30 -15.93 -14.29
N TYR A 186 -2.26 -16.86 -14.22
CA TYR A 186 -1.95 -18.26 -14.43
C TYR A 186 -1.50 -18.53 -15.85
N ARG A 187 -1.89 -17.67 -16.79
CA ARG A 187 -1.55 -17.88 -18.19
C ARG A 187 -0.07 -17.62 -18.48
N GLU A 188 0.64 -16.89 -17.62
CA GLU A 188 2.02 -16.53 -17.94
C GLU A 188 3.05 -17.17 -17.02
N ARG A 189 3.04 -16.90 -15.72
CA ARG A 189 4.13 -17.33 -14.86
C ARG A 189 3.70 -18.01 -13.57
N ARG A 190 2.49 -17.78 -13.09
CA ARG A 190 2.02 -18.43 -11.87
C ARG A 190 1.52 -19.84 -12.20
N ASN A 191 1.94 -20.80 -11.38
CA ASN A 191 1.46 -22.17 -11.49
C ASN A 191 0.43 -22.51 -10.41
N HIS A 192 -0.09 -21.50 -9.72
CA HIS A 192 -1.06 -21.67 -8.66
C HIS A 192 -2.35 -20.96 -9.01
N TYR A 193 -3.46 -21.49 -8.49
CA TYR A 193 -4.75 -20.82 -8.58
C TYR A 193 -5.53 -21.03 -7.30
N ALA A 194 -6.64 -20.32 -7.17
CA ALA A 194 -7.53 -20.46 -6.03
C ALA A 194 -8.90 -20.91 -6.52
N PHE A 195 -9.71 -21.42 -5.60
CA PHE A 195 -11.08 -21.77 -5.97
C PHE A 195 -12.01 -21.58 -4.77
N TYR A 196 -13.27 -21.33 -5.08
CA TYR A 196 -14.36 -21.30 -4.11
C TYR A 196 -15.43 -22.30 -4.58
N SER A 197 -15.70 -23.30 -3.76
CA SER A 197 -16.63 -24.34 -4.13
C SER A 197 -17.69 -24.53 -3.05
N VAL A 198 -18.79 -25.15 -3.46
CA VAL A 198 -19.81 -25.65 -2.54
C VAL A 198 -20.22 -27.04 -3.02
N ASN A 199 -20.57 -27.91 -2.09
CA ASN A 199 -20.82 -29.32 -2.37
C ASN A 199 -22.26 -29.60 -2.79
N ALA A 200 -22.96 -28.60 -3.33
CA ALA A 200 -24.33 -28.79 -3.79
C ALA A 200 -24.50 -28.08 -5.12
N LYS A 201 -25.51 -28.53 -5.89
CA LYS A 201 -25.87 -27.86 -7.11
C LYS A 201 -26.36 -26.44 -6.83
N ILE A 202 -25.86 -25.48 -7.60
CA ILE A 202 -26.16 -24.07 -7.35
C ILE A 202 -27.25 -23.60 -8.29
N SER A 203 -27.97 -22.58 -7.86
CA SER A 203 -28.96 -21.92 -8.71
C SER A 203 -28.33 -20.83 -9.56
N GLY A 204 -27.24 -20.23 -9.10
CA GLY A 204 -26.56 -19.23 -9.91
C GLY A 204 -25.22 -18.90 -9.32
N PHE A 205 -24.49 -18.02 -10.01
CA PHE A 205 -23.17 -17.62 -9.57
C PHE A 205 -22.94 -16.16 -9.92
N ASP A 206 -21.84 -15.62 -9.41
CA ASP A 206 -21.34 -14.32 -9.80
C ASP A 206 -19.84 -14.28 -9.57
N SER A 207 -19.10 -13.71 -10.53
CA SER A 207 -17.66 -13.56 -10.40
C SER A 207 -17.16 -12.15 -10.67
N ASP A 208 -18.02 -11.23 -11.10
CA ASP A 208 -17.66 -9.84 -11.30
C ASP A 208 -18.20 -9.02 -10.14
N ARG A 209 -17.33 -8.25 -9.49
CA ARG A 209 -17.74 -7.49 -8.31
C ARG A 209 -18.80 -6.45 -8.65
N ASP A 210 -18.63 -5.75 -9.77
CA ASP A 210 -19.58 -4.70 -10.13
C ASP A 210 -20.93 -5.26 -10.56
N SER A 211 -21.00 -6.53 -10.94
CA SER A 211 -22.29 -7.13 -11.26
C SER A 211 -23.00 -7.61 -10.01
N PHE A 212 -22.28 -8.28 -9.10
CA PHE A 212 -22.91 -8.77 -7.88
C PHE A 212 -23.30 -7.63 -6.95
N ILE A 213 -22.42 -6.65 -6.79
CA ILE A 213 -22.63 -5.57 -5.83
C ILE A 213 -23.24 -4.34 -6.49
N GLY A 214 -22.62 -3.88 -7.57
CA GLY A 214 -22.97 -2.59 -8.13
C GLY A 214 -21.95 -1.53 -7.76
N LEU A 215 -21.68 -0.62 -8.70
CA LEU A 215 -20.58 0.32 -8.55
C LEU A 215 -20.76 1.22 -7.34
N TYR A 216 -21.99 1.70 -7.10
CA TYR A 216 -22.24 2.64 -6.02
C TYR A 216 -22.88 2.00 -4.80
N ASN A 217 -22.92 0.67 -4.74
CA ASN A 217 -23.41 -0.05 -3.59
C ASN A 217 -22.24 -0.59 -2.77
N GLY A 218 -22.50 -0.84 -1.49
CA GLY A 218 -21.53 -1.44 -0.60
C GLY A 218 -21.81 -2.91 -0.34
N PHE A 219 -20.98 -3.49 0.55
CA PHE A 219 -21.18 -4.87 0.95
C PHE A 219 -22.51 -5.09 1.66
N ASP A 220 -23.07 -4.03 2.26
CA ASP A 220 -24.27 -4.18 3.07
C ASP A 220 -25.51 -4.44 2.23
N ALA A 221 -25.50 -4.08 0.95
CA ALA A 221 -26.66 -4.26 0.07
C ALA A 221 -26.21 -4.46 -1.37
N PRO A 222 -25.67 -5.63 -1.69
CA PRO A 222 -25.36 -5.94 -3.09
C PRO A 222 -26.62 -6.05 -3.92
N GLN A 223 -26.56 -5.52 -5.14
CA GLN A 223 -27.75 -5.45 -5.98
C GLN A 223 -28.30 -6.83 -6.33
N ALA A 224 -27.42 -7.82 -6.49
CA ALA A 224 -27.88 -9.17 -6.76
C ALA A 224 -28.65 -9.76 -5.58
N VAL A 225 -28.17 -9.48 -4.36
CA VAL A 225 -28.87 -9.94 -3.17
C VAL A 225 -30.18 -9.17 -2.99
N VAL A 226 -30.16 -7.87 -3.28
CA VAL A 226 -31.38 -7.06 -3.16
C VAL A 226 -32.44 -7.57 -4.13
N ASN A 227 -32.05 -7.93 -5.33
CA ASN A 227 -32.99 -8.47 -6.32
C ASN A 227 -33.32 -9.94 -6.09
N GLY A 228 -32.58 -10.63 -5.23
CA GLY A 228 -32.89 -12.01 -4.90
C GLY A 228 -32.41 -13.04 -5.89
N LYS A 229 -31.62 -12.67 -6.89
CA LYS A 229 -31.13 -13.66 -7.85
C LYS A 229 -29.76 -13.25 -8.38
N SER A 230 -28.97 -14.25 -8.75
CA SER A 230 -27.64 -14.04 -9.28
C SER A 230 -27.68 -13.53 -10.72
N ASN A 231 -26.63 -12.81 -11.11
CA ASN A 231 -26.50 -12.28 -12.45
C ASN A 231 -25.67 -13.16 -13.39
N ASN A 232 -25.03 -14.20 -12.86
CA ASN A 232 -24.23 -15.14 -13.67
C ASN A 232 -23.14 -14.42 -14.46
N SER A 233 -22.49 -13.44 -13.84
CA SER A 233 -21.47 -12.66 -14.52
C SER A 233 -20.13 -13.37 -14.53
N VAL A 234 -19.41 -13.24 -15.63
CA VAL A 234 -18.06 -13.76 -15.78
C VAL A 234 -17.10 -12.58 -15.68
N ALA A 235 -16.14 -12.67 -14.77
CA ALA A 235 -15.20 -11.58 -14.55
C ALA A 235 -14.30 -11.37 -15.76
N ASP A 236 -13.96 -10.10 -16.00
CA ASP A 236 -13.06 -9.72 -17.07
C ASP A 236 -12.30 -8.47 -16.59
N GLY A 237 -11.13 -8.69 -16.00
CA GLY A 237 -10.44 -7.58 -15.39
C GLY A 237 -11.18 -7.07 -14.16
N TRP A 238 -10.88 -5.82 -13.82
CA TRP A 238 -11.50 -5.10 -12.69
C TRP A 238 -11.34 -5.96 -11.44
N ALA A 239 -12.42 -6.38 -10.78
CA ALA A 239 -12.33 -7.09 -9.49
C ALA A 239 -12.98 -8.46 -9.58
N PRO A 240 -12.20 -9.53 -9.69
CA PRO A 240 -12.80 -10.87 -9.62
C PRO A 240 -13.27 -11.21 -8.22
N ILE A 241 -14.42 -11.86 -8.15
CA ILE A 241 -15.00 -12.32 -6.89
C ILE A 241 -15.52 -13.74 -7.10
N ALA A 242 -16.05 -14.33 -6.03
CA ALA A 242 -16.69 -15.63 -6.11
C ALA A 242 -17.97 -15.59 -5.30
N SER A 243 -19.07 -16.01 -5.92
CA SER A 243 -20.37 -16.03 -5.26
C SER A 243 -21.22 -17.14 -5.83
N HIS A 244 -21.72 -18.01 -4.96
CA HIS A 244 -22.76 -18.97 -5.32
C HIS A 244 -24.10 -18.47 -4.80
N SER A 245 -25.17 -18.94 -5.45
CA SER A 245 -26.53 -18.72 -4.98
C SER A 245 -27.29 -20.02 -5.10
N ILE A 246 -27.98 -20.38 -4.02
CA ILE A 246 -28.73 -21.64 -3.91
C ILE A 246 -30.14 -21.33 -3.44
N GLU A 247 -31.13 -21.90 -4.12
CA GLU A 247 -32.53 -21.71 -3.77
C GLU A 247 -32.99 -22.90 -2.93
N ILE A 248 -33.50 -22.62 -1.72
CA ILE A 248 -33.75 -23.63 -0.72
C ILE A 248 -35.19 -23.52 -0.24
N GLU A 249 -35.88 -24.66 -0.15
CA GLU A 249 -37.18 -24.76 0.50
C GLU A 249 -37.02 -25.54 1.79
N LEU A 250 -37.42 -24.95 2.90
CA LEU A 250 -37.28 -25.54 4.22
C LEU A 250 -38.66 -25.72 4.85
N ASN A 251 -39.00 -26.96 5.18
CA ASN A 251 -40.17 -27.24 5.97
C ASN A 251 -39.94 -26.82 7.42
N PRO A 252 -41.00 -26.61 8.19
CA PRO A 252 -40.83 -26.30 9.62
C PRO A 252 -40.07 -27.40 10.33
N GLY A 253 -38.99 -27.02 11.01
CA GLY A 253 -38.15 -27.97 11.71
C GLY A 253 -37.12 -28.68 10.86
N GLU A 254 -37.03 -28.35 9.57
CA GLU A 254 -36.11 -29.01 8.66
C GLU A 254 -34.85 -28.17 8.49
N GLN A 255 -33.70 -28.85 8.42
CA GLN A 255 -32.42 -28.17 8.25
C GLN A 255 -31.67 -28.77 7.06
N LYS A 256 -30.79 -27.95 6.50
CA LYS A 256 -29.95 -28.35 5.38
C LYS A 256 -28.50 -27.95 5.67
N GLU A 257 -27.57 -28.71 5.09
CA GLU A 257 -26.15 -28.56 5.37
C GLU A 257 -25.37 -28.37 4.08
N TYR A 258 -24.40 -27.46 4.12
CA TYR A 258 -23.56 -27.16 2.96
C TYR A 258 -22.11 -27.04 3.40
N VAL A 259 -21.20 -27.42 2.51
CA VAL A 259 -19.77 -27.26 2.74
C VAL A 259 -19.22 -26.33 1.66
N PHE A 260 -18.71 -25.19 2.08
CA PHE A 260 -18.01 -24.26 1.21
C PHE A 260 -16.51 -24.39 1.46
N ILE A 261 -15.73 -24.40 0.39
CA ILE A 261 -14.28 -24.53 0.51
C ILE A 261 -13.60 -23.41 -0.26
N ILE A 262 -12.70 -22.69 0.41
CA ILE A 262 -11.75 -21.80 -0.24
C ILE A 262 -10.43 -22.57 -0.34
N GLY A 263 -10.04 -22.95 -1.55
CA GLY A 263 -8.91 -23.83 -1.75
C GLY A 263 -7.80 -23.18 -2.57
N TYR A 264 -6.58 -23.67 -2.37
CA TYR A 264 -5.39 -23.21 -3.07
C TYR A 264 -4.72 -24.41 -3.73
N VAL A 265 -4.39 -24.28 -5.01
CA VAL A 265 -3.80 -25.38 -5.77
C VAL A 265 -2.52 -24.88 -6.43
N GLU A 266 -1.45 -25.70 -6.34
CA GLU A 266 -0.23 -25.51 -7.10
C GLU A 266 -0.08 -26.66 -8.07
N ASN A 267 0.22 -26.35 -9.33
CA ASN A 267 0.42 -27.35 -10.36
C ASN A 267 1.88 -27.37 -10.79
N LYS A 268 2.33 -28.51 -11.29
CA LYS A 268 3.60 -28.57 -12.00
C LYS A 268 3.49 -27.83 -13.32
N ASP A 269 4.61 -27.22 -13.73
CA ASP A 269 4.60 -26.40 -14.95
C ASP A 269 4.18 -27.21 -16.18
N GLU A 270 4.50 -28.51 -16.20
CA GLU A 270 4.09 -29.33 -17.34
C GLU A 270 2.61 -29.67 -17.26
N GLU A 271 2.09 -29.94 -16.07
CA GLU A 271 0.68 -30.26 -15.87
C GLU A 271 -0.12 -29.03 -15.45
N LYS A 272 -0.08 -27.98 -16.26
CA LYS A 272 -0.81 -26.76 -15.94
C LYS A 272 -2.15 -26.65 -16.64
N TRP A 273 -2.37 -27.37 -17.74
CA TRP A 273 -3.54 -27.16 -18.57
C TRP A 273 -4.24 -28.49 -18.85
N GLU A 274 -5.56 -28.49 -18.74
CA GLU A 274 -6.34 -29.61 -19.25
C GLU A 274 -6.43 -29.55 -20.76
N SER A 275 -6.58 -28.35 -21.30
CA SER A 275 -6.47 -28.10 -22.73
C SER A 275 -6.05 -26.64 -22.89
N LYS A 276 -6.08 -26.15 -24.13
CA LYS A 276 -5.67 -24.78 -24.42
C LYS A 276 -6.60 -23.79 -23.72
N GLY A 277 -6.06 -23.03 -22.76
CA GLY A 277 -6.83 -22.06 -22.02
C GLY A 277 -7.65 -22.60 -20.87
N VAL A 278 -7.57 -23.89 -20.59
CA VAL A 278 -8.35 -24.53 -19.53
C VAL A 278 -7.39 -25.07 -18.49
N ILE A 279 -7.50 -24.56 -17.26
CA ILE A 279 -6.59 -25.00 -16.20
C ILE A 279 -6.87 -26.44 -15.83
N ASN A 280 -5.84 -27.11 -15.32
CA ASN A 280 -5.95 -28.48 -14.83
C ASN A 280 -6.56 -28.47 -13.43
N LYS A 281 -7.69 -29.15 -13.27
CA LYS A 281 -8.49 -29.08 -12.05
C LYS A 281 -8.46 -30.36 -11.22
N LYS A 282 -7.53 -31.28 -11.52
CA LYS A 282 -7.53 -32.58 -10.86
C LYS A 282 -7.31 -32.47 -9.36
N LYS A 283 -6.34 -31.65 -8.96
CA LYS A 283 -6.07 -31.47 -7.53
C LYS A 283 -7.24 -30.81 -6.82
N ALA A 284 -7.90 -29.86 -7.49
CA ALA A 284 -9.09 -29.24 -6.91
C ALA A 284 -10.22 -30.25 -6.77
N TYR A 285 -10.39 -31.14 -7.76
CA TYR A 285 -11.40 -32.18 -7.64
C TYR A 285 -11.13 -33.07 -6.44
N GLU A 286 -9.87 -33.48 -6.26
CA GLU A 286 -9.52 -34.30 -5.10
C GLU A 286 -9.79 -33.56 -3.80
N MET A 287 -9.39 -32.29 -3.73
CA MET A 287 -9.58 -31.49 -2.53
C MET A 287 -11.06 -31.35 -2.19
N ILE A 288 -11.89 -31.11 -3.21
CA ILE A 288 -13.33 -30.91 -2.98
C ILE A 288 -13.99 -32.20 -2.56
N GLU A 289 -13.63 -33.32 -3.21
CA GLU A 289 -14.21 -34.60 -2.82
C GLU A 289 -13.78 -34.99 -1.41
N GLN A 290 -12.63 -34.50 -0.96
CA GLN A 290 -12.17 -34.79 0.39
C GLN A 290 -13.18 -34.38 1.45
N PHE A 291 -13.98 -33.35 1.20
CA PHE A 291 -14.89 -32.79 2.20
C PHE A 291 -16.26 -32.52 1.60
N ASN A 292 -16.80 -33.49 0.86
CA ASN A 292 -18.09 -33.29 0.21
C ASN A 292 -19.27 -33.74 1.08
N THR A 293 -19.01 -34.28 2.27
CA THR A 293 -20.07 -34.63 3.21
C THR A 293 -19.75 -34.04 4.57
N VAL A 294 -20.82 -33.86 5.37
CA VAL A 294 -20.66 -33.31 6.71
C VAL A 294 -19.89 -34.26 7.62
N GLU A 295 -19.99 -35.57 7.39
CA GLU A 295 -19.28 -36.54 8.22
C GLU A 295 -17.77 -36.37 8.11
N LYS A 296 -17.26 -36.18 6.89
CA LYS A 296 -15.83 -35.98 6.71
C LYS A 296 -15.36 -34.68 7.38
N VAL A 297 -16.17 -33.63 7.29
CA VAL A 297 -15.84 -32.38 7.96
C VAL A 297 -15.79 -32.58 9.46
N ASP A 298 -16.71 -33.37 10.00
CA ASP A 298 -16.72 -33.64 11.44
C ASP A 298 -15.49 -34.44 11.85
N LYS A 299 -15.09 -35.41 11.04
CA LYS A 299 -13.87 -36.16 11.32
C LYS A 299 -12.65 -35.24 11.35
N ALA A 300 -12.54 -34.35 10.37
CA ALA A 300 -11.41 -33.42 10.33
C ALA A 300 -11.44 -32.47 11.52
N PHE A 301 -12.64 -32.02 11.91
CA PHE A 301 -12.79 -31.14 13.06
C PHE A 301 -12.33 -31.83 14.35
N GLU A 302 -12.73 -33.10 14.52
CA GLU A 302 -12.30 -33.85 15.69
C GLU A 302 -10.79 -34.06 15.70
N GLU A 303 -10.20 -34.31 14.53
CA GLU A 303 -8.75 -34.47 14.46
C GLU A 303 -8.02 -33.18 14.82
N LEU A 304 -8.53 -32.04 14.35
CA LEU A 304 -7.94 -30.75 14.75
C LEU A 304 -8.05 -30.55 16.25
N LYS A 305 -9.19 -30.92 16.83
CA LYS A 305 -9.36 -30.81 18.27
C LYS A 305 -8.33 -31.67 19.02
N SER A 306 -8.12 -32.90 18.56
CA SER A 306 -7.12 -33.77 19.19
C SER A 306 -5.72 -33.19 19.07
N TYR A 307 -5.40 -32.64 17.89
CA TYR A 307 -4.09 -32.03 17.69
C TYR A 307 -3.84 -30.89 18.67
N TRP A 308 -4.83 -30.00 18.83
CA TRP A 308 -4.65 -28.89 19.75
C TRP A 308 -4.63 -29.35 21.21
N ASN A 309 -5.42 -30.38 21.55
CA ASN A 309 -5.40 -30.90 22.90
C ASN A 309 -4.04 -31.51 23.24
N ALA A 310 -3.44 -32.22 22.29
CA ALA A 310 -2.10 -32.75 22.50
C ALA A 310 -1.08 -31.64 22.63
N LEU A 311 -1.27 -30.56 21.86
CA LEU A 311 -0.35 -29.43 21.97
C LEU A 311 -0.43 -28.76 23.34
N LEU A 312 -1.62 -28.73 23.94
CA LEU A 312 -1.79 -28.01 25.21
C LEU A 312 -1.57 -28.87 26.46
N SER A 313 -1.27 -30.16 26.31
CA SER A 313 -1.34 -31.09 27.43
C SER A 313 -0.04 -31.24 28.21
N LYS A 314 1.02 -30.49 27.87
CA LYS A 314 2.30 -30.68 28.53
C LYS A 314 2.43 -29.93 29.85
N TYR A 315 1.56 -28.95 30.10
CA TYR A 315 1.59 -28.19 31.35
C TYR A 315 0.14 -27.97 31.78
N PHE A 316 -0.26 -28.57 32.89
CA PHE A 316 -1.64 -28.48 33.35
C PHE A 316 -1.68 -28.04 34.81
N LEU A 317 -2.37 -26.94 35.08
CA LEU A 317 -2.45 -26.37 36.41
C LEU A 317 -3.81 -26.62 37.03
N GLU A 318 -3.82 -27.06 38.29
CA GLU A 318 -5.03 -27.13 39.11
C GLU A 318 -4.79 -26.25 40.33
N SER A 319 -5.48 -25.11 40.37
CA SER A 319 -5.41 -24.19 41.50
C SER A 319 -6.83 -23.76 41.86
N HIS A 320 -6.92 -22.88 42.84
CA HIS A 320 -8.20 -22.33 43.28
C HIS A 320 -8.70 -21.21 42.40
N ASP A 321 -7.88 -20.72 41.47
CA ASP A 321 -8.19 -19.57 40.63
C ASP A 321 -8.55 -20.06 39.24
N GLU A 322 -9.81 -19.88 38.85
CA GLU A 322 -10.26 -20.36 37.56
C GLU A 322 -9.74 -19.48 36.42
N LYS A 323 -9.52 -18.19 36.69
CA LYS A 323 -8.92 -17.32 35.68
C LYS A 323 -7.48 -17.70 35.42
N LEU A 324 -6.72 -17.95 36.48
CA LEU A 324 -5.35 -18.44 36.33
C LEU A 324 -5.34 -19.79 35.62
N ASN A 325 -6.27 -20.68 35.96
CA ASN A 325 -6.33 -21.97 35.30
C ASN A 325 -6.58 -21.83 33.80
N ARG A 326 -7.51 -20.96 33.42
CA ARG A 326 -7.80 -20.82 32.00
C ARG A 326 -6.69 -20.09 31.26
N MET A 327 -5.97 -19.19 31.91
CA MET A 327 -4.83 -18.56 31.27
C MET A 327 -3.70 -19.56 31.04
N VAL A 328 -3.35 -20.32 32.08
CA VAL A 328 -2.19 -21.20 31.99
C VAL A 328 -2.48 -22.41 31.11
N ASN A 329 -3.67 -22.99 31.23
CA ASN A 329 -3.94 -24.25 30.56
C ASN A 329 -4.36 -24.07 29.11
N ILE A 330 -4.97 -22.96 28.75
CA ILE A 330 -5.55 -22.86 27.40
C ILE A 330 -4.95 -21.72 26.60
N TRP A 331 -5.15 -20.48 27.08
CA TRP A 331 -5.04 -19.33 26.18
C TRP A 331 -3.60 -18.87 25.99
N ASN A 332 -2.77 -18.91 27.04
CA ASN A 332 -1.37 -18.52 26.90
C ASN A 332 -0.62 -19.46 25.96
N GLN A 333 -0.80 -20.77 26.15
CA GLN A 333 -0.11 -21.74 25.31
C GLN A 333 -0.64 -21.69 23.87
N TYR A 334 -1.95 -21.48 23.72
CA TYR A 334 -2.51 -21.31 22.39
C TYR A 334 -1.92 -20.10 21.68
N GLN A 335 -1.82 -18.97 22.38
CA GLN A 335 -1.25 -17.79 21.76
C GLN A 335 0.23 -18.00 21.42
N CYS A 336 0.97 -18.72 22.26
CA CYS A 336 2.36 -19.00 21.95
C CYS A 336 2.49 -19.85 20.68
N MET A 337 1.66 -20.88 20.54
CA MET A 337 1.68 -21.70 19.34
C MET A 337 1.30 -20.88 18.10
N VAL A 338 0.27 -20.03 18.23
CA VAL A 338 -0.15 -19.21 17.10
C VAL A 338 0.95 -18.23 16.71
N THR A 339 1.64 -17.67 17.70
CA THR A 339 2.73 -16.75 17.42
C THR A 339 3.90 -17.46 16.73
N PHE A 340 4.14 -18.74 17.05
CA PHE A 340 5.13 -19.49 16.30
C PHE A 340 4.66 -19.75 14.87
N ASN A 341 3.37 -20.03 14.69
CA ASN A 341 2.87 -20.34 13.35
C ASN A 341 2.82 -19.11 12.45
N MET A 342 2.55 -17.93 13.02
CA MET A 342 2.26 -16.74 12.24
C MET A 342 3.41 -15.74 12.18
N SER A 343 4.43 -15.89 13.02
CA SER A 343 5.55 -14.93 13.13
C SER A 343 4.94 -13.57 13.44
N ARG A 344 5.25 -12.52 12.68
CA ARG A 344 4.66 -11.20 12.85
C ARG A 344 4.03 -10.71 11.56
N SER A 345 3.50 -11.62 10.76
CA SER A 345 3.10 -11.29 9.39
C SER A 345 1.78 -10.53 9.34
N ALA A 346 0.69 -11.16 9.77
CA ALA A 346 -0.65 -10.61 9.53
C ALA A 346 -1.47 -10.61 10.82
N SER A 347 -1.98 -9.42 11.17
CA SER A 347 -2.98 -9.26 12.21
C SER A 347 -3.94 -8.18 11.73
N TYR A 348 -4.76 -7.65 12.63
CA TYR A 348 -5.54 -6.46 12.30
C TYR A 348 -4.76 -5.19 12.57
N PHE A 349 -3.51 -5.31 13.00
CA PHE A 349 -2.61 -4.18 13.14
C PHE A 349 -1.35 -4.33 12.30
N GLU A 350 -0.91 -5.56 12.04
CA GLU A 350 0.15 -5.83 11.07
C GLU A 350 -0.49 -6.12 9.73
N SER A 351 -0.18 -5.31 8.72
CA SER A 351 -0.93 -5.31 7.47
C SER A 351 -0.52 -6.40 6.50
N GLY A 352 0.45 -7.23 6.85
CA GLY A 352 0.81 -8.35 6.00
C GLY A 352 1.74 -8.05 4.85
N ILE A 353 2.36 -6.86 4.82
CA ILE A 353 3.27 -6.48 3.75
C ILE A 353 4.73 -6.61 4.17
N GLY A 354 4.99 -6.97 5.42
CA GLY A 354 6.36 -7.10 5.88
C GLY A 354 7.04 -8.33 5.30
N ARG A 355 8.35 -8.39 5.52
CA ARG A 355 9.17 -9.48 4.99
C ARG A 355 9.62 -10.48 6.04
N GLY A 356 9.52 -10.16 7.32
CA GLY A 356 9.93 -11.09 8.34
C GLY A 356 9.70 -10.54 9.72
N MET A 357 10.28 -11.23 10.70
CA MET A 357 10.16 -10.88 12.11
C MET A 357 11.55 -10.60 12.67
N GLY A 358 11.58 -10.06 13.89
CA GLY A 358 12.84 -9.79 14.54
C GLY A 358 13.58 -11.07 14.90
N PHE A 359 14.90 -11.02 14.77
CA PHE A 359 15.75 -12.13 15.22
C PHE A 359 15.57 -12.37 16.71
N ARG A 360 15.57 -11.30 17.51
CA ARG A 360 15.36 -11.43 18.94
C ARG A 360 13.96 -11.95 19.26
N ASP A 361 12.96 -11.52 18.49
CA ASP A 361 11.60 -12.00 18.72
C ASP A 361 11.49 -13.49 18.41
N SER A 362 12.14 -13.92 17.33
CA SER A 362 12.17 -15.35 17.02
C SER A 362 12.83 -16.14 18.12
N ASN A 363 13.92 -15.64 18.69
CA ASN A 363 14.55 -16.33 19.80
C ASN A 363 13.67 -16.34 21.05
N GLN A 364 12.99 -15.22 21.32
CA GLN A 364 12.23 -15.11 22.56
C GLN A 364 10.95 -15.94 22.54
N ASP A 365 10.30 -16.08 21.38
CA ASP A 365 9.11 -16.93 21.29
C ASP A 365 9.43 -18.38 21.64
N LEU A 366 10.65 -18.83 21.33
CA LEU A 366 11.05 -20.20 21.60
C LEU A 366 10.90 -20.53 23.08
N LEU A 367 11.23 -19.59 23.96
CA LEU A 367 11.06 -19.82 25.39
C LEU A 367 9.61 -20.15 25.72
N GLY A 368 8.68 -19.51 25.01
CA GLY A 368 7.27 -19.81 25.22
C GLY A 368 6.86 -21.17 24.69
N PHE A 369 7.29 -21.52 23.48
CA PHE A 369 6.74 -22.72 22.85
C PHE A 369 7.66 -23.94 22.90
N VAL A 370 8.81 -23.88 23.58
CA VAL A 370 9.75 -24.98 23.52
C VAL A 370 9.20 -26.24 24.18
N HIS A 371 8.39 -26.09 25.23
CA HIS A 371 7.83 -27.26 25.90
C HIS A 371 6.74 -27.96 25.10
N GLN A 372 6.20 -27.31 24.07
CA GLN A 372 5.14 -27.89 23.26
C GLN A 372 5.64 -28.55 21.99
N ILE A 373 6.63 -27.96 21.32
CA ILE A 373 7.14 -28.50 20.06
C ILE A 373 8.67 -28.52 20.10
N PRO A 374 9.29 -29.44 20.84
CA PRO A 374 10.76 -29.41 20.97
C PRO A 374 11.53 -29.60 19.67
N GLU A 375 11.07 -30.49 18.79
CA GLU A 375 11.83 -30.77 17.56
C GLU A 375 11.80 -29.58 16.61
N ARG A 376 10.62 -28.97 16.45
CA ARG A 376 10.52 -27.77 15.63
C ARG A 376 11.32 -26.63 16.23
N ALA A 377 11.37 -26.55 17.57
CA ALA A 377 12.20 -25.54 18.22
C ALA A 377 13.67 -25.74 17.91
N ARG A 378 14.13 -27.00 17.92
CA ARG A 378 15.52 -27.29 17.59
C ARG A 378 15.83 -26.90 16.15
N GLU A 379 14.93 -27.23 15.24
CA GLU A 379 15.13 -26.86 13.84
C GLU A 379 15.16 -25.35 13.67
N ARG A 380 14.28 -24.64 14.36
CA ARG A 380 14.25 -23.18 14.30
C ARG A 380 15.54 -22.58 14.86
N LEU A 381 16.06 -23.15 15.95
CA LEU A 381 17.31 -22.66 16.51
C LEU A 381 18.46 -22.81 15.51
N LEU A 382 18.55 -23.98 14.86
CA LEU A 382 19.60 -24.18 13.87
C LEU A 382 19.44 -23.22 12.69
N ASP A 383 18.20 -23.01 12.24
CA ASP A 383 17.98 -22.07 11.14
C ASP A 383 18.38 -20.65 11.50
N LEU A 384 18.05 -20.22 12.73
CA LEU A 384 18.43 -18.88 13.17
C LEU A 384 19.94 -18.75 13.27
N ALA A 385 20.61 -19.78 13.79
CA ALA A 385 22.06 -19.71 13.92
C ALA A 385 22.74 -19.69 12.56
N ALA A 386 22.13 -20.31 11.55
CA ALA A 386 22.74 -20.35 10.22
C ALA A 386 22.88 -18.96 9.58
N THR A 387 22.07 -17.99 10.01
CA THR A 387 22.12 -16.66 9.44
C THR A 387 23.11 -15.75 10.15
N GLN A 388 23.74 -16.21 11.22
CA GLN A 388 24.65 -15.37 11.99
C GLN A 388 25.92 -15.07 11.20
N LEU A 389 26.45 -13.87 11.39
CA LEU A 389 27.69 -13.45 10.75
C LEU A 389 28.89 -14.02 11.49
N GLU A 390 30.05 -13.98 10.83
CA GLU A 390 31.26 -14.59 11.38
C GLU A 390 31.71 -13.90 12.66
N ASP A 391 31.57 -12.57 12.73
CA ASP A 391 31.99 -11.83 13.91
C ASP A 391 31.07 -12.04 15.11
N GLY A 392 29.95 -12.74 14.93
CA GLY A 392 29.02 -13.01 16.00
C GLY A 392 27.79 -12.12 16.00
N SER A 393 27.75 -11.11 15.14
CA SER A 393 26.57 -10.27 15.04
C SER A 393 25.47 -10.98 14.23
N ALA A 394 24.27 -10.42 14.27
CA ALA A 394 23.12 -11.03 13.65
C ALA A 394 22.39 -10.01 12.79
N TYR A 395 21.70 -10.52 11.76
CA TYR A 395 20.77 -9.69 11.01
C TYR A 395 19.56 -9.38 11.87
N HIS A 396 19.17 -8.12 11.90
CA HIS A 396 18.10 -7.68 12.79
C HIS A 396 16.78 -8.37 12.45
N GLN A 397 16.51 -8.58 11.17
CA GLN A 397 15.27 -9.19 10.72
C GLN A 397 15.54 -10.57 10.17
N TYR A 398 14.88 -11.57 10.74
CA TYR A 398 14.91 -12.93 10.24
C TYR A 398 13.67 -13.19 9.39
N GLN A 399 13.85 -13.91 8.29
CA GLN A 399 12.74 -14.24 7.41
C GLN A 399 12.51 -15.75 7.45
N PRO A 400 11.52 -16.23 8.20
CA PRO A 400 11.30 -17.68 8.30
C PRO A 400 10.88 -18.34 7.00
N LEU A 401 10.34 -17.58 6.04
CA LEU A 401 9.93 -18.18 4.78
C LEU A 401 11.13 -18.59 3.94
N THR A 402 12.16 -17.73 3.87
CA THR A 402 13.37 -18.04 3.13
C THR A 402 14.50 -18.54 4.03
N LYS A 403 14.31 -18.52 5.35
CA LYS A 403 15.33 -18.92 6.32
C LYS A 403 16.62 -18.12 6.13
N LYS A 404 16.47 -16.81 5.96
CA LYS A 404 17.60 -15.93 5.70
C LYS A 404 17.38 -14.60 6.41
N GLY A 405 18.47 -13.85 6.58
CA GLY A 405 18.39 -12.54 7.16
C GLY A 405 18.24 -11.43 6.12
N ASN A 406 17.66 -10.33 6.56
CA ASN A 406 17.42 -9.18 5.68
C ASN A 406 18.70 -8.36 5.58
N ASN A 407 19.33 -8.38 4.39
CA ASN A 407 20.56 -7.62 4.20
C ASN A 407 20.28 -6.12 4.13
N GLU A 408 19.10 -5.73 3.65
CA GLU A 408 18.77 -4.31 3.58
C GLU A 408 18.68 -3.68 4.96
N ILE A 409 18.07 -4.38 5.92
CA ILE A 409 18.01 -3.87 7.28
C ILE A 409 19.38 -3.92 7.94
N GLY A 410 20.07 -5.04 7.81
CA GLY A 410 21.43 -5.15 8.32
C GLY A 410 21.58 -5.64 9.74
N SER A 411 22.51 -5.03 10.47
CA SER A 411 22.98 -5.52 11.77
C SER A 411 23.16 -4.31 12.68
N ASN A 412 23.97 -4.49 13.73
CA ASN A 412 24.37 -3.47 14.69
C ASN A 412 23.30 -3.19 15.74
N PHE A 413 22.42 -4.15 16.01
CA PHE A 413 21.56 -4.13 17.18
C PHE A 413 22.24 -5.07 18.18
N ASN A 414 22.92 -4.49 19.17
CA ASN A 414 23.97 -5.19 19.88
C ASN A 414 23.46 -6.13 20.96
N ASP A 415 22.16 -6.18 21.23
CA ASP A 415 21.59 -7.16 22.12
C ASP A 415 21.20 -8.45 21.41
N ASP A 416 21.12 -8.43 20.08
CA ASP A 416 20.58 -9.56 19.32
C ASP A 416 21.34 -10.88 19.53
N PRO A 417 22.68 -10.92 19.52
CA PRO A 417 23.35 -12.23 19.65
C PRO A 417 23.08 -12.96 20.95
N LEU A 418 22.86 -12.25 22.06
CA LEU A 418 22.68 -12.91 23.35
C LEU A 418 21.39 -13.73 23.41
N TRP A 419 20.37 -13.28 22.67
CA TRP A 419 19.11 -14.01 22.66
C TRP A 419 19.27 -15.41 22.10
N LEU A 420 20.20 -15.60 21.17
CA LEU A 420 20.45 -16.94 20.64
C LEU A 420 20.98 -17.87 21.73
N ILE A 421 21.90 -17.38 22.55
CA ILE A 421 22.41 -18.18 23.67
C ILE A 421 21.28 -18.49 24.64
N LEU A 422 20.45 -17.49 24.95
CA LEU A 422 19.35 -17.72 25.89
C LEU A 422 18.38 -18.77 25.37
N ALA A 423 18.02 -18.71 24.09
CA ALA A 423 17.09 -19.66 23.50
C ALA A 423 17.69 -21.06 23.42
N THR A 424 18.97 -21.17 23.06
CA THR A 424 19.62 -22.48 23.02
C THR A 424 19.67 -23.10 24.41
N ALA A 425 19.99 -22.29 25.43
CA ALA A 425 20.00 -22.80 26.79
C ALA A 425 18.62 -23.25 27.22
N ALA A 426 17.58 -22.50 26.86
CA ALA A 426 16.22 -22.91 27.18
C ALA A 426 15.88 -24.25 26.51
N TYR A 427 16.26 -24.41 25.25
CA TYR A 427 16.01 -25.68 24.57
C TYR A 427 16.72 -26.84 25.25
N ILE A 428 17.98 -26.65 25.61
CA ILE A 428 18.74 -27.73 26.24
C ILE A 428 18.15 -28.07 27.61
N LYS A 429 17.79 -27.05 28.39
CA LYS A 429 17.21 -27.31 29.70
C LYS A 429 15.86 -28.00 29.59
N GLU A 430 15.09 -27.70 28.54
CA GLU A 430 13.82 -28.38 28.34
C GLU A 430 14.02 -29.84 27.93
N THR A 431 14.88 -30.09 26.95
CA THR A 431 14.98 -31.42 26.37
C THR A 431 16.12 -32.25 26.94
N GLY A 432 17.17 -31.64 27.47
CA GLY A 432 18.34 -32.38 27.85
C GLY A 432 19.20 -32.82 26.68
N ASP A 433 18.91 -32.33 25.48
CA ASP A 433 19.60 -32.75 24.27
C ASP A 433 20.79 -31.83 24.04
N TYR A 434 21.98 -32.28 24.44
CA TYR A 434 23.19 -31.50 24.24
C TYR A 434 23.76 -31.64 22.84
N SER A 435 23.30 -32.63 22.06
CA SER A 435 23.86 -32.88 20.74
C SER A 435 23.70 -31.68 19.81
N ILE A 436 22.71 -30.82 20.07
CA ILE A 436 22.54 -29.63 19.24
C ILE A 436 23.79 -28.76 19.25
N LEU A 437 24.61 -28.87 20.30
CA LEU A 437 25.83 -28.07 20.38
C LEU A 437 26.87 -28.52 19.37
N LYS A 438 26.82 -29.79 18.94
CA LYS A 438 27.82 -30.33 18.04
C LYS A 438 27.39 -30.31 16.58
N GLU A 439 26.22 -29.78 16.27
CA GLU A 439 25.78 -29.68 14.89
C GLU A 439 26.64 -28.69 14.12
N GLN A 440 26.86 -28.98 12.84
CA GLN A 440 27.60 -28.09 11.95
C GLN A 440 26.63 -27.08 11.37
N VAL A 441 26.82 -25.82 11.74
CA VAL A 441 25.96 -24.71 11.33
C VAL A 441 26.81 -23.75 10.51
N PRO A 442 26.35 -23.32 9.34
CA PRO A 442 27.09 -22.34 8.55
C PRO A 442 26.98 -20.94 9.15
N PHE A 443 27.86 -20.06 8.68
CA PHE A 443 27.81 -18.64 9.01
C PHE A 443 27.37 -17.88 7.76
N ASN A 444 26.43 -16.96 7.94
CA ASN A 444 25.88 -16.16 6.84
C ASN A 444 25.27 -17.05 5.75
N ASN A 445 24.69 -18.18 6.16
CA ASN A 445 24.12 -19.16 5.23
C ASN A 445 25.14 -19.65 4.22
N ASP A 446 26.40 -19.76 4.63
CA ASP A 446 27.50 -20.17 3.75
C ASP A 446 28.05 -21.50 4.22
N PRO A 447 27.77 -22.61 3.53
CA PRO A 447 28.24 -23.92 4.01
C PRO A 447 29.75 -24.04 4.08
N SER A 448 30.49 -23.27 3.27
CA SER A 448 31.94 -23.37 3.28
C SER A 448 32.52 -22.97 4.64
N LYS A 449 31.98 -21.92 5.25
CA LYS A 449 32.41 -21.49 6.58
C LYS A 449 31.36 -21.90 7.60
N ALA A 450 31.46 -23.15 8.05
CA ALA A 450 30.56 -23.72 9.04
C ALA A 450 31.35 -24.20 10.23
N ASP A 451 30.76 -24.05 11.42
CA ASP A 451 31.39 -24.49 12.66
C ASP A 451 30.31 -25.08 13.56
N THR A 452 30.69 -25.46 14.78
CA THR A 452 29.69 -26.00 15.69
C THR A 452 28.72 -24.91 16.15
N MET A 453 27.57 -25.35 16.66
CA MET A 453 26.62 -24.43 17.25
C MET A 453 27.20 -23.76 18.49
N PHE A 454 27.98 -24.51 19.27
CA PHE A 454 28.65 -23.94 20.42
C PHE A 454 29.62 -22.84 20.01
N GLU A 455 30.27 -22.98 18.85
CA GLU A 455 31.10 -21.91 18.34
C GLU A 455 30.27 -20.67 18.01
N HIS A 456 29.07 -20.86 17.47
CA HIS A 456 28.16 -19.74 17.26
C HIS A 456 27.84 -19.02 18.56
N LEU A 457 27.56 -19.78 19.62
CA LEU A 457 27.31 -19.18 20.93
C LEU A 457 28.54 -18.45 21.45
N THR A 458 29.72 -19.01 21.20
CA THR A 458 30.97 -18.36 21.61
C THR A 458 31.13 -17.01 20.91
N ARG A 459 30.87 -16.96 19.61
CA ARG A 459 30.95 -15.70 18.89
C ARG A 459 29.91 -14.71 19.40
N SER A 460 28.73 -15.21 19.76
CA SER A 460 27.71 -14.33 20.33
C SER A 460 28.17 -13.72 21.65
N PHE A 461 28.79 -14.52 22.50
CA PHE A 461 29.31 -14.04 23.79
C PHE A 461 30.43 -13.01 23.58
N TYR A 462 31.36 -13.32 22.69
CA TYR A 462 32.51 -12.44 22.55
C TYR A 462 32.23 -11.25 21.63
N HIS A 463 31.10 -11.22 20.94
CA HIS A 463 30.67 -9.98 20.30
C HIS A 463 30.37 -8.91 21.35
N VAL A 464 29.71 -9.30 22.44
CA VAL A 464 29.52 -8.37 23.55
C VAL A 464 30.85 -8.09 24.23
N VAL A 465 31.66 -9.13 24.44
CA VAL A 465 32.94 -8.93 25.10
C VAL A 465 33.80 -7.91 24.37
N ASN A 466 33.79 -7.94 23.03
CA ASN A 466 34.71 -7.13 22.26
C ASN A 466 34.18 -5.72 21.99
N ASN A 467 32.87 -5.52 22.01
CA ASN A 467 32.28 -4.21 21.80
C ASN A 467 31.86 -3.57 23.12
N LEU A 468 32.85 -3.28 23.95
CA LEU A 468 32.62 -2.58 25.21
C LEU A 468 32.90 -1.09 25.07
N GLY A 469 32.24 -0.30 25.90
CA GLY A 469 32.34 1.14 25.84
C GLY A 469 33.31 1.72 26.84
N PRO A 470 33.30 3.05 26.99
CA PRO A 470 34.24 3.72 27.91
C PRO A 470 34.12 3.28 29.36
N HIS A 471 32.92 2.95 29.82
CA HIS A 471 32.72 2.52 31.20
C HIS A 471 32.81 1.01 31.38
N GLY A 472 33.09 0.27 30.32
CA GLY A 472 33.07 -1.17 30.37
C GLY A 472 31.72 -1.81 30.13
N LEU A 473 30.69 -1.01 29.89
CA LEU A 473 29.36 -1.50 29.55
C LEU A 473 29.27 -1.71 28.04
N PRO A 474 28.38 -2.60 27.60
CA PRO A 474 28.28 -2.89 26.16
C PRO A 474 27.85 -1.67 25.36
N LEU A 475 28.45 -1.51 24.18
CA LEU A 475 28.02 -0.48 23.25
C LEU A 475 26.65 -0.82 22.70
N ILE A 476 25.75 0.18 22.69
CA ILE A 476 24.37 -0.10 22.29
C ILE A 476 24.25 -0.27 20.78
N GLY A 477 25.03 0.46 19.99
CA GLY A 477 24.91 0.35 18.54
C GLY A 477 23.68 1.06 18.04
N ARG A 478 23.02 0.47 17.04
CA ARG A 478 21.80 1.05 16.49
C ARG A 478 20.70 1.11 17.55
N ALA A 479 20.54 0.04 18.32
CA ALA A 479 19.59 -0.03 19.42
C ALA A 479 19.82 -1.34 20.16
N ASP A 480 19.04 -1.54 21.23
CA ASP A 480 18.99 -2.78 21.98
C ASP A 480 17.54 -3.23 21.96
N TRP A 481 17.14 -4.14 22.86
CA TRP A 481 15.76 -4.64 22.90
C TRP A 481 14.74 -3.54 22.64
N ASN A 482 14.94 -2.37 23.24
CA ASN A 482 14.12 -1.20 22.95
C ASN A 482 14.56 -0.65 21.59
N ASP A 483 13.75 -0.91 20.56
CA ASP A 483 14.10 -0.50 19.20
C ASP A 483 13.96 1.00 18.98
N CYS A 484 13.36 1.73 19.91
CA CYS A 484 13.16 3.16 19.76
C CYS A 484 14.17 3.98 20.55
N LEU A 485 15.13 3.34 21.21
CA LEU A 485 16.23 4.04 21.87
C LEU A 485 17.40 4.06 20.90
N ASN A 486 17.48 5.12 20.11
CA ASN A 486 18.48 5.25 19.05
C ASN A 486 19.42 6.38 19.43
N LEU A 487 20.55 6.04 20.03
CA LEU A 487 21.49 7.02 20.55
C LEU A 487 22.57 7.38 19.54
N ASN A 488 22.55 6.82 18.35
CA ASN A 488 23.52 7.16 17.30
C ASN A 488 22.83 7.69 16.04
N CYS A 489 21.57 8.08 16.14
CA CYS A 489 20.80 8.47 14.95
C CYS A 489 20.90 9.97 14.66
N PHE A 490 20.44 10.80 15.59
CA PHE A 490 20.43 12.26 15.44
C PHE A 490 19.81 12.68 14.10
N SER A 491 18.54 12.34 13.92
CA SER A 491 17.85 12.55 12.66
C SER A 491 17.00 13.82 12.73
N THR A 492 17.09 14.64 11.67
CA THR A 492 16.25 15.82 11.53
C THR A 492 15.29 15.75 10.35
N VAL A 493 15.37 14.71 9.54
CA VAL A 493 14.63 14.62 8.28
C VAL A 493 13.46 13.66 8.46
N PRO A 494 12.23 14.06 8.09
CA PRO A 494 11.05 13.27 8.46
C PRO A 494 11.04 11.82 7.96
N ASP A 495 11.60 11.53 6.80
CA ASP A 495 11.31 10.26 6.14
C ASP A 495 12.37 9.18 6.35
N GLU A 496 13.41 9.43 7.14
CA GLU A 496 14.45 8.42 7.32
C GLU A 496 14.16 7.54 8.53
N SER A 497 14.55 6.28 8.42
CA SER A 497 14.31 5.33 9.50
C SER A 497 15.18 5.64 10.71
N PHE A 498 14.57 5.56 11.90
CA PHE A 498 15.33 5.79 13.13
C PHE A 498 16.25 4.63 13.46
N GLN A 499 15.97 3.44 12.95
CA GLN A 499 16.72 2.24 13.32
C GLN A 499 17.91 1.96 12.42
N THR A 500 17.90 2.44 11.18
CA THR A 500 18.97 2.15 10.24
C THR A 500 19.75 3.38 9.81
N THR A 501 19.40 4.57 10.30
CA THR A 501 20.14 5.79 10.02
C THR A 501 21.01 6.11 11.22
N THR A 502 22.32 6.21 11.00
CA THR A 502 23.28 6.47 12.07
C THR A 502 24.25 7.56 11.62
N SER A 503 24.26 8.67 12.34
CA SER A 503 25.18 9.76 12.08
C SER A 503 26.33 9.82 13.08
N LYS A 504 26.47 8.81 13.93
CA LYS A 504 27.55 8.74 14.91
C LYS A 504 28.28 7.42 14.73
N ASP A 505 29.55 7.40 15.18
CA ASP A 505 30.38 6.22 15.02
C ASP A 505 30.00 5.08 15.95
N GLY A 506 29.17 5.34 16.96
CA GLY A 506 28.76 4.30 17.89
C GLY A 506 29.87 3.79 18.79
N LYS A 507 30.73 4.68 19.28
CA LYS A 507 31.83 4.30 20.14
C LYS A 507 31.70 4.84 21.56
N VAL A 508 30.59 5.51 21.89
CA VAL A 508 30.40 6.13 23.19
C VAL A 508 29.15 5.61 23.89
N ALA A 509 28.04 5.53 23.16
CA ALA A 509 26.76 5.22 23.79
C ALA A 509 26.73 3.77 24.28
N GLU A 510 26.39 3.59 25.55
CA GLU A 510 26.37 2.30 26.20
C GLU A 510 24.95 1.94 26.65
N SER A 511 24.72 0.66 26.89
CA SER A 511 23.45 0.17 27.40
C SER A 511 23.71 -0.70 28.62
N VAL A 512 23.06 -0.37 29.75
CA VAL A 512 23.18 -1.24 30.92
C VAL A 512 22.15 -2.35 30.88
N MET A 513 21.11 -2.23 30.05
CA MET A 513 20.21 -3.34 29.82
C MET A 513 20.93 -4.51 29.15
N ILE A 514 21.78 -4.20 28.16
CA ILE A 514 22.60 -5.25 27.55
C ILE A 514 23.58 -5.82 28.57
N ALA A 515 24.07 -4.97 29.48
CA ALA A 515 24.97 -5.46 30.52
C ALA A 515 24.28 -6.46 31.44
N GLY A 516 23.05 -6.16 31.83
CA GLY A 516 22.28 -7.10 32.64
C GLY A 516 21.97 -8.38 31.90
N MET A 517 21.63 -8.27 30.61
CA MET A 517 21.43 -9.47 29.80
C MET A 517 22.71 -10.30 29.72
N PHE A 518 23.86 -9.63 29.56
CA PHE A 518 25.13 -10.33 29.51
C PHE A 518 25.39 -11.10 30.79
N VAL A 519 25.18 -10.46 31.93
CA VAL A 519 25.41 -11.15 33.21
C VAL A 519 24.43 -12.31 33.38
N PHE A 520 23.17 -12.11 32.96
CA PHE A 520 22.15 -13.13 33.16
C PHE A 520 22.38 -14.35 32.27
N ILE A 521 22.79 -14.14 31.02
CA ILE A 521 22.96 -15.24 30.07
C ILE A 521 24.36 -15.85 30.11
N GLY A 522 25.33 -15.13 30.68
CA GLY A 522 26.65 -15.69 30.83
C GLY A 522 26.72 -16.89 31.74
N LYS A 523 25.78 -17.02 32.69
CA LYS A 523 25.72 -18.23 33.50
C LYS A 523 25.46 -19.45 32.62
N ASP A 524 24.49 -19.34 31.71
CA ASP A 524 24.21 -20.44 30.80
C ASP A 524 25.40 -20.70 29.88
N TYR A 525 26.05 -19.63 29.40
CA TYR A 525 27.21 -19.85 28.55
C TYR A 525 28.34 -20.56 29.30
N VAL A 526 28.57 -20.19 30.57
CA VAL A 526 29.61 -20.84 31.36
C VAL A 526 29.26 -22.30 31.61
N LYS A 527 27.99 -22.59 31.88
CA LYS A 527 27.57 -23.98 32.06
C LYS A 527 27.82 -24.80 30.80
N LEU A 528 27.50 -24.23 29.64
CA LEU A 528 27.74 -24.95 28.39
C LEU A 528 29.22 -25.09 28.10
N CYS A 529 30.03 -24.11 28.50
CA CYS A 529 31.48 -24.26 28.41
C CYS A 529 31.97 -25.43 29.26
N GLU A 530 31.41 -25.56 30.48
CA GLU A 530 31.81 -26.66 31.35
C GLU A 530 31.35 -28.00 30.80
N TYR A 531 30.18 -28.05 30.17
CA TYR A 531 29.72 -29.31 29.58
C TYR A 531 30.65 -29.77 28.47
N MET A 532 31.17 -28.84 27.69
CA MET A 532 32.03 -29.17 26.56
C MET A 532 33.44 -29.57 26.98
N GLY A 533 33.77 -29.46 28.27
CA GLY A 533 35.09 -29.81 28.73
C GLY A 533 36.12 -28.72 28.61
N LEU A 534 35.70 -27.47 28.46
CA LEU A 534 36.61 -26.34 28.26
C LEU A 534 36.68 -25.56 29.57
N GLU A 535 37.60 -25.97 30.44
CA GLU A 535 37.70 -25.36 31.76
C GLU A 535 38.28 -23.94 31.67
N GLU A 536 39.32 -23.76 30.86
CA GLU A 536 39.92 -22.44 30.71
C GLU A 536 38.93 -21.46 30.10
N GLU A 537 38.17 -21.91 29.10
CA GLU A 537 37.16 -21.05 28.48
C GLU A 537 36.10 -20.65 29.49
N ALA A 538 35.66 -21.60 30.33
CA ALA A 538 34.68 -21.27 31.36
C ALA A 538 35.23 -20.27 32.36
N ARG A 539 36.50 -20.42 32.76
CA ARG A 539 37.11 -19.48 33.68
C ARG A 539 37.19 -18.08 33.07
N LYS A 540 37.60 -17.99 31.80
CA LYS A 540 37.71 -16.70 31.15
C LYS A 540 36.34 -16.03 30.99
N ALA A 541 35.32 -16.82 30.64
CA ALA A 541 33.97 -16.28 30.54
C ALA A 541 33.48 -15.78 31.89
N GLN A 542 33.76 -16.55 32.96
CA GLN A 542 33.37 -16.10 34.30
C GLN A 542 34.09 -14.82 34.68
N GLN A 543 35.35 -14.68 34.27
CA GLN A 543 36.09 -13.44 34.51
C GLN A 543 35.40 -12.26 33.84
N HIS A 544 34.98 -12.44 32.58
CA HIS A 544 34.29 -11.37 31.88
C HIS A 544 32.95 -11.04 32.53
N ILE A 545 32.23 -12.06 32.99
CA ILE A 545 30.95 -11.83 33.67
C ILE A 545 31.16 -11.04 34.95
N ASP A 546 32.19 -11.39 35.72
CA ASP A 546 32.48 -10.68 36.96
C ASP A 546 32.88 -9.24 36.69
N ALA A 547 33.66 -9.01 35.62
CA ALA A 547 34.02 -7.64 35.24
C ALA A 547 32.78 -6.84 34.87
N MET A 548 31.85 -7.45 34.13
CA MET A 548 30.61 -6.76 33.79
C MET A 548 29.79 -6.45 35.04
N LYS A 549 29.75 -7.37 36.00
CA LYS A 549 29.03 -7.13 37.24
C LYS A 549 29.62 -5.95 38.00
N GLU A 550 30.95 -5.88 38.07
CA GLU A 550 31.60 -4.75 38.73
C GLU A 550 31.32 -3.45 37.97
N ALA A 551 31.32 -3.50 36.64
CA ALA A 551 31.03 -2.32 35.85
C ALA A 551 29.60 -1.83 36.09
N ILE A 552 28.65 -2.76 36.20
CA ILE A 552 27.27 -2.39 36.50
C ILE A 552 27.18 -1.75 37.87
N LEU A 553 27.89 -2.31 38.85
CA LEU A 553 27.83 -1.75 40.21
C LEU A 553 28.47 -0.37 40.26
N LYS A 554 29.52 -0.14 39.48
CA LYS A 554 30.25 1.12 39.58
C LYS A 554 29.63 2.23 38.72
N TYR A 555 29.11 1.89 37.55
CA TYR A 555 28.63 2.89 36.61
C TYR A 555 27.19 2.70 36.16
N GLY A 556 26.51 1.67 36.63
CA GLY A 556 25.16 1.40 36.16
C GLY A 556 24.07 1.58 37.19
N TYR A 557 24.43 2.02 38.39
CA TYR A 557 23.48 2.23 39.47
C TYR A 557 23.39 3.72 39.80
N ASP A 558 22.17 4.23 39.90
CA ASP A 558 21.92 5.65 40.10
C ASP A 558 21.81 6.05 41.57
N GLY A 559 21.62 5.10 42.48
CA GLY A 559 21.47 5.43 43.88
C GLY A 559 20.26 4.78 44.52
N GLU A 560 19.16 4.70 43.77
CA GLU A 560 17.98 3.95 44.18
C GLU A 560 17.43 3.06 43.08
N TRP A 561 17.98 3.11 41.89
CA TRP A 561 17.58 2.22 40.80
C TRP A 561 18.75 2.17 39.82
N PHE A 562 18.67 1.24 38.87
CA PHE A 562 19.71 1.09 37.87
C PHE A 562 19.53 2.09 36.75
N LEU A 563 20.64 2.63 36.26
CA LEU A 563 20.62 3.52 35.11
C LEU A 563 20.15 2.77 33.87
N ARG A 564 19.80 3.53 32.83
CA ARG A 564 19.34 2.92 31.59
C ARG A 564 20.45 2.84 30.54
N ALA A 565 21.19 3.92 30.33
CA ALA A 565 22.15 3.98 29.23
C ALA A 565 23.05 5.20 29.44
N TYR A 566 24.04 5.31 28.56
CA TYR A 566 24.79 6.54 28.32
C TYR A 566 24.61 6.90 26.86
N ASP A 567 24.49 8.19 26.57
CA ASP A 567 24.25 8.62 25.20
C ASP A 567 25.59 8.94 24.53
N ASP A 568 25.52 9.45 23.30
CA ASP A 568 26.73 9.76 22.55
C ASP A 568 27.53 10.89 23.18
N PHE A 569 26.91 11.72 24.01
CA PHE A 569 27.66 12.71 24.78
C PHE A 569 28.29 12.11 26.03
N GLY A 570 28.00 10.86 26.35
CA GLY A 570 28.43 10.28 27.61
C GLY A 570 27.61 10.70 28.80
N ARG A 571 26.36 11.11 28.58
CA ARG A 571 25.48 11.53 29.65
C ARG A 571 24.56 10.38 30.07
N LYS A 572 24.24 10.35 31.36
CA LYS A 572 23.40 9.30 31.90
C LYS A 572 21.98 9.38 31.32
N VAL A 573 21.45 8.23 30.96
CA VAL A 573 20.06 8.07 30.54
C VAL A 573 19.36 7.25 31.61
N GLY A 574 18.22 7.74 32.09
CA GLY A 574 17.54 7.06 33.17
C GLY A 574 18.09 7.39 34.54
N SER A 575 18.46 8.64 34.77
CA SER A 575 19.04 9.09 36.01
C SER A 575 18.12 10.11 36.68
N LYS A 576 18.20 10.19 38.00
CA LYS A 576 17.44 11.20 38.73
C LYS A 576 17.88 12.61 38.37
N GLU A 577 19.08 12.78 37.80
CA GLU A 577 19.52 14.09 37.34
C GLU A 577 18.86 14.51 36.04
N ASN A 578 18.30 13.57 35.28
CA ASN A 578 17.57 13.92 34.07
C ASN A 578 16.25 14.59 34.42
N GLU A 579 15.82 15.50 33.55
CA GLU A 579 14.54 16.18 33.76
C GLU A 579 13.36 15.24 33.50
N GLU A 580 13.41 14.50 32.39
CA GLU A 580 12.40 13.53 32.04
C GLU A 580 13.07 12.20 31.77
N GLY A 581 12.34 11.11 32.01
CA GLY A 581 12.90 9.78 31.92
C GLY A 581 13.92 9.50 33.00
N LYS A 582 13.56 9.75 34.27
CA LYS A 582 14.47 9.54 35.38
C LYS A 582 14.70 8.07 35.68
N ILE A 583 13.80 7.18 35.27
CA ILE A 583 13.93 5.76 35.57
C ILE A 583 13.24 4.98 34.46
N PHE A 584 13.95 3.98 33.92
CA PHE A 584 13.41 3.06 32.94
C PHE A 584 13.17 1.71 33.59
N ILE A 585 12.46 0.83 32.88
CA ILE A 585 12.03 -0.43 33.44
C ILE A 585 12.90 -1.61 33.03
N GLU A 586 13.52 -1.58 31.85
CA GLU A 586 14.23 -2.75 31.34
C GLU A 586 15.46 -3.09 32.19
N SER A 587 16.23 -2.06 32.55
CA SER A 587 17.46 -2.27 33.30
C SER A 587 17.16 -2.88 34.67
N GLN A 588 16.13 -2.40 35.35
CA GLN A 588 15.78 -2.95 36.66
C GLN A 588 15.49 -4.45 36.57
N GLY A 589 14.62 -4.83 35.64
CA GLY A 589 14.26 -6.22 35.52
C GLY A 589 15.44 -7.11 35.20
N PHE A 590 16.24 -6.73 34.20
CA PHE A 590 17.31 -7.63 33.81
C PHE A 590 18.49 -7.60 34.78
N CYS A 591 18.70 -6.51 35.50
CA CYS A 591 19.77 -6.48 36.50
C CYS A 591 19.40 -7.27 37.74
N VAL A 592 18.14 -7.18 38.19
CA VAL A 592 17.74 -7.97 39.34
C VAL A 592 17.66 -9.44 38.98
N MET A 593 17.21 -9.76 37.77
CA MET A 593 17.20 -11.15 37.33
C MET A 593 18.60 -11.74 37.27
N ALA A 594 19.62 -10.91 37.07
CA ALA A 594 21.01 -11.32 37.07
C ALA A 594 21.59 -11.40 38.48
N GLU A 595 20.77 -11.18 39.51
CA GLU A 595 21.15 -11.27 40.92
C GLU A 595 22.11 -10.19 41.35
N ILE A 596 22.10 -9.03 40.69
CA ILE A 596 22.96 -7.93 41.08
C ILE A 596 22.24 -7.08 42.12
N GLY A 597 22.91 -6.83 43.25
CA GLY A 597 22.34 -6.03 44.30
C GLY A 597 21.49 -6.79 45.30
N LEU A 598 21.61 -8.12 45.35
CA LEU A 598 20.76 -8.93 46.21
C LEU A 598 21.17 -8.83 47.68
N GLU A 599 22.46 -8.69 47.95
CA GLU A 599 22.94 -8.71 49.33
C GLU A 599 23.01 -7.32 49.95
N ASP A 600 23.26 -6.28 49.17
CA ASP A 600 23.37 -4.92 49.68
C ASP A 600 22.06 -4.14 49.65
N GLY A 601 20.97 -4.76 49.19
CA GLY A 601 19.69 -4.09 49.15
C GLY A 601 19.45 -3.21 47.95
N LYS A 602 20.33 -3.25 46.94
CA LYS A 602 20.14 -2.42 45.76
C LYS A 602 18.98 -2.92 44.90
N ALA A 603 18.85 -4.24 44.77
CA ALA A 603 17.76 -4.80 43.96
C ALA A 603 16.39 -4.47 44.57
N LEU A 604 16.27 -4.60 45.89
CA LEU A 604 15.02 -4.28 46.56
C LEU A 604 14.70 -2.79 46.41
N LYS A 605 15.71 -1.94 46.51
CA LYS A 605 15.51 -0.51 46.32
C LYS A 605 15.03 -0.21 44.90
N ALA A 606 15.62 -0.87 43.91
CA ALA A 606 15.21 -0.65 42.52
C ALA A 606 13.78 -1.11 42.29
N LEU A 607 13.40 -2.24 42.88
CA LEU A 607 12.02 -2.72 42.70
C LEU A 607 11.03 -1.82 43.42
N ASP A 608 11.40 -1.28 44.58
CA ASP A 608 10.56 -0.30 45.25
C ASP A 608 10.42 0.97 44.42
N SER A 609 11.51 1.40 43.78
CA SER A 609 11.42 2.56 42.89
C SER A 609 10.52 2.28 41.69
N VAL A 610 10.59 1.06 41.16
CA VAL A 610 9.72 0.67 40.06
C VAL A 610 8.26 0.77 40.48
N LYS A 611 7.95 0.26 41.68
CA LYS A 611 6.60 0.36 42.20
C LYS A 611 6.19 1.81 42.39
N LYS A 612 7.10 2.64 42.89
CA LYS A 612 6.77 4.04 43.19
C LYS A 612 6.49 4.84 41.93
N TYR A 613 7.30 4.66 40.88
CA TYR A 613 7.27 5.58 39.75
C TYR A 613 6.64 5.03 38.49
N LEU A 614 6.56 3.71 38.31
CA LEU A 614 6.11 3.15 37.05
C LEU A 614 4.81 2.38 37.14
N ASP A 615 4.23 2.23 38.33
CA ASP A 615 3.08 1.35 38.53
C ASP A 615 1.78 2.09 38.24
N THR A 616 0.88 1.43 37.52
CA THR A 616 -0.46 1.88 37.22
C THR A 616 -1.41 0.70 37.41
N PRO A 617 -2.73 0.96 37.51
CA PRO A 617 -3.67 -0.15 37.59
C PRO A 617 -3.67 -1.07 36.37
N TYR A 618 -3.15 -0.63 35.23
CA TYR A 618 -3.16 -1.42 34.01
C TYR A 618 -1.80 -1.99 33.65
N GLY A 619 -0.79 -1.84 34.49
CA GLY A 619 0.53 -2.34 34.22
C GLY A 619 1.58 -1.29 34.51
N LEU A 620 2.81 -1.60 34.13
CA LEU A 620 3.97 -0.76 34.42
C LEU A 620 4.39 -0.02 33.16
N VAL A 621 4.62 1.28 33.29
CA VAL A 621 5.04 2.08 32.14
C VAL A 621 6.55 1.92 31.93
N LEU A 622 6.98 2.20 30.69
CA LEU A 622 8.37 1.97 30.32
C LEU A 622 9.31 2.92 31.06
N GLN A 623 8.95 4.18 31.18
CA GLN A 623 9.81 5.14 31.85
C GLN A 623 8.96 6.28 32.40
N ASN A 624 9.52 6.98 33.39
CA ASN A 624 8.85 8.08 34.05
C ASN A 624 9.88 9.13 34.41
N PRO A 625 9.59 10.42 34.16
CA PRO A 625 8.41 10.96 33.49
C PRO A 625 8.46 10.76 31.98
N ALA A 626 7.31 10.84 31.31
CA ALA A 626 7.30 10.76 29.85
C ALA A 626 7.96 11.97 29.22
N PHE A 627 8.49 11.78 28.02
CA PHE A 627 9.08 12.87 27.26
C PHE A 627 7.98 13.73 26.66
N THR A 628 8.07 15.05 26.88
CA THR A 628 7.08 15.98 26.39
C THR A 628 7.57 16.80 25.20
N ARG A 629 8.73 16.43 24.64
CA ARG A 629 9.25 17.08 23.46
C ARG A 629 10.14 16.07 22.73
N TYR A 630 10.57 16.46 21.54
CA TYR A 630 11.49 15.62 20.76
C TYR A 630 12.90 15.76 21.31
N TYR A 631 13.55 14.62 21.55
CA TYR A 631 14.95 14.57 21.92
C TYR A 631 15.70 13.95 20.76
N ILE A 632 16.52 14.77 20.09
CA ILE A 632 17.26 14.28 18.93
C ILE A 632 18.30 13.24 19.33
N GLU A 633 18.81 13.31 20.56
CA GLU A 633 19.84 12.39 21.03
C GLU A 633 19.28 11.03 21.44
N TYR A 634 17.96 10.87 21.53
CA TYR A 634 17.37 9.60 21.96
C TYR A 634 16.75 8.79 20.84
N GLY A 635 16.42 9.40 19.71
CA GLY A 635 15.84 8.66 18.60
C GLY A 635 14.32 8.67 18.55
N GLU A 636 13.74 7.51 18.26
CA GLU A 636 12.30 7.41 18.05
C GLU A 636 11.48 7.46 19.33
N ILE A 637 12.10 7.26 20.49
CA ILE A 637 11.32 7.08 21.72
C ILE A 637 10.51 8.32 22.05
N SER A 638 11.09 9.51 21.86
CA SER A 638 10.39 10.75 22.19
C SER A 638 9.48 11.24 21.08
N THR A 639 9.44 10.56 19.93
CA THR A 639 8.56 10.97 18.84
C THR A 639 7.09 10.65 19.10
N TYR A 640 6.81 9.70 20.00
CA TYR A 640 5.44 9.39 20.34
C TYR A 640 4.86 10.40 21.31
N PRO A 641 3.55 10.60 21.30
CA PRO A 641 2.92 11.37 22.37
C PRO A 641 3.02 10.64 23.69
N PRO A 642 3.02 11.36 24.82
CA PRO A 642 3.20 10.71 26.12
C PRO A 642 2.17 9.62 26.38
N GLY A 643 2.65 8.50 26.91
CA GLY A 643 1.80 7.39 27.25
C GLY A 643 1.53 6.39 26.15
N TYR A 644 2.16 6.53 24.99
CA TYR A 644 1.91 5.64 23.86
C TYR A 644 3.22 5.01 23.38
N LYS A 645 3.16 3.71 23.13
CA LYS A 645 4.27 2.91 22.59
C LYS A 645 5.46 3.07 23.54
N GLU A 646 6.65 3.41 23.06
CA GLU A 646 7.84 3.44 23.90
C GLU A 646 7.96 4.69 24.74
N ASN A 647 7.10 5.69 24.52
CA ASN A 647 7.10 6.90 25.34
C ASN A 647 6.11 6.72 26.49
N ALA A 648 6.54 5.95 27.49
CA ALA A 648 5.80 5.75 28.74
C ALA A 648 4.47 5.02 28.52
N GLY A 649 4.39 4.18 27.50
CA GLY A 649 3.31 3.24 27.42
C GLY A 649 3.59 2.01 28.28
N ILE A 650 2.57 1.17 28.43
CA ILE A 650 2.73 -0.09 29.15
C ILE A 650 3.08 -1.15 28.11
N PHE A 651 4.35 -1.56 28.11
CA PHE A 651 4.82 -2.63 27.24
C PHE A 651 4.77 -3.92 28.05
N CYS A 652 3.73 -4.71 27.85
CA CYS A 652 3.52 -5.90 28.67
C CYS A 652 4.63 -6.93 28.49
N HIS A 653 5.44 -6.79 27.44
CA HIS A 653 6.58 -7.67 27.23
C HIS A 653 7.61 -7.53 28.36
N ASN A 654 7.88 -6.30 28.79
CA ASN A 654 8.88 -6.07 29.82
C ASN A 654 8.30 -6.03 31.23
N ASN A 655 6.98 -6.22 31.38
CA ASN A 655 6.42 -6.40 32.71
C ASN A 655 6.74 -7.79 33.26
N ALA A 656 6.88 -8.78 32.37
CA ALA A 656 7.25 -10.12 32.80
C ALA A 656 8.63 -10.15 33.44
N TRP A 657 9.56 -9.31 32.98
CA TRP A 657 10.88 -9.26 33.59
C TRP A 657 10.81 -8.73 35.01
N ILE A 658 9.94 -7.74 35.25
CA ILE A 658 9.74 -7.25 36.61
C ILE A 658 9.08 -8.32 37.47
N ILE A 659 8.18 -9.10 36.88
CA ILE A 659 7.56 -10.22 37.63
C ILE A 659 8.64 -11.22 38.06
N CYS A 660 9.52 -11.59 37.13
CA CYS A 660 10.61 -12.51 37.47
C CYS A 660 11.52 -11.93 38.54
N ALA A 661 11.86 -10.63 38.41
CA ALA A 661 12.72 -9.99 39.38
C ALA A 661 12.08 -9.94 40.76
N GLU A 662 10.76 -9.75 40.81
CA GLU A 662 10.05 -9.81 42.09
C GLU A 662 10.11 -11.20 42.69
N THR A 663 10.01 -12.24 41.86
CA THR A 663 10.21 -13.59 42.38
C THR A 663 11.64 -13.78 42.89
N VAL A 664 12.61 -13.09 42.30
CA VAL A 664 14.00 -13.25 42.73
C VAL A 664 14.20 -12.78 44.16
N VAL A 665 13.59 -11.65 44.53
CA VAL A 665 13.74 -11.11 45.87
C VAL A 665 12.73 -11.75 46.82
N GLY A 666 11.99 -12.74 46.33
CA GLY A 666 11.09 -13.49 47.17
C GLY A 666 9.82 -12.79 47.58
N ARG A 667 9.24 -11.97 46.71
CA ARG A 667 7.99 -11.26 46.97
C ARG A 667 6.94 -11.77 45.99
N GLY A 668 6.26 -12.86 46.36
CA GLY A 668 5.32 -13.49 45.46
C GLY A 668 4.03 -12.72 45.28
N ASP A 669 3.59 -12.00 46.32
CA ASP A 669 2.38 -11.18 46.21
C ASP A 669 2.58 -10.08 45.17
N MET A 670 3.72 -9.41 45.20
CA MET A 670 3.99 -8.37 44.20
C MET A 670 4.06 -8.95 42.80
N ALA A 671 4.71 -10.11 42.65
CA ALA A 671 4.84 -10.73 41.34
C ALA A 671 3.47 -11.10 40.77
N PHE A 672 2.62 -11.71 41.60
CA PHE A 672 1.29 -12.09 41.10
C PHE A 672 0.40 -10.88 40.87
N ASP A 673 0.56 -9.82 41.68
CA ASP A 673 -0.21 -8.61 41.46
C ASP A 673 0.18 -7.94 40.14
N TYR A 674 1.48 -7.96 39.81
CA TYR A 674 1.90 -7.48 38.49
C TYR A 674 1.38 -8.37 37.38
N TYR A 675 1.37 -9.69 37.61
CA TYR A 675 0.88 -10.62 36.59
C TYR A 675 -0.60 -10.41 36.30
N ARG A 676 -1.39 -10.15 37.33
CA ARG A 676 -2.84 -10.04 37.15
C ARG A 676 -3.24 -8.76 36.41
N LYS A 677 -2.45 -7.70 36.54
CA LYS A 677 -2.82 -6.42 35.93
C LYS A 677 -2.88 -6.48 34.42
N ILE A 678 -2.18 -7.43 33.80
CA ILE A 678 -2.11 -7.49 32.34
C ILE A 678 -2.60 -8.82 31.77
N ALA A 679 -2.88 -9.81 32.60
CA ALA A 679 -3.39 -11.08 32.09
C ALA A 679 -4.78 -10.88 31.51
N PRO A 680 -5.05 -11.37 30.29
CA PRO A 680 -6.34 -11.09 29.64
C PRO A 680 -7.57 -11.51 30.45
N ALA A 681 -7.50 -12.68 31.09
CA ALA A 681 -8.65 -13.18 31.83
C ALA A 681 -9.00 -12.30 33.02
N TYR A 682 -8.05 -11.52 33.53
CA TYR A 682 -8.30 -10.66 34.68
C TYR A 682 -8.79 -9.27 34.28
N ILE A 683 -8.72 -8.92 32.99
CA ILE A 683 -9.24 -7.64 32.48
C ILE A 683 -10.41 -7.86 31.52
N GLU A 684 -10.88 -9.08 31.39
CA GLU A 684 -12.12 -9.33 30.65
C GLU A 684 -13.27 -8.47 31.20
N ASP A 685 -13.26 -8.17 32.49
CA ASP A 685 -14.32 -7.36 33.09
C ASP A 685 -14.22 -5.89 32.74
N VAL A 686 -13.09 -5.42 32.20
CA VAL A 686 -12.94 -4.05 31.75
C VAL A 686 -12.63 -4.08 30.26
N SER A 687 -13.01 -5.18 29.62
CA SER A 687 -12.94 -5.29 28.15
C SER A 687 -13.28 -4.01 27.42
N ASP A 688 -14.27 -3.25 27.90
CA ASP A 688 -14.64 -2.00 27.23
C ASP A 688 -13.51 -0.98 27.29
N ILE A 689 -12.73 -0.97 28.37
CA ILE A 689 -11.57 -0.09 28.45
C ILE A 689 -10.40 -0.67 27.68
N HIS A 690 -10.14 -1.98 27.84
CA HIS A 690 -9.05 -2.62 27.13
C HIS A 690 -9.25 -2.58 25.62
N LYS A 691 -10.49 -2.80 25.17
CA LYS A 691 -10.97 -2.58 23.81
C LYS A 691 -10.51 -3.63 22.81
N LEU A 692 -9.56 -4.47 23.17
CA LEU A 692 -9.08 -5.49 22.26
C LEU A 692 -9.51 -6.85 22.79
N GLU A 693 -9.02 -7.91 22.14
CA GLU A 693 -9.45 -9.26 22.50
C GLU A 693 -9.16 -9.53 23.97
N PRO A 694 -10.12 -10.04 24.73
CA PRO A 694 -9.88 -10.37 26.13
C PRO A 694 -9.33 -11.78 26.37
N TYR A 695 -8.84 -12.47 25.34
CA TYR A 695 -8.32 -13.81 25.47
C TYR A 695 -6.88 -13.96 24.99
N VAL A 696 -6.25 -12.89 24.50
CA VAL A 696 -4.85 -12.92 24.11
C VAL A 696 -4.17 -11.64 24.60
N TYR A 697 -2.85 -11.72 24.76
CA TYR A 697 -2.06 -10.55 25.11
C TYR A 697 -1.93 -9.61 23.92
N ALA A 698 -1.84 -8.32 24.23
CA ALA A 698 -1.48 -7.30 23.25
C ALA A 698 -0.08 -6.81 23.52
N GLN A 699 0.48 -6.10 22.54
CA GLN A 699 1.84 -5.58 22.69
C GLN A 699 1.90 -4.42 23.67
N MET A 700 0.89 -3.56 23.67
CA MET A 700 1.01 -2.24 24.25
C MET A 700 -0.33 -1.78 24.84
N VAL A 701 -0.28 -1.23 26.04
CA VAL A 701 -1.42 -0.63 26.70
C VAL A 701 -1.07 0.80 27.05
N ALA A 702 -2.00 1.73 26.77
CA ALA A 702 -1.74 3.14 27.00
C ALA A 702 -1.45 3.41 28.48
N GLY A 703 -0.41 4.21 28.72
CA GLY A 703 0.05 4.48 30.06
C GLY A 703 -0.69 5.60 30.74
N LYS A 704 -0.24 5.92 31.96
CA LYS A 704 -0.91 6.90 32.80
C LYS A 704 -0.85 8.31 32.23
N ASP A 705 0.11 8.61 31.35
CA ASP A 705 0.19 9.92 30.73
C ASP A 705 -0.75 10.08 29.54
N ALA A 706 -1.30 9.00 29.02
CA ALA A 706 -2.22 9.04 27.90
C ALA A 706 -3.64 9.30 28.38
N LYS A 707 -4.43 9.95 27.52
CA LYS A 707 -5.84 10.15 27.82
C LYS A 707 -6.65 8.86 27.62
N ARG A 708 -6.13 7.91 26.86
CA ARG A 708 -6.76 6.61 26.67
C ARG A 708 -6.13 5.55 27.57
N HIS A 709 -5.73 5.95 28.78
CA HIS A 709 -5.08 5.08 29.74
C HIS A 709 -5.85 3.78 29.94
N GLY A 710 -5.22 2.66 29.59
CA GLY A 710 -5.83 1.35 29.67
C GLY A 710 -6.18 0.73 28.34
N GLU A 711 -6.12 1.49 27.26
CA GLU A 711 -6.47 0.97 25.94
C GLU A 711 -5.29 0.29 25.28
N ALA A 712 -5.55 -0.83 24.62
CA ALA A 712 -4.51 -1.67 24.03
C ALA A 712 -4.40 -1.44 22.52
N LYS A 713 -3.21 -1.72 21.99
CA LYS A 713 -2.95 -1.72 20.56
C LYS A 713 -2.08 -2.92 20.23
N ASN A 714 -2.13 -3.35 18.96
CA ASN A 714 -1.27 -4.40 18.42
C ASN A 714 -1.40 -5.71 19.20
N SER A 715 -2.58 -6.30 19.10
CA SER A 715 -2.86 -7.55 19.79
C SER A 715 -2.40 -8.76 18.98
N TRP A 716 -2.38 -9.90 19.65
CA TRP A 716 -2.30 -11.24 19.07
C TRP A 716 -0.93 -11.66 18.55
N LEU A 717 0.00 -10.73 18.40
CA LEU A 717 1.28 -11.02 17.74
C LEU A 717 2.36 -10.23 18.46
N THR A 718 2.98 -10.85 19.46
CA THR A 718 3.92 -10.16 20.33
C THR A 718 4.64 -11.20 21.16
N GLY A 719 5.79 -10.80 21.68
CA GLY A 719 6.53 -11.66 22.59
C GLY A 719 6.03 -11.64 24.00
N THR A 720 4.95 -10.91 24.24
CA THR A 720 4.36 -10.83 25.58
C THR A 720 3.86 -12.20 26.05
N ALA A 721 3.25 -12.97 25.15
CA ALA A 721 2.69 -14.26 25.54
C ALA A 721 3.76 -15.20 26.06
N ALA A 722 4.88 -15.32 25.34
CA ALA A 722 5.93 -16.25 25.73
C ALA A 722 6.56 -15.86 27.06
N TRP A 723 6.90 -14.59 27.22
CA TRP A 723 7.57 -14.16 28.45
C TRP A 723 6.63 -14.21 29.64
N ASN A 724 5.35 -13.90 29.44
CA ASN A 724 4.40 -13.97 30.54
C ASN A 724 4.12 -15.42 30.94
N PHE A 725 4.03 -16.32 29.96
CA PHE A 725 3.90 -17.73 30.30
C PHE A 725 5.11 -18.24 31.05
N VAL A 726 6.31 -17.81 30.65
CA VAL A 726 7.52 -18.21 31.37
C VAL A 726 7.49 -17.66 32.80
N ALA A 727 7.08 -16.41 32.95
CA ALA A 727 7.03 -15.79 34.27
C ALA A 727 6.05 -16.51 35.20
N ILE A 728 4.86 -16.83 34.70
CA ILE A 728 3.86 -17.45 35.57
C ILE A 728 4.19 -18.93 35.81
N SER A 729 4.61 -19.66 34.79
CA SER A 729 4.73 -21.12 34.89
C SER A 729 6.06 -21.56 35.49
N GLN A 730 7.12 -20.77 35.34
CA GLN A 730 8.44 -21.15 35.83
C GLN A 730 8.88 -20.35 37.04
N TRP A 731 8.67 -19.04 37.06
CA TRP A 731 9.19 -18.22 38.15
C TRP A 731 8.23 -18.13 39.33
N ILE A 732 6.93 -17.99 39.07
CA ILE A 732 5.96 -17.93 40.16
C ILE A 732 5.56 -19.32 40.62
N LEU A 733 5.15 -20.18 39.69
CA LEU A 733 4.75 -21.54 40.05
C LEU A 733 5.94 -22.46 40.29
N GLY A 734 7.14 -22.05 39.88
CA GLY A 734 8.35 -22.74 40.30
C GLY A 734 8.67 -24.03 39.60
N VAL A 735 8.11 -24.30 38.44
CA VAL A 735 8.41 -25.51 37.67
C VAL A 735 9.40 -25.09 36.59
N LYS A 736 10.69 -25.20 36.88
CA LYS A 736 11.73 -24.66 36.01
C LYS A 736 12.54 -25.78 35.37
N PRO A 737 12.60 -25.86 34.05
CA PRO A 737 13.58 -26.78 33.43
C PRO A 737 15.00 -26.35 33.79
N ASP A 738 15.88 -27.34 33.94
CA ASP A 738 17.25 -27.12 34.33
C ASP A 738 18.10 -28.21 33.72
N TYR A 739 19.41 -27.97 33.67
CA TYR A 739 20.31 -28.86 32.95
C TYR A 739 20.24 -30.28 33.48
N ASP A 740 20.20 -30.44 34.80
CA ASP A 740 20.14 -31.77 35.38
C ASP A 740 18.72 -32.28 35.58
N GLY A 741 17.70 -31.47 35.31
CA GLY A 741 16.35 -31.94 35.48
C GLY A 741 15.33 -30.87 35.82
N LEU A 742 14.23 -31.26 36.44
CA LEU A 742 13.15 -30.35 36.76
C LEU A 742 13.37 -29.77 38.15
N LYS A 743 13.56 -28.45 38.23
CA LYS A 743 13.78 -27.75 39.48
C LYS A 743 12.45 -27.20 39.99
N ILE A 744 12.23 -27.34 41.30
CA ILE A 744 11.03 -26.85 41.96
C ILE A 744 11.44 -25.72 42.88
N ASP A 745 10.98 -24.50 42.59
CA ASP A 745 11.32 -23.32 43.39
C ASP A 745 10.23 -22.27 43.20
N PRO A 746 9.06 -22.49 43.80
CA PRO A 746 7.97 -21.53 43.64
C PRO A 746 8.17 -20.26 44.45
N CYS A 747 7.52 -19.19 43.97
CA CYS A 747 7.43 -17.92 44.69
C CYS A 747 6.00 -17.42 44.48
N ILE A 748 5.16 -17.59 45.49
CA ILE A 748 3.72 -17.47 45.34
C ILE A 748 3.18 -16.52 46.41
N PRO A 749 1.96 -16.01 46.22
CA PRO A 749 1.32 -15.25 47.30
C PRO A 749 1.15 -16.09 48.56
N LYS A 750 1.34 -15.46 49.72
CA LYS A 750 1.37 -16.19 50.97
C LYS A 750 0.03 -16.84 51.28
N ALA A 751 -1.07 -16.17 50.94
CA ALA A 751 -2.39 -16.66 51.29
C ALA A 751 -2.78 -17.93 50.57
N TRP A 752 -2.04 -18.32 49.52
CA TRP A 752 -2.35 -19.56 48.82
C TRP A 752 -2.09 -20.77 49.71
N ASP A 753 -3.02 -21.72 49.69
CA ASP A 753 -2.84 -22.95 50.45
C ASP A 753 -2.01 -23.97 49.68
N GLY A 754 -2.02 -23.89 48.37
CA GLY A 754 -1.29 -24.83 47.55
C GLY A 754 -1.93 -24.93 46.17
N TYR A 755 -1.36 -25.82 45.38
CA TYR A 755 -1.84 -26.04 44.01
C TYR A 755 -1.17 -27.31 43.50
N LYS A 756 -1.46 -27.68 42.25
CA LYS A 756 -0.72 -28.77 41.65
C LYS A 756 -0.52 -28.49 40.16
N VAL A 757 0.60 -28.99 39.65
CA VAL A 757 0.95 -28.87 38.24
C VAL A 757 1.33 -30.25 37.73
N THR A 758 0.74 -30.64 36.62
CA THR A 758 1.11 -31.86 35.91
C THR A 758 1.97 -31.46 34.73
N ARG A 759 3.23 -31.90 34.74
CA ARG A 759 4.24 -31.45 33.81
C ARG A 759 4.84 -32.65 33.08
N TYR A 760 4.76 -32.61 31.75
CA TYR A 760 5.45 -33.60 30.92
C TYR A 760 6.86 -33.09 30.63
N PHE A 761 7.86 -33.89 30.97
CA PHE A 761 9.24 -33.43 30.95
C PHE A 761 10.17 -34.61 30.67
N ARG A 762 10.83 -34.58 29.53
CA ARG A 762 11.85 -35.56 29.14
C ARG A 762 11.32 -36.99 29.23
N GLY A 763 10.19 -37.23 28.59
CA GLY A 763 9.66 -38.57 28.46
C GLY A 763 8.92 -39.10 29.66
N SER A 764 8.53 -38.24 30.60
CA SER A 764 7.82 -38.69 31.79
C SER A 764 6.90 -37.58 32.27
N THR A 765 5.95 -37.96 33.13
CA THR A 765 4.96 -37.05 33.68
C THR A 765 5.18 -36.90 35.18
N TYR A 766 5.17 -35.67 35.66
CA TYR A 766 5.33 -35.35 37.08
C TYR A 766 4.08 -34.66 37.56
N GLU A 767 3.40 -35.26 38.53
CA GLU A 767 2.25 -34.63 39.19
C GLU A 767 2.76 -34.01 40.48
N ILE A 768 2.99 -32.71 40.47
CA ILE A 768 3.65 -32.00 41.55
C ILE A 768 2.58 -31.26 42.34
N THR A 769 2.39 -31.65 43.58
CA THR A 769 1.47 -30.99 44.50
C THR A 769 2.27 -30.14 45.47
N VAL A 770 2.05 -28.84 45.44
CA VAL A 770 2.71 -27.90 46.33
C VAL A 770 1.73 -27.49 47.42
N LYS A 771 2.19 -27.56 48.67
CA LYS A 771 1.38 -27.14 49.80
C LYS A 771 2.08 -26.04 50.58
N ASN A 772 1.29 -25.16 51.18
CA ASN A 772 1.76 -24.01 51.94
C ASN A 772 1.11 -24.01 53.32
N PRO A 773 1.45 -24.98 54.18
CA PRO A 773 0.81 -25.02 55.51
C PRO A 773 1.16 -23.81 56.35
N ASN A 774 2.44 -23.48 56.46
CA ASN A 774 2.86 -22.19 56.98
C ASN A 774 2.92 -21.24 55.79
N HIS A 775 2.11 -20.20 55.83
CA HIS A 775 1.86 -19.41 54.64
C HIS A 775 3.02 -18.49 54.30
N VAL A 776 4.00 -19.03 53.60
CA VAL A 776 5.17 -18.27 53.16
C VAL A 776 5.06 -18.02 51.67
N SER A 777 5.95 -17.19 51.15
CA SER A 777 6.02 -16.91 49.73
C SER A 777 7.03 -17.78 49.00
N LYS A 778 8.20 -18.00 49.60
CA LYS A 778 9.29 -18.70 48.94
C LYS A 778 10.04 -19.55 49.96
N GLY A 779 10.67 -20.61 49.47
CA GLY A 779 11.44 -21.50 50.30
C GLY A 779 10.87 -22.89 50.37
N VAL A 780 11.59 -23.89 49.89
CA VAL A 780 11.14 -25.27 49.86
C VAL A 780 11.67 -25.97 51.10
N ALA A 781 10.78 -26.57 51.88
CA ALA A 781 11.17 -27.33 53.06
C ALA A 781 11.39 -28.80 52.77
N LYS A 782 10.58 -29.40 51.89
CA LYS A 782 10.69 -30.82 51.63
C LYS A 782 10.16 -31.17 50.26
N ILE A 783 10.83 -32.11 49.60
CA ILE A 783 10.37 -32.67 48.33
C ILE A 783 10.40 -34.20 48.45
N THR A 784 9.29 -34.83 48.09
CA THR A 784 9.15 -36.28 48.13
C THR A 784 8.76 -36.76 46.74
N VAL A 785 9.43 -37.79 46.25
CA VAL A 785 9.19 -38.35 44.92
C VAL A 785 8.87 -39.82 45.08
N ASP A 786 7.66 -40.21 44.67
CA ASP A 786 7.19 -41.59 44.75
C ASP A 786 7.26 -42.13 46.17
N GLY A 787 7.01 -41.26 47.15
CA GLY A 787 6.99 -41.65 48.54
C GLY A 787 8.31 -41.53 49.27
N ASN A 788 9.40 -41.25 48.58
CA ASN A 788 10.72 -41.17 49.18
C ASN A 788 11.24 -39.74 49.12
N GLU A 789 11.73 -39.26 50.25
CA GLU A 789 12.34 -37.94 50.32
C GLU A 789 13.61 -37.88 49.48
N ILE A 790 13.79 -36.76 48.79
CA ILE A 790 15.00 -36.50 48.01
C ILE A 790 15.70 -35.29 48.62
N SER A 791 16.96 -35.12 48.24
CA SER A 791 17.76 -33.99 48.68
C SER A 791 17.89 -32.98 47.54
N GLY A 792 17.84 -31.70 47.89
CA GLY A 792 17.86 -30.66 46.88
C GLY A 792 16.48 -30.38 46.31
N ASN A 793 16.48 -29.62 45.22
CA ASN A 793 15.23 -29.24 44.57
C ASN A 793 15.20 -29.63 43.09
N ILE A 794 16.08 -30.54 42.67
CA ILE A 794 16.12 -31.03 41.31
C ILE A 794 15.49 -32.41 41.28
N LEU A 795 14.46 -32.58 40.46
CA LEU A 795 13.79 -33.87 40.37
C LEU A 795 14.59 -34.83 39.50
N PRO A 796 14.60 -36.11 39.83
CA PRO A 796 15.28 -37.09 38.97
C PRO A 796 14.60 -37.24 37.62
N VAL A 797 15.40 -37.53 36.60
CA VAL A 797 14.90 -37.79 35.26
C VAL A 797 14.63 -39.28 35.11
N PHE A 798 13.43 -39.63 34.67
CA PHE A 798 13.02 -41.03 34.56
C PHE A 798 13.01 -41.51 33.12
N ASN A 799 12.39 -40.75 32.21
CA ASN A 799 12.33 -41.09 30.79
C ASN A 799 11.73 -42.49 30.58
N ASP A 800 10.66 -42.78 31.31
CA ASP A 800 10.04 -44.10 31.27
C ASP A 800 8.59 -44.06 30.83
N GLY A 801 8.04 -42.89 30.49
CA GLY A 801 6.67 -42.81 30.05
C GLY A 801 5.63 -43.03 31.12
N LYS A 802 6.00 -42.92 32.39
CA LYS A 802 5.10 -43.16 33.51
C LYS A 802 4.81 -41.84 34.23
N THR A 803 3.94 -41.93 35.23
CA THR A 803 3.55 -40.78 36.03
C THR A 803 4.16 -40.92 37.42
N HIS A 804 4.73 -39.84 37.92
CA HIS A 804 5.42 -39.84 39.21
C HIS A 804 4.84 -38.75 40.09
N LYS A 805 4.47 -39.12 41.31
CA LYS A 805 3.91 -38.17 42.26
C LYS A 805 5.02 -37.43 42.99
N VAL A 806 4.93 -36.11 43.01
CA VAL A 806 5.91 -35.26 43.66
C VAL A 806 5.15 -34.40 44.67
N GLU A 807 5.66 -34.34 45.89
CA GLU A 807 5.00 -33.65 46.99
C GLU A 807 5.97 -32.63 47.57
N VAL A 808 5.56 -31.36 47.59
CA VAL A 808 6.43 -30.24 47.95
C VAL A 808 5.80 -29.51 49.13
N ILE A 809 6.58 -29.37 50.20
CA ILE A 809 6.21 -28.52 51.34
C ILE A 809 7.15 -27.34 51.39
N LEU A 810 6.57 -26.14 51.47
CA LEU A 810 7.32 -24.91 51.60
C LEU A 810 7.63 -24.63 53.07
N GLU B 2 -25.31 9.22 -23.05
CA GLU B 2 -24.83 10.48 -22.52
C GLU B 2 -25.20 10.71 -21.06
N PHE B 3 -24.31 11.39 -20.34
CA PHE B 3 -24.51 11.70 -18.93
C PHE B 3 -24.30 13.18 -18.66
N GLY B 4 -24.35 14.00 -19.70
CA GLY B 4 -24.09 15.42 -19.57
C GLY B 4 -23.89 16.04 -20.93
N PHE B 5 -23.36 17.25 -20.92
CA PHE B 5 -23.16 18.00 -22.15
C PHE B 5 -22.02 18.99 -21.99
N PHE B 6 -21.48 19.44 -23.12
CA PHE B 6 -20.43 20.45 -23.16
C PHE B 6 -21.06 21.84 -23.12
N ASP B 7 -20.51 22.71 -22.27
CA ASP B 7 -20.88 24.11 -22.19
C ASP B 7 -19.67 24.89 -22.67
N ASP B 8 -19.66 25.23 -23.97
CA ASP B 8 -18.47 25.80 -24.59
C ASP B 8 -18.23 27.24 -24.18
N ALA B 9 -19.30 28.02 -23.97
CA ALA B 9 -19.14 29.41 -23.60
C ALA B 9 -18.47 29.55 -22.23
N ASN B 10 -18.81 28.67 -21.30
CA ASN B 10 -18.18 28.66 -19.99
C ASN B 10 -16.97 27.73 -19.92
N LYS B 11 -16.69 26.98 -20.98
CA LYS B 11 -15.58 26.02 -21.03
C LYS B 11 -15.70 25.00 -19.90
N GLU B 12 -16.87 24.39 -19.81
CA GLU B 12 -17.16 23.41 -18.78
C GLU B 12 -17.75 22.16 -19.40
N TYR B 13 -17.65 21.05 -18.68
CA TYR B 13 -18.49 19.89 -18.94
C TYR B 13 -19.50 19.77 -17.81
N VAL B 14 -20.77 19.64 -18.17
CA VAL B 14 -21.86 19.62 -17.21
C VAL B 14 -22.37 18.18 -17.11
N ILE B 15 -22.17 17.58 -15.95
CA ILE B 15 -22.67 16.26 -15.62
C ILE B 15 -23.99 16.43 -14.90
N THR B 16 -25.03 15.79 -15.42
CA THR B 16 -26.40 16.01 -14.96
C THR B 16 -26.94 14.87 -14.11
N VAL B 17 -26.32 13.70 -14.13
CA VAL B 17 -26.74 12.57 -13.30
C VAL B 17 -25.53 12.12 -12.49
N PRO B 18 -25.68 11.89 -11.18
CA PRO B 18 -24.51 11.51 -10.38
C PRO B 18 -24.06 10.07 -10.58
N ARG B 19 -24.96 9.17 -10.96
CA ARG B 19 -24.60 7.75 -11.17
C ARG B 19 -24.00 7.60 -12.56
N THR B 20 -22.82 8.15 -12.71
CA THR B 20 -22.00 8.17 -13.89
C THR B 20 -21.26 6.83 -14.02
N PRO B 21 -20.98 6.35 -15.25
CA PRO B 21 -20.41 5.00 -15.41
C PRO B 21 -19.15 4.75 -14.61
N TYR B 22 -18.34 5.77 -14.36
CA TYR B 22 -17.22 5.72 -13.45
C TYR B 22 -17.07 7.14 -12.90
N PRO B 23 -16.51 7.31 -11.71
CA PRO B 23 -16.30 8.68 -11.22
C PRO B 23 -15.44 9.49 -12.18
N TRP B 24 -15.97 10.64 -12.58
CA TRP B 24 -15.31 11.52 -13.54
C TRP B 24 -14.70 12.68 -12.77
N ILE B 25 -13.39 12.86 -12.92
CA ILE B 25 -12.62 13.70 -12.02
C ILE B 25 -12.11 14.94 -12.74
N ASN B 26 -11.59 15.87 -11.96
CA ASN B 26 -10.96 17.09 -12.42
C ASN B 26 -9.80 17.40 -11.48
N TYR B 27 -8.87 18.20 -11.99
CA TYR B 27 -7.67 18.58 -11.25
C TYR B 27 -7.72 20.06 -10.90
N LEU B 28 -7.25 20.38 -9.70
CA LEU B 28 -7.16 21.75 -9.22
C LEU B 28 -5.73 22.04 -8.79
N GLY B 29 -5.28 23.25 -9.01
CA GLY B 29 -3.95 23.66 -8.63
C GLY B 29 -3.05 23.83 -9.84
N THR B 30 -2.08 24.73 -9.71
CA THR B 30 -1.20 25.07 -10.81
C THR B 30 0.28 24.88 -10.50
N GLU B 31 0.74 25.20 -9.28
CA GLU B 31 2.15 25.13 -8.97
C GLU B 31 2.50 24.06 -7.94
N ASN B 32 1.95 24.13 -6.74
CA ASN B 32 2.41 23.23 -5.68
C ASN B 32 1.29 22.46 -4.99
N PHE B 33 0.17 23.11 -4.70
CA PHE B 33 -0.98 22.46 -4.09
C PHE B 33 -1.85 21.86 -5.17
N PHE B 34 -2.16 20.58 -5.07
CA PHE B 34 -2.92 19.90 -6.10
C PHE B 34 -4.07 19.11 -5.49
N SER B 35 -5.19 19.08 -6.20
CA SER B 35 -6.40 18.41 -5.77
C SER B 35 -6.97 17.56 -6.90
N LEU B 36 -7.37 16.34 -6.57
CA LEU B 36 -8.18 15.50 -7.43
C LEU B 36 -9.60 15.51 -6.86
N ILE B 37 -10.59 15.88 -7.67
CA ILE B 37 -11.96 15.95 -7.21
C ILE B 37 -12.88 15.28 -8.23
N SER B 38 -13.73 14.38 -7.77
CA SER B 38 -14.68 13.70 -8.64
C SER B 38 -15.99 14.49 -8.72
N ASN B 39 -16.93 13.99 -9.53
CA ASN B 39 -18.20 14.66 -9.71
C ASN B 39 -19.11 14.54 -8.48
N THR B 40 -18.78 13.68 -7.53
CA THR B 40 -19.48 13.62 -6.25
C THR B 40 -18.64 14.19 -5.11
N ALA B 41 -17.61 14.98 -5.45
CA ALA B 41 -16.70 15.64 -4.51
C ALA B 41 -15.75 14.67 -3.81
N GLY B 42 -15.55 13.47 -4.37
CA GLY B 42 -14.54 12.58 -3.85
C GLY B 42 -13.16 12.92 -4.36
N GLY B 43 -12.15 12.39 -3.68
CA GLY B 43 -10.77 12.62 -4.05
C GLY B 43 -9.98 13.15 -2.87
N TYR B 44 -8.90 13.87 -3.17
CA TYR B 44 -7.98 14.27 -2.11
C TYR B 44 -6.99 15.31 -2.64
N CYS B 45 -6.23 15.88 -1.71
CA CYS B 45 -5.24 16.92 -2.01
C CYS B 45 -3.86 16.48 -1.56
N PHE B 46 -2.84 17.17 -2.08
CA PHE B 46 -1.46 16.97 -1.66
C PHE B 46 -0.65 18.20 -2.02
N TYR B 47 0.56 18.26 -1.46
CA TYR B 47 1.49 19.36 -1.68
C TYR B 47 2.73 18.82 -2.39
N ARG B 48 2.75 18.97 -3.72
CA ARG B 48 3.88 18.68 -4.62
C ARG B 48 4.19 17.20 -4.74
N ASP B 49 3.61 16.35 -3.89
CA ASP B 49 4.07 14.97 -3.80
C ASP B 49 2.92 14.15 -3.21
N ALA B 50 2.22 13.41 -4.08
CA ALA B 50 1.15 12.55 -3.61
C ALA B 50 1.65 11.44 -2.71
N ARG B 51 2.94 11.10 -2.80
CA ARG B 51 3.53 10.01 -2.03
C ARG B 51 3.99 10.45 -0.65
N LEU B 52 4.62 11.61 -0.53
CA LEU B 52 5.28 12.01 0.70
C LEU B 52 4.66 13.22 1.39
N ARG B 53 3.68 13.88 0.77
CA ARG B 53 3.04 15.04 1.39
C ARG B 53 1.53 15.01 1.11
N ARG B 54 0.91 13.85 1.24
CA ARG B 54 -0.53 13.75 1.04
C ARG B 54 -1.27 14.31 2.25
N ILE B 55 -2.24 15.19 1.99
CA ILE B 55 -2.94 15.89 3.06
C ILE B 55 -4.18 15.14 3.52
N THR B 56 -4.97 14.62 2.59
CA THR B 56 -6.21 13.92 2.93
C THR B 56 -6.12 12.48 2.46
N ARG B 57 -6.85 11.61 3.16
CA ARG B 57 -6.82 10.18 2.88
C ARG B 57 -7.81 9.82 1.78
N TYR B 58 -7.42 8.89 0.92
CA TYR B 58 -8.29 8.37 -0.12
C TYR B 58 -8.02 6.89 -0.31
N ARG B 59 -9.09 6.12 -0.50
CA ARG B 59 -8.99 4.68 -0.67
C ARG B 59 -9.29 4.34 -2.13
N TYR B 60 -8.31 3.78 -2.82
CA TYR B 60 -8.49 3.32 -4.18
C TYR B 60 -9.17 1.96 -4.19
N ASN B 61 -9.92 1.69 -5.27
CA ASN B 61 -10.57 0.40 -5.47
C ASN B 61 -11.48 0.02 -4.31
N ASN B 62 -12.23 1.01 -3.81
CA ASN B 62 -13.05 0.85 -2.62
C ASN B 62 -14.44 0.31 -2.98
N VAL B 63 -15.10 -0.24 -1.96
CA VAL B 63 -16.49 -0.69 -2.07
C VAL B 63 -17.32 0.06 -1.03
N PRO B 64 -18.20 0.99 -1.43
CA PRO B 64 -18.48 1.45 -2.80
C PRO B 64 -17.35 2.31 -3.35
N ILE B 65 -17.31 2.51 -4.66
CA ILE B 65 -16.25 3.28 -5.29
C ILE B 65 -16.29 4.72 -4.81
N ASP B 66 -15.09 5.33 -4.72
CA ASP B 66 -14.95 6.78 -4.56
C ASP B 66 -15.61 7.27 -3.29
N MET B 67 -15.32 6.63 -2.17
CA MET B 67 -15.79 7.04 -0.86
C MET B 67 -14.67 7.75 -0.13
N GLY B 68 -14.93 8.96 0.33
CA GLY B 68 -13.90 9.79 0.90
C GLY B 68 -13.63 11.02 0.06
N GLY B 69 -13.76 12.20 0.67
CA GLY B 69 -13.59 13.44 -0.06
C GLY B 69 -13.98 14.61 0.81
N ARG B 70 -14.38 15.70 0.17
CA ARG B 70 -14.87 16.88 0.89
C ARG B 70 -16.39 16.72 1.00
N TYR B 71 -16.85 16.27 2.16
CA TYR B 71 -18.23 15.86 2.34
C TYR B 71 -19.00 16.90 3.14
N PHE B 72 -20.03 17.46 2.55
CA PHE B 72 -20.94 18.37 3.24
C PHE B 72 -22.25 17.67 3.50
N TYR B 73 -22.74 17.77 4.73
CA TYR B 73 -23.99 17.15 5.16
C TYR B 73 -24.96 18.24 5.55
N ILE B 74 -26.12 18.27 4.92
CA ILE B 74 -27.22 19.13 5.32
C ILE B 74 -28.17 18.30 6.16
N TYR B 75 -28.38 18.74 7.41
CA TYR B 75 -29.29 18.12 8.35
C TYR B 75 -30.50 19.02 8.49
N ASP B 76 -31.67 18.50 8.12
CA ASP B 76 -32.94 19.23 8.13
C ASP B 76 -33.95 18.37 8.88
N ASN B 77 -34.12 18.65 10.17
CA ASN B 77 -35.18 18.08 11.01
C ASN B 77 -35.21 16.55 10.91
N GLY B 78 -34.05 15.94 11.07
CA GLY B 78 -33.95 14.50 11.02
C GLY B 78 -33.43 13.98 9.70
N ASP B 79 -33.89 14.57 8.59
CA ASP B 79 -33.38 14.17 7.29
C ASP B 79 -31.98 14.72 7.10
N PHE B 80 -31.18 14.05 6.29
CA PHE B 80 -29.86 14.59 5.94
C PHE B 80 -29.47 14.11 4.56
N TRP B 81 -28.65 14.93 3.89
CA TRP B 81 -28.27 14.65 2.51
C TRP B 81 -26.98 15.38 2.17
N SER B 82 -26.46 15.07 0.98
CA SER B 82 -25.21 15.63 0.49
C SER B 82 -25.43 16.31 -0.86
N PRO B 83 -24.83 17.48 -1.07
CA PRO B 83 -25.01 18.17 -2.36
C PRO B 83 -24.44 17.44 -3.56
N GLY B 84 -23.40 16.63 -3.35
CA GLY B 84 -22.86 15.80 -4.42
C GLY B 84 -23.55 14.47 -4.57
N TRP B 85 -24.61 14.24 -3.79
CA TRP B 85 -25.40 13.01 -3.74
C TRP B 85 -24.60 11.90 -3.06
N SER B 86 -23.32 12.12 -2.85
CA SER B 86 -22.48 11.18 -2.13
C SER B 86 -21.89 11.88 -0.92
N PRO B 87 -21.70 11.17 0.18
CA PRO B 87 -21.88 9.73 0.40
C PRO B 87 -23.29 9.29 0.80
N VAL B 88 -24.20 10.21 1.10
CA VAL B 88 -25.50 9.83 1.67
C VAL B 88 -26.33 9.05 0.67
N LYS B 89 -26.38 9.52 -0.59
CA LYS B 89 -27.08 8.84 -1.68
C LYS B 89 -28.59 8.81 -1.45
N ARG B 90 -29.12 9.89 -0.90
CA ARG B 90 -30.55 10.16 -0.89
C ARG B 90 -30.89 11.01 -2.10
N GLU B 91 -32.01 10.70 -2.73
CA GLU B 91 -32.37 11.32 -3.99
C GLU B 91 -32.53 12.84 -3.84
N LEU B 92 -32.04 13.57 -4.83
CA LEU B 92 -32.07 15.02 -4.83
C LEU B 92 -33.10 15.53 -5.84
N GLU B 93 -33.71 16.67 -5.52
CA GLU B 93 -34.59 17.33 -6.49
C GLU B 93 -33.81 17.69 -7.75
N SER B 94 -32.61 18.21 -7.59
CA SER B 94 -31.75 18.54 -8.73
C SER B 94 -30.30 18.30 -8.33
N TYR B 95 -29.51 17.83 -9.29
CA TYR B 95 -28.08 17.63 -9.14
C TYR B 95 -27.37 18.17 -10.36
N GLU B 96 -26.19 18.74 -10.16
CA GLU B 96 -25.38 19.18 -11.29
C GLU B 96 -23.92 19.26 -10.86
N CYS B 97 -23.01 18.85 -11.75
CA CYS B 97 -21.58 19.04 -11.54
C CYS B 97 -20.97 19.66 -12.79
N ARG B 98 -20.37 20.83 -12.65
CA ARG B 98 -19.66 21.48 -13.74
C ARG B 98 -18.16 21.34 -13.50
N HIS B 99 -17.49 20.62 -14.38
CA HIS B 99 -16.03 20.51 -14.37
C HIS B 99 -15.50 21.59 -15.31
N GLY B 100 -14.81 22.58 -14.75
CA GLY B 100 -14.21 23.64 -15.51
C GLY B 100 -12.70 23.54 -15.58
N LEU B 101 -12.07 24.67 -15.84
CA LEU B 101 -10.61 24.75 -15.97
C LEU B 101 -10.02 25.14 -14.63
N GLY B 102 -9.53 24.15 -13.88
CA GLY B 102 -8.99 24.39 -12.58
C GLY B 102 -10.00 24.55 -11.47
N TYR B 103 -11.28 24.28 -11.73
CA TYR B 103 -12.31 24.44 -10.72
C TYR B 103 -13.42 23.45 -10.99
N THR B 104 -14.20 23.17 -9.94
CA THR B 104 -15.36 22.29 -10.04
C THR B 104 -16.51 22.88 -9.24
N LYS B 105 -17.70 22.92 -9.83
CA LYS B 105 -18.90 23.38 -9.14
C LYS B 105 -19.86 22.21 -8.98
N ILE B 106 -20.40 22.04 -7.78
CA ILE B 106 -21.36 20.97 -7.51
C ILE B 106 -22.57 21.56 -6.82
N ALA B 107 -23.75 21.36 -7.39
CA ALA B 107 -25.00 21.89 -6.87
C ALA B 107 -25.97 20.75 -6.62
N GLY B 108 -26.60 20.77 -5.45
CA GLY B 108 -27.61 19.79 -5.11
C GLY B 108 -28.77 20.40 -4.36
N LYS B 109 -29.99 19.92 -4.59
CA LYS B 109 -31.16 20.48 -3.93
C LYS B 109 -32.02 19.37 -3.34
N ARG B 110 -32.49 19.58 -2.12
CA ARG B 110 -33.41 18.65 -1.46
C ARG B 110 -34.29 19.39 -0.47
N ASN B 111 -35.59 19.10 -0.52
CA ASN B 111 -36.60 19.66 0.39
C ASN B 111 -36.50 21.18 0.48
N GLY B 112 -36.38 21.82 -0.68
CA GLY B 112 -36.36 23.27 -0.75
C GLY B 112 -35.06 23.92 -0.30
N ILE B 113 -34.01 23.14 -0.06
CA ILE B 113 -32.72 23.66 0.32
C ILE B 113 -31.73 23.35 -0.79
N LYS B 114 -31.06 24.36 -1.31
CA LYS B 114 -30.08 24.20 -2.37
C LYS B 114 -28.69 24.52 -1.82
N ALA B 115 -27.72 23.66 -2.15
CA ALA B 115 -26.34 23.82 -1.74
C ALA B 115 -25.46 23.82 -2.98
N GLU B 116 -24.70 24.89 -3.17
CA GLU B 116 -23.77 25.01 -4.28
C GLU B 116 -22.36 25.22 -3.75
N VAL B 117 -21.41 24.39 -4.19
CA VAL B 117 -20.04 24.47 -3.73
C VAL B 117 -19.12 24.61 -4.93
N THR B 118 -18.27 25.64 -4.91
CA THR B 118 -17.20 25.83 -5.88
C THR B 118 -15.88 25.48 -5.22
N PHE B 119 -15.18 24.50 -5.79
CA PHE B 119 -13.86 24.07 -5.33
C PHE B 119 -12.83 24.56 -6.33
N PHE B 120 -11.80 25.24 -5.83
CA PHE B 120 -10.65 25.56 -6.68
C PHE B 120 -9.44 25.88 -5.82
N VAL B 121 -8.26 25.72 -6.42
CA VAL B 121 -7.00 26.15 -5.81
C VAL B 121 -6.64 27.51 -6.43
N PRO B 122 -6.59 28.58 -5.66
CA PRO B 122 -6.19 29.87 -6.22
C PRO B 122 -4.71 29.91 -6.57
N LEU B 123 -4.37 30.85 -7.45
CA LEU B 123 -2.99 31.04 -7.86
C LEU B 123 -2.13 31.51 -6.69
N ASN B 124 -0.92 30.97 -6.59
CA ASN B 124 0.04 31.33 -5.55
C ASN B 124 -0.54 31.12 -4.15
N TYR B 125 -1.30 30.05 -3.98
CA TYR B 125 -1.97 29.76 -2.72
C TYR B 125 -1.82 28.28 -2.41
N ASN B 126 -1.42 27.97 -1.18
CA ASN B 126 -1.21 26.59 -0.77
C ASN B 126 -2.46 26.02 -0.09
N GLY B 127 -3.56 26.03 -0.81
CA GLY B 127 -4.80 25.56 -0.24
C GLY B 127 -5.89 25.42 -1.27
N GLU B 128 -6.88 24.60 -0.91
CA GLU B 128 -8.10 24.43 -1.69
C GLU B 128 -9.22 25.23 -1.04
N VAL B 129 -9.85 26.10 -1.82
CA VAL B 129 -10.92 26.98 -1.36
C VAL B 129 -12.24 26.40 -1.85
N GLN B 130 -13.21 26.31 -0.94
CA GLN B 130 -14.54 25.78 -1.21
C GLN B 130 -15.55 26.84 -0.79
N LYS B 131 -16.24 27.42 -1.76
CA LYS B 131 -17.25 28.43 -1.52
C LYS B 131 -18.61 27.77 -1.54
N LEU B 132 -19.37 27.89 -0.45
CA LEU B 132 -20.63 27.18 -0.27
C LEU B 132 -21.76 28.19 -0.12
N ILE B 133 -22.75 28.09 -0.99
CA ILE B 133 -23.99 28.87 -0.91
C ILE B 133 -25.11 27.93 -0.47
N LEU B 134 -25.81 28.30 0.60
CA LEU B 134 -27.01 27.61 1.04
C LEU B 134 -28.20 28.54 0.81
N LYS B 135 -29.20 28.06 0.07
CA LYS B 135 -30.34 28.87 -0.30
C LYS B 135 -31.62 28.16 0.10
N ASN B 136 -32.54 28.90 0.71
CA ASN B 136 -33.87 28.39 1.03
C ASN B 136 -34.80 28.78 -0.11
N GLU B 137 -35.10 27.81 -0.98
CA GLU B 137 -36.01 28.03 -2.10
C GLU B 137 -37.43 27.61 -1.79
N GLY B 138 -37.72 27.22 -0.55
CA GLY B 138 -39.05 26.86 -0.14
C GLY B 138 -39.85 28.06 0.34
N GLN B 139 -41.06 27.78 0.82
CA GLN B 139 -41.98 28.82 1.25
C GLN B 139 -42.01 29.00 2.76
N ASP B 140 -41.20 28.25 3.50
CA ASP B 140 -41.25 28.28 4.96
C ASP B 140 -39.84 28.51 5.52
N LYS B 141 -39.80 29.17 6.67
CA LYS B 141 -38.54 29.36 7.38
C LYS B 141 -38.01 28.01 7.85
N LYS B 142 -36.70 27.82 7.72
CA LYS B 142 -36.08 26.53 8.00
C LYS B 142 -34.93 26.68 8.98
N LYS B 143 -34.73 25.64 9.79
CA LYS B 143 -33.62 25.55 10.72
C LYS B 143 -32.85 24.28 10.40
N ILE B 144 -31.59 24.43 9.99
CA ILE B 144 -30.78 23.32 9.51
C ILE B 144 -29.41 23.36 10.20
N THR B 145 -28.68 22.26 10.06
CA THR B 145 -27.30 22.17 10.50
C THR B 145 -26.44 21.74 9.33
N LEU B 146 -25.35 22.47 9.10
CA LEU B 146 -24.37 22.14 8.07
C LEU B 146 -23.16 21.49 8.72
N PHE B 147 -22.75 20.35 8.17
CA PHE B 147 -21.57 19.63 8.61
C PHE B 147 -20.56 19.60 7.48
N SER B 148 -19.31 19.96 7.77
CA SER B 148 -18.21 19.70 6.86
C SER B 148 -17.46 18.44 7.31
N PHE B 149 -16.75 17.82 6.38
CA PHE B 149 -15.95 16.65 6.73
C PHE B 149 -14.84 16.44 5.72
N ILE B 150 -13.62 16.26 6.24
CA ILE B 150 -12.51 15.69 5.51
C ILE B 150 -11.82 14.68 6.42
N GLU B 151 -11.12 13.74 5.82
CA GLU B 151 -10.31 12.76 6.55
C GLU B 151 -8.85 12.98 6.23
N PHE B 152 -8.03 13.17 7.26
CA PHE B 152 -6.62 13.46 7.07
C PHE B 152 -5.83 12.21 6.74
N CYS B 153 -4.77 12.38 5.97
CA CYS B 153 -3.74 11.39 5.76
C CYS B 153 -2.56 11.71 6.67
N LEU B 154 -1.73 10.70 6.95
CA LEU B 154 -0.58 10.86 7.83
C LEU B 154 0.69 11.23 7.07
N TRP B 155 0.53 11.98 5.97
CA TRP B 155 1.57 12.63 5.19
C TRP B 155 2.36 11.67 4.31
N ASN B 156 2.26 10.37 4.56
CA ASN B 156 3.05 9.38 3.83
C ASN B 156 2.08 8.25 3.50
N ALA B 157 1.61 8.22 2.25
CA ALA B 157 0.48 7.37 1.91
C ALA B 157 0.81 5.90 2.09
N TYR B 158 2.00 5.47 1.68
CA TYR B 158 2.40 4.09 1.89
C TYR B 158 2.47 3.76 3.37
N ASP B 159 3.14 4.61 4.15
CA ASP B 159 3.17 4.43 5.59
C ASP B 159 1.77 4.54 6.18
N ASP B 160 0.96 5.47 5.65
CA ASP B 160 -0.40 5.64 6.14
C ASP B 160 -1.24 4.38 5.95
N MET B 161 -0.97 3.60 4.91
CA MET B 161 -1.77 2.40 4.64
C MET B 161 -1.07 1.10 5.02
N THR B 162 0.14 1.15 5.58
CA THR B 162 0.82 -0.10 5.94
C THR B 162 1.34 -0.17 7.37
N ASN B 163 1.54 0.95 8.07
CA ASN B 163 2.35 0.94 9.29
C ASN B 163 1.52 1.27 10.53
N PHE B 164 0.36 0.62 10.66
CA PHE B 164 -0.57 0.94 11.75
C PHE B 164 0.04 0.71 13.12
N GLN B 165 0.96 -0.28 13.23
CA GLN B 165 1.57 -0.62 14.51
C GLN B 165 2.23 0.57 15.17
N ARG B 166 2.73 1.52 14.38
CA ARG B 166 3.22 2.78 14.91
C ARG B 166 2.19 3.90 14.78
N ASN B 167 1.61 4.09 13.59
CA ASN B 167 0.90 5.33 13.30
C ASN B 167 -0.50 5.36 13.89
N PHE B 168 -1.01 4.27 14.47
CA PHE B 168 -2.25 4.41 15.22
C PHE B 168 -2.07 5.18 16.51
N SER B 169 -0.83 5.47 16.90
CA SER B 169 -0.53 6.22 18.13
C SER B 169 0.09 7.58 17.85
N THR B 170 0.11 8.04 16.60
CA THR B 170 0.82 9.27 16.28
C THR B 170 -0.08 10.45 15.92
N GLY B 171 -1.33 10.22 15.54
CA GLY B 171 -2.21 11.29 15.09
C GLY B 171 -2.48 12.37 16.12
N GLU B 172 -2.29 13.63 15.73
CA GLU B 172 -2.45 14.76 16.63
C GLU B 172 -3.14 15.91 15.93
N VAL B 173 -3.96 16.66 16.67
CA VAL B 173 -4.65 17.84 16.17
C VAL B 173 -4.64 18.93 17.24
N GLU B 174 -4.86 20.16 16.79
CA GLU B 174 -5.30 21.25 17.63
C GLU B 174 -6.63 21.77 17.09
N ILE B 175 -7.44 22.32 17.98
CA ILE B 175 -8.69 22.97 17.59
C ILE B 175 -8.69 24.37 18.18
N GLU B 176 -8.81 25.38 17.33
CA GLU B 176 -8.83 26.76 17.79
C GLU B 176 -9.82 27.55 16.96
N GLY B 177 -10.81 28.14 17.63
CA GLY B 177 -11.83 28.88 16.91
C GLY B 177 -12.55 27.98 15.92
N SER B 178 -12.59 28.43 14.67
CA SER B 178 -13.22 27.67 13.60
C SER B 178 -12.21 26.90 12.76
N VAL B 179 -11.01 26.67 13.29
CA VAL B 179 -9.94 26.00 12.53
C VAL B 179 -9.52 24.74 13.27
N ILE B 180 -9.41 23.64 12.52
CA ILE B 180 -8.87 22.38 13.01
C ILE B 180 -7.53 22.17 12.33
N TYR B 181 -6.47 22.06 13.13
CA TYR B 181 -5.11 21.91 12.62
C TYR B 181 -4.69 20.45 12.78
N HIS B 182 -4.26 19.83 11.69
CA HIS B 182 -3.66 18.51 11.71
C HIS B 182 -2.14 18.66 11.78
N LYS B 183 -1.54 18.14 12.84
CA LYS B 183 -0.12 18.33 13.13
C LYS B 183 0.53 17.04 13.60
N THR B 184 0.25 15.94 12.91
CA THR B 184 0.91 14.68 13.22
C THR B 184 2.40 14.77 12.93
N GLU B 185 3.22 14.36 13.91
CA GLU B 185 4.68 14.35 13.85
C GLU B 185 5.27 15.77 13.75
N TYR B 186 4.49 16.79 14.08
CA TYR B 186 5.01 18.15 14.15
C TYR B 186 5.89 18.36 15.38
N ARG B 187 5.69 17.58 16.43
CA ARG B 187 6.50 17.58 17.65
C ARG B 187 7.85 16.94 17.44
N GLU B 188 8.17 16.77 16.17
CA GLU B 188 9.16 15.84 15.68
C GLU B 188 9.80 16.49 14.43
N ARG B 189 10.39 15.68 13.56
CA ARG B 189 11.17 16.19 12.44
C ARG B 189 10.35 16.96 11.42
N ARG B 190 9.02 16.86 11.44
CA ARG B 190 8.21 17.57 10.45
C ARG B 190 8.01 19.04 10.85
N ASN B 191 8.13 19.93 9.88
CA ASN B 191 7.93 21.35 10.09
C ASN B 191 6.70 21.89 9.35
N HIS B 192 5.82 21.00 8.91
CA HIS B 192 4.62 21.37 8.17
C HIS B 192 3.38 20.84 8.87
N TYR B 193 2.27 21.54 8.68
CA TYR B 193 0.98 21.07 9.17
C TYR B 193 -0.11 21.43 8.17
N ALA B 194 -1.30 20.89 8.40
CA ALA B 194 -2.46 21.18 7.58
C ALA B 194 -3.55 21.79 8.45
N PHE B 195 -4.52 22.44 7.81
CA PHE B 195 -5.65 22.96 8.57
C PHE B 195 -6.91 22.93 7.71
N TYR B 196 -8.05 22.87 8.39
CA TYR B 196 -9.38 23.01 7.80
C TYR B 196 -10.10 24.13 8.54
N SER B 197 -10.48 25.17 7.81
CA SER B 197 -11.10 26.34 8.42
C SER B 197 -12.39 26.69 7.69
N VAL B 198 -13.22 27.46 8.39
CA VAL B 198 -14.39 28.11 7.81
C VAL B 198 -14.47 29.52 8.37
N ASN B 199 -14.93 30.47 7.56
CA ASN B 199 -14.90 31.87 7.93
C ASN B 199 -16.17 32.31 8.68
N ALA B 200 -16.56 31.52 9.68
CA ALA B 200 -17.74 31.82 10.46
C ALA B 200 -17.63 31.12 11.81
N LYS B 201 -18.33 31.66 12.79
CA LYS B 201 -18.41 31.02 14.10
C LYS B 201 -19.16 29.69 13.96
N ILE B 202 -18.58 28.64 14.51
CA ILE B 202 -19.13 27.30 14.38
C ILE B 202 -19.96 26.97 15.62
N SER B 203 -20.91 26.06 15.45
CA SER B 203 -21.67 25.52 16.58
C SER B 203 -20.97 24.33 17.20
N GLY B 204 -20.17 23.60 16.45
CA GLY B 204 -19.43 22.49 17.04
C GLY B 204 -18.38 22.00 16.07
N PHE B 205 -17.60 21.02 16.54
CA PHE B 205 -16.54 20.45 15.72
C PHE B 205 -16.42 18.97 16.02
N ASP B 206 -15.61 18.29 15.21
CA ASP B 206 -15.21 16.91 15.47
C ASP B 206 -13.86 16.68 14.79
N SER B 207 -12.97 15.98 15.49
CA SER B 207 -11.66 15.65 14.93
C SER B 207 -11.29 14.17 15.08
N ASP B 208 -12.11 13.38 15.75
CA ASP B 208 -11.90 11.95 15.86
C ASP B 208 -12.87 11.23 14.95
N ARG B 209 -12.35 10.35 14.09
CA ARG B 209 -13.21 9.69 13.10
C ARG B 209 -14.24 8.80 13.77
N ASP B 210 -13.85 8.05 14.80
CA ASP B 210 -14.78 7.14 15.46
C ASP B 210 -15.84 7.87 16.26
N SER B 211 -15.63 9.13 16.62
CA SER B 211 -16.65 9.90 17.29
C SER B 211 -17.65 10.51 16.31
N PHE B 212 -17.14 11.08 15.22
CA PHE B 212 -18.02 11.68 14.22
C PHE B 212 -18.83 10.63 13.47
N ILE B 213 -18.19 9.54 13.06
CA ILE B 213 -18.82 8.51 12.24
C ILE B 213 -19.37 7.38 13.09
N GLY B 214 -18.53 6.79 13.94
CA GLY B 214 -18.88 5.56 14.61
C GLY B 214 -18.16 4.39 14.00
N LEU B 215 -17.76 3.43 14.83
CA LEU B 215 -16.89 2.34 14.38
C LEU B 215 -17.55 1.50 13.29
N TYR B 216 -18.84 1.22 13.42
CA TYR B 216 -19.54 0.34 12.49
C TYR B 216 -20.42 1.10 11.51
N ASN B 217 -20.29 2.41 11.44
CA ASN B 217 -21.00 3.22 10.46
C ASN B 217 -20.07 3.61 9.32
N GLY B 218 -20.67 3.92 8.17
CA GLY B 218 -19.95 4.39 7.01
C GLY B 218 -20.06 5.88 6.81
N PHE B 219 -19.48 6.36 5.70
CA PHE B 219 -19.58 7.78 5.36
C PHE B 219 -21.01 8.19 5.09
N ASP B 220 -21.86 7.24 4.68
CA ASP B 220 -23.23 7.56 4.29
C ASP B 220 -24.11 7.97 5.46
N ALA B 221 -23.77 7.58 6.69
CA ALA B 221 -24.58 7.90 7.87
C ALA B 221 -23.70 8.01 9.10
N PRO B 222 -22.93 9.09 9.22
CA PRO B 222 -22.18 9.33 10.45
C PRO B 222 -23.11 9.59 11.62
N GLN B 223 -22.76 9.04 12.79
CA GLN B 223 -23.64 9.11 13.94
C GLN B 223 -23.86 10.54 14.41
N ALA B 224 -22.84 11.41 14.28
CA ALA B 224 -23.01 12.80 14.66
C ALA B 224 -24.01 13.51 13.72
N VAL B 225 -23.96 13.19 12.43
CA VAL B 225 -24.92 13.76 11.49
C VAL B 225 -26.31 13.18 11.73
N VAL B 226 -26.39 11.89 12.02
CA VAL B 226 -27.68 11.26 12.30
C VAL B 226 -28.34 11.91 13.51
N ASN B 227 -27.55 12.20 14.54
CA ASN B 227 -28.08 12.88 15.72
C ASN B 227 -28.21 14.38 15.53
N GLY B 228 -27.69 14.93 14.43
CA GLY B 228 -27.80 16.35 14.17
C GLY B 228 -26.97 17.22 15.10
N LYS B 229 -25.91 16.67 15.68
CA LYS B 229 -25.12 17.42 16.66
C LYS B 229 -23.68 16.92 16.64
N SER B 230 -22.75 17.86 16.73
CA SER B 230 -21.33 17.54 16.84
C SER B 230 -20.99 17.02 18.23
N ASN B 231 -20.00 16.14 18.29
CA ASN B 231 -19.55 15.55 19.54
C ASN B 231 -18.39 16.29 20.18
N ASN B 232 -17.78 17.24 19.47
CA ASN B 232 -16.66 18.04 19.98
C ASN B 232 -15.49 17.17 20.45
N SER B 233 -15.20 16.13 19.67
CA SER B 233 -14.15 15.19 20.04
C SER B 233 -12.77 15.70 19.62
N VAL B 234 -11.79 15.46 20.46
CA VAL B 234 -10.39 15.78 20.18
C VAL B 234 -9.68 14.49 19.82
N ALA B 235 -9.02 14.48 18.67
CA ALA B 235 -8.36 13.27 18.19
C ALA B 235 -7.18 12.90 19.08
N ASP B 236 -6.97 11.60 19.24
CA ASP B 236 -5.84 11.07 20.01
C ASP B 236 -5.45 9.74 19.35
N GLY B 237 -4.48 9.81 18.44
CA GLY B 237 -4.15 8.62 17.68
C GLY B 237 -5.25 8.24 16.72
N TRP B 238 -5.22 6.96 16.33
CA TRP B 238 -6.20 6.39 15.40
C TRP B 238 -6.34 7.24 14.14
N ALA B 239 -7.54 7.77 13.87
CA ALA B 239 -7.80 8.49 12.62
C ALA B 239 -8.19 9.94 12.89
N PRO B 240 -7.29 10.89 12.71
CA PRO B 240 -7.67 12.31 12.80
C PRO B 240 -8.51 12.73 11.60
N ILE B 241 -9.52 13.55 11.85
CA ILE B 241 -10.37 14.12 10.83
C ILE B 241 -10.61 15.59 11.15
N ALA B 242 -11.33 16.27 10.28
CA ALA B 242 -11.73 17.65 10.51
C ALA B 242 -13.20 17.81 10.13
N SER B 243 -14.00 18.36 11.04
CA SER B 243 -15.41 18.57 10.79
C SER B 243 -15.88 19.78 11.56
N HIS B 244 -16.51 20.73 10.88
CA HIS B 244 -17.25 21.80 11.52
C HIS B 244 -18.74 21.52 11.44
N SER B 245 -19.49 22.11 12.37
CA SER B 245 -20.95 22.09 12.34
C SER B 245 -21.45 23.48 12.65
N ILE B 246 -22.37 23.96 11.82
CA ILE B 246 -22.93 25.31 11.91
C ILE B 246 -24.44 25.21 11.90
N GLU B 247 -25.10 25.89 12.83
CA GLU B 247 -26.55 25.92 12.92
C GLU B 247 -27.08 27.17 12.24
N ILE B 248 -27.95 26.98 11.25
CA ILE B 248 -28.36 28.06 10.35
C ILE B 248 -29.88 28.16 10.32
N GLU B 249 -30.39 29.38 10.40
CA GLU B 249 -31.81 29.66 10.18
C GLU B 249 -31.94 30.45 8.89
N LEU B 250 -32.75 29.93 7.97
CA LEU B 250 -32.93 30.52 6.65
C LEU B 250 -34.39 30.90 6.46
N ASN B 251 -34.63 32.19 6.22
CA ASN B 251 -35.95 32.64 5.81
C ASN B 251 -36.21 32.24 4.36
N PRO B 252 -37.47 32.19 3.94
CA PRO B 252 -37.75 31.90 2.53
C PRO B 252 -37.10 32.93 1.60
N GLY B 253 -36.32 32.41 0.65
CA GLY B 253 -35.60 33.26 -0.27
C GLY B 253 -34.28 33.79 0.23
N GLU B 254 -33.87 33.42 1.44
CA GLU B 254 -32.63 33.91 2.04
C GLU B 254 -31.51 32.90 1.80
N GLN B 255 -30.31 33.41 1.57
CA GLN B 255 -29.13 32.57 1.34
C GLN B 255 -27.99 32.98 2.25
N LYS B 256 -27.13 32.01 2.55
CA LYS B 256 -25.94 32.19 3.35
C LYS B 256 -24.72 31.70 2.59
N GLU B 257 -23.58 32.33 2.84
CA GLU B 257 -22.33 32.04 2.13
C GLU B 257 -21.24 31.70 3.14
N TYR B 258 -20.46 30.68 2.82
CA TYR B 258 -19.37 30.22 3.68
C TYR B 258 -18.15 29.91 2.83
N VAL B 259 -16.97 30.14 3.39
CA VAL B 259 -15.70 29.79 2.75
C VAL B 259 -14.99 28.77 3.63
N PHE B 260 -14.79 27.57 3.10
CA PHE B 260 -14.00 26.54 3.74
C PHE B 260 -12.64 26.47 3.05
N ILE B 261 -11.58 26.34 3.84
CA ILE B 261 -10.23 26.28 3.29
C ILE B 261 -9.51 25.05 3.84
N ILE B 262 -8.97 24.24 2.95
CA ILE B 262 -7.99 23.21 3.29
C ILE B 262 -6.62 23.79 2.98
N GLY B 263 -5.83 24.07 4.01
CA GLY B 263 -4.58 24.79 3.86
C GLY B 263 -3.38 23.98 4.31
N TYR B 264 -2.22 24.30 3.74
CA TYR B 264 -0.94 23.66 4.06
C TYR B 264 0.05 24.74 4.47
N VAL B 265 0.73 24.53 5.59
CA VAL B 265 1.68 25.52 6.11
C VAL B 265 3.01 24.83 6.36
N GLU B 266 4.10 25.48 5.95
CA GLU B 266 5.45 25.11 6.32
C GLU B 266 6.05 26.21 7.17
N ASN B 267 6.66 25.86 8.29
CA ASN B 267 7.30 26.80 9.17
C ASN B 267 8.82 26.60 9.14
N LYS B 268 9.54 27.66 9.47
CA LYS B 268 10.97 27.52 9.76
C LYS B 268 11.16 26.78 11.08
N ASP B 269 12.26 26.04 11.17
CA ASP B 269 12.49 25.21 12.36
C ASP B 269 12.61 26.05 13.63
N GLU B 270 13.04 27.30 13.50
CA GLU B 270 13.15 28.18 14.66
C GLU B 270 11.84 28.89 15.00
N GLU B 271 10.83 28.79 14.14
CA GLU B 271 9.54 29.44 14.37
C GLU B 271 8.41 28.43 14.38
N LYS B 272 8.67 27.21 14.85
CA LYS B 272 7.68 26.15 14.81
C LYS B 272 6.59 26.31 15.88
N TRP B 273 6.89 26.98 16.99
CA TRP B 273 6.04 26.96 18.16
C TRP B 273 5.67 28.37 18.58
N GLU B 274 4.38 28.56 18.89
CA GLU B 274 3.95 29.76 19.59
C GLU B 274 4.31 29.70 21.06
N SER B 275 4.17 28.52 21.65
CA SER B 275 4.64 28.22 22.99
C SER B 275 4.87 26.72 23.07
N LYS B 276 5.15 26.22 24.28
CA LYS B 276 5.42 24.80 24.47
C LYS B 276 4.20 23.95 24.11
N GLY B 277 4.32 23.17 23.05
CA GLY B 277 3.24 22.32 22.58
C GLY B 277 2.19 22.99 21.72
N VAL B 278 2.36 24.27 21.40
CA VAL B 278 1.39 25.02 20.61
C VAL B 278 2.06 25.44 19.31
N ILE B 279 1.52 24.97 18.18
CA ILE B 279 2.10 25.30 16.88
C ILE B 279 1.94 26.78 16.58
N ASN B 280 2.86 27.31 15.78
CA ASN B 280 2.79 28.69 15.33
C ASN B 280 1.79 28.80 14.18
N LYS B 281 0.78 29.66 14.34
CA LYS B 281 -0.36 29.72 13.43
C LYS B 281 -0.39 30.99 12.60
N LYS B 282 0.72 31.75 12.57
CA LYS B 282 0.72 33.05 11.92
C LYS B 282 0.43 32.95 10.42
N LYS B 283 1.11 32.02 9.74
CA LYS B 283 0.89 31.85 8.30
C LYS B 283 -0.52 31.37 8.02
N ALA B 284 -1.07 30.50 8.87
CA ALA B 284 -2.45 30.06 8.70
C ALA B 284 -3.42 31.22 8.89
N TYR B 285 -3.16 32.10 9.85
CA TYR B 285 -4.00 33.27 10.03
C TYR B 285 -3.98 34.15 8.78
N GLU B 286 -2.79 34.38 8.22
CA GLU B 286 -2.70 35.17 7.00
C GLU B 286 -3.46 34.50 5.85
N MET B 287 -3.27 33.19 5.69
CA MET B 287 -3.93 32.46 4.61
C MET B 287 -5.44 32.52 4.75
N ILE B 288 -5.95 32.38 5.98
CA ILE B 288 -7.40 32.38 6.19
C ILE B 288 -7.97 33.77 5.96
N GLU B 289 -7.30 34.81 6.45
CA GLU B 289 -7.77 36.16 6.22
C GLU B 289 -7.73 36.52 4.74
N GLN B 290 -6.84 35.88 3.98
CA GLN B 290 -6.76 36.13 2.54
C GLN B 290 -8.10 35.89 1.84
N PHE B 291 -8.92 34.97 2.34
CA PHE B 291 -10.15 34.58 1.67
C PHE B 291 -11.31 34.49 2.66
N ASN B 292 -11.46 35.50 3.51
CA ASN B 292 -12.51 35.47 4.52
C ASN B 292 -13.81 36.10 4.05
N THR B 293 -13.87 36.63 2.83
CA THR B 293 -15.09 37.15 2.25
C THR B 293 -15.30 36.54 0.87
N VAL B 294 -16.57 36.52 0.44
CA VAL B 294 -16.91 35.98 -0.87
C VAL B 294 -16.32 36.84 -2.00
N GLU B 295 -16.18 38.14 -1.78
CA GLU B 295 -15.62 39.02 -2.80
C GLU B 295 -14.18 38.65 -3.14
N LYS B 296 -13.37 38.36 -2.13
CA LYS B 296 -11.99 37.96 -2.38
C LYS B 296 -11.93 36.64 -3.14
N VAL B 297 -12.81 35.69 -2.79
CA VAL B 297 -12.87 34.42 -3.49
C VAL B 297 -13.25 34.64 -4.95
N ASP B 298 -14.18 35.56 -5.21
CA ASP B 298 -14.59 35.86 -6.58
C ASP B 298 -13.44 36.49 -7.36
N LYS B 299 -12.67 37.38 -6.73
CA LYS B 299 -11.52 37.97 -7.38
C LYS B 299 -10.49 36.90 -7.75
N ALA B 300 -10.21 35.97 -6.82
CA ALA B 300 -9.27 34.90 -7.11
C ALA B 300 -9.79 33.99 -8.22
N PHE B 301 -11.10 33.71 -8.22
CA PHE B 301 -11.70 32.89 -9.25
C PHE B 301 -11.57 33.53 -10.63
N GLU B 302 -11.81 34.84 -10.70
CA GLU B 302 -11.65 35.54 -11.97
C GLU B 302 -10.20 35.55 -12.42
N GLU B 303 -9.27 35.70 -11.48
CA GLU B 303 -7.85 35.65 -11.84
C GLU B 303 -7.46 34.29 -12.39
N LEU B 304 -7.96 33.21 -11.78
CA LEU B 304 -7.69 31.87 -12.30
C LEU B 304 -8.29 31.70 -13.70
N LYS B 305 -9.50 32.22 -13.91
CA LYS B 305 -10.11 32.17 -15.22
C LYS B 305 -9.27 32.89 -16.27
N SER B 306 -8.76 34.08 -15.92
CA SER B 306 -7.93 34.84 -16.86
C SER B 306 -6.63 34.11 -17.15
N TYR B 307 -6.03 33.50 -16.14
CA TYR B 307 -4.81 32.72 -16.34
C TYR B 307 -5.03 31.56 -17.30
N TRP B 308 -6.12 30.81 -17.10
CA TRP B 308 -6.38 29.68 -17.98
C TRP B 308 -6.78 30.13 -19.38
N ASN B 309 -7.43 31.29 -19.50
CA ASN B 309 -7.75 31.81 -20.82
C ASN B 309 -6.49 32.22 -21.57
N ALA B 310 -5.54 32.85 -20.87
CA ALA B 310 -4.28 33.19 -21.50
C ALA B 310 -3.48 31.95 -21.90
N LEU B 311 -3.61 30.86 -21.13
CA LEU B 311 -2.88 29.65 -21.49
C LEU B 311 -3.38 29.02 -22.79
N LEU B 312 -4.66 29.20 -23.14
CA LEU B 312 -5.24 28.52 -24.29
C LEU B 312 -5.36 29.42 -25.52
N SER B 313 -4.85 30.64 -25.47
CA SER B 313 -5.14 31.62 -26.50
C SER B 313 -4.15 31.64 -27.66
N LYS B 314 -3.16 30.75 -27.67
CA LYS B 314 -2.15 30.76 -28.71
C LYS B 314 -2.52 29.94 -29.94
N TYR B 315 -3.57 29.13 -29.87
CA TYR B 315 -4.04 28.36 -31.01
C TYR B 315 -5.56 28.35 -30.96
N PHE B 316 -6.21 29.04 -31.90
CA PHE B 316 -7.67 29.15 -31.91
C PHE B 316 -8.19 28.73 -33.28
N LEU B 317 -9.09 27.75 -33.30
CA LEU B 317 -9.64 27.21 -34.54
C LEU B 317 -11.08 27.67 -34.72
N GLU B 318 -11.41 28.10 -35.94
CA GLU B 318 -12.78 28.36 -36.36
C GLU B 318 -13.07 27.49 -37.58
N SER B 319 -13.85 26.44 -37.38
CA SER B 319 -14.27 25.55 -38.45
C SER B 319 -15.78 25.36 -38.38
N HIS B 320 -16.30 24.53 -39.27
CA HIS B 320 -17.71 24.17 -39.29
C HIS B 320 -18.06 23.11 -38.27
N ASP B 321 -17.07 22.50 -37.63
CA ASP B 321 -17.27 21.38 -36.72
C ASP B 321 -17.12 21.88 -35.29
N GLU B 322 -18.21 21.86 -34.53
CA GLU B 322 -18.17 22.37 -33.16
C GLU B 322 -17.47 21.41 -32.22
N LYS B 323 -17.51 20.10 -32.50
CA LYS B 323 -16.77 19.14 -31.70
C LYS B 323 -15.27 19.31 -31.90
N LEU B 324 -14.84 19.48 -33.15
CA LEU B 324 -13.44 19.77 -33.42
C LEU B 324 -13.02 21.09 -32.78
N ASN B 325 -13.88 22.10 -32.85
CA ASN B 325 -13.56 23.38 -32.22
C ASN B 325 -13.36 23.24 -30.72
N ARG B 326 -14.24 22.50 -30.05
CA ARG B 326 -14.12 22.38 -28.60
C ARG B 326 -12.95 21.49 -28.21
N MET B 327 -12.59 20.51 -29.05
CA MET B 327 -11.40 19.71 -28.75
C MET B 327 -10.14 20.55 -28.91
N VAL B 328 -10.00 21.27 -30.01
CA VAL B 328 -8.76 21.98 -30.30
C VAL B 328 -8.60 23.19 -29.39
N ASN B 329 -9.69 23.93 -29.16
CA ASN B 329 -9.57 25.21 -28.46
C ASN B 329 -9.54 25.07 -26.95
N ILE B 330 -10.17 24.04 -26.39
CA ILE B 330 -10.32 23.99 -24.94
C ILE B 330 -9.68 22.75 -24.33
N TRP B 331 -10.17 21.57 -24.70
CA TRP B 331 -9.95 20.40 -23.86
C TRP B 331 -8.61 19.73 -24.10
N ASN B 332 -8.14 19.69 -25.35
CA ASN B 332 -6.83 19.10 -25.63
C ASN B 332 -5.71 19.91 -24.98
N GLN B 333 -5.75 21.24 -25.14
CA GLN B 333 -4.72 22.08 -24.56
C GLN B 333 -4.78 22.07 -23.04
N TYR B 334 -5.99 22.04 -22.48
CA TYR B 334 -6.16 21.93 -21.03
C TYR B 334 -5.55 20.64 -20.51
N GLN B 335 -5.82 19.52 -21.20
CA GLN B 335 -5.26 18.25 -20.75
C GLN B 335 -3.74 18.24 -20.88
N CYS B 336 -3.20 18.87 -21.92
CA CYS B 336 -1.74 18.94 -22.06
C CYS B 336 -1.12 19.73 -20.91
N MET B 337 -1.71 20.87 -20.55
CA MET B 337 -1.17 21.64 -19.43
C MET B 337 -1.31 20.89 -18.12
N VAL B 338 -2.43 20.20 -17.91
CA VAL B 338 -2.61 19.44 -16.69
C VAL B 338 -1.60 18.30 -16.62
N THR B 339 -1.32 17.65 -17.76
CA THR B 339 -0.35 16.58 -17.78
C THR B 339 1.06 17.10 -17.50
N PHE B 340 1.36 18.34 -17.91
CA PHE B 340 2.63 18.93 -17.50
C PHE B 340 2.66 19.22 -16.00
N ASN B 341 1.53 19.68 -15.45
CA ASN B 341 1.50 20.03 -14.02
C ASN B 341 1.56 18.80 -13.13
N MET B 342 0.98 17.68 -13.56
CA MET B 342 0.78 16.53 -12.70
C MET B 342 1.73 15.36 -12.97
N SER B 343 2.47 15.39 -14.09
CA SER B 343 3.35 14.30 -14.50
C SER B 343 2.50 13.03 -14.59
N ARG B 344 2.86 11.94 -13.91
CA ARG B 344 2.07 10.73 -13.88
C ARG B 344 1.79 10.28 -12.45
N SER B 345 1.66 11.24 -11.53
CA SER B 345 1.65 10.91 -10.11
C SER B 345 0.30 10.35 -9.66
N ALA B 346 -0.76 11.15 -9.74
CA ALA B 346 -2.02 10.80 -9.12
C ALA B 346 -3.18 10.93 -10.09
N SER B 347 -3.93 9.84 -10.25
CA SER B 347 -5.21 9.84 -10.94
C SER B 347 -6.13 8.89 -10.17
N TYR B 348 -7.24 8.50 -10.77
CA TYR B 348 -8.04 7.43 -10.21
C TYR B 348 -7.56 6.06 -10.67
N PHE B 349 -6.49 6.02 -11.45
CA PHE B 349 -5.84 4.78 -11.83
C PHE B 349 -4.37 4.72 -11.41
N GLU B 350 -3.71 5.86 -11.30
CA GLU B 350 -2.38 5.95 -10.70
C GLU B 350 -2.55 6.32 -9.23
N SER B 351 -2.04 5.47 -8.34
CA SER B 351 -2.38 5.56 -6.92
C SER B 351 -1.57 6.60 -6.16
N GLY B 352 -0.65 7.29 -6.81
CA GLY B 352 0.12 8.33 -6.14
C GLY B 352 1.30 7.84 -5.33
N ILE B 353 1.69 6.57 -5.48
CA ILE B 353 2.79 5.99 -4.72
C ILE B 353 4.09 5.96 -5.53
N GLY B 354 4.02 6.23 -6.84
CA GLY B 354 5.19 6.18 -7.67
C GLY B 354 6.18 7.29 -7.38
N ARG B 355 7.36 7.17 -7.99
CA ARG B 355 8.46 8.09 -7.73
C ARG B 355 8.70 9.07 -8.87
N GLY B 356 8.15 8.84 -10.05
CA GLY B 356 8.37 9.75 -11.15
C GLY B 356 7.67 9.28 -12.40
N MET B 357 8.01 9.91 -13.52
CA MET B 357 7.45 9.62 -14.82
C MET B 357 8.55 9.19 -15.78
N GLY B 358 8.13 8.73 -16.95
CA GLY B 358 9.09 8.31 -17.96
C GLY B 358 9.84 9.49 -18.55
N PHE B 359 11.13 9.28 -18.80
CA PHE B 359 11.95 10.25 -19.51
C PHE B 359 11.36 10.56 -20.89
N ARG B 360 11.04 9.51 -21.64
CA ARG B 360 10.39 9.68 -22.95
C ARG B 360 9.04 10.36 -22.80
N ASP B 361 8.34 10.13 -21.69
CA ASP B 361 7.03 10.73 -21.52
C ASP B 361 7.12 12.24 -21.31
N SER B 362 8.10 12.69 -20.53
CA SER B 362 8.32 14.13 -20.37
C SER B 362 8.69 14.75 -21.71
N ASN B 363 9.60 14.10 -22.45
CA ASN B 363 9.99 14.64 -23.76
C ASN B 363 8.79 14.72 -24.70
N GLN B 364 7.92 13.71 -24.69
CA GLN B 364 6.79 13.71 -25.60
C GLN B 364 5.73 14.72 -25.19
N ASP B 365 5.51 14.90 -23.89
CA ASP B 365 4.56 15.91 -23.43
C ASP B 365 5.01 17.31 -23.82
N LEU B 366 6.32 17.55 -23.82
CA LEU B 366 6.84 18.85 -24.24
C LEU B 366 6.28 19.26 -25.61
N LEU B 367 6.16 18.30 -26.54
CA LEU B 367 5.62 18.61 -27.86
C LEU B 367 4.21 19.16 -27.75
N GLY B 368 3.42 18.61 -26.83
CA GLY B 368 2.06 19.09 -26.64
C GLY B 368 2.00 20.49 -26.04
N PHE B 369 2.82 20.77 -25.02
CA PHE B 369 2.63 22.03 -24.29
C PHE B 369 3.65 23.11 -24.64
N VAL B 370 4.50 22.91 -25.65
CA VAL B 370 5.58 23.88 -25.89
C VAL B 370 5.03 25.21 -26.38
N HIS B 371 3.92 25.21 -27.13
CA HIS B 371 3.36 26.46 -27.64
C HIS B 371 2.69 27.28 -26.56
N GLN B 372 2.38 26.70 -25.40
CA GLN B 372 1.70 27.41 -24.32
C GLN B 372 2.65 27.98 -23.28
N ILE B 373 3.69 27.24 -22.92
CA ILE B 373 4.65 27.67 -21.89
C ILE B 373 6.08 27.46 -22.36
N PRO B 374 6.56 28.25 -23.35
CA PRO B 374 7.91 27.98 -23.89
C PRO B 374 9.04 28.08 -22.89
N GLU B 375 8.98 29.03 -21.94
CA GLU B 375 10.10 29.21 -21.00
C GLU B 375 10.21 28.02 -20.06
N ARG B 376 9.08 27.55 -19.52
CA ARG B 376 9.09 26.37 -18.68
C ARG B 376 9.49 25.13 -19.48
N ALA B 377 9.14 25.08 -20.75
CA ALA B 377 9.58 23.98 -21.61
C ALA B 377 11.10 23.98 -21.76
N ARG B 378 11.69 25.16 -21.94
CA ARG B 378 13.15 25.27 -22.03
C ARG B 378 13.81 24.79 -20.74
N GLU B 379 13.27 25.23 -19.60
CA GLU B 379 13.83 24.81 -18.32
C GLU B 379 13.70 23.30 -18.13
N ARG B 380 12.56 22.72 -18.52
CA ARG B 380 12.37 21.28 -18.42
C ARG B 380 13.32 20.52 -19.33
N LEU B 381 13.56 21.04 -20.53
CA LEU B 381 14.51 20.40 -21.44
C LEU B 381 15.91 20.37 -20.84
N LEU B 382 16.34 21.49 -20.27
CA LEU B 382 17.67 21.52 -19.65
C LEU B 382 17.75 20.57 -18.45
N ASP B 383 16.68 20.51 -17.65
CA ASP B 383 16.66 19.61 -16.51
C ASP B 383 16.73 18.15 -16.94
N LEU B 384 16.00 17.79 -17.99
CA LEU B 384 16.04 16.42 -18.51
C LEU B 384 17.42 16.09 -19.06
N ALA B 385 18.03 17.02 -19.79
CA ALA B 385 19.36 16.76 -20.33
C ALA B 385 20.40 16.61 -19.24
N ALA B 386 20.23 17.29 -18.11
CA ALA B 386 21.21 17.21 -17.04
C ALA B 386 21.32 15.81 -16.43
N THR B 387 20.31 14.97 -16.58
CA THR B 387 20.33 13.62 -16.02
C THR B 387 20.93 12.59 -16.97
N GLN B 388 21.26 12.98 -18.20
CA GLN B 388 21.76 12.04 -19.19
C GLN B 388 23.13 11.50 -18.78
N LEU B 389 23.35 10.21 -19.06
CA LEU B 389 24.64 9.59 -18.81
C LEU B 389 25.65 10.03 -19.87
N GLU B 390 26.93 9.78 -19.56
CA GLU B 390 28.02 10.26 -20.40
C GLU B 390 28.02 9.61 -21.77
N ASP B 391 27.63 8.34 -21.85
CA ASP B 391 27.61 7.63 -23.13
C ASP B 391 26.42 7.98 -23.99
N GLY B 392 25.52 8.83 -23.51
CA GLY B 392 24.35 9.24 -24.26
C GLY B 392 23.07 8.53 -23.87
N SER B 393 23.15 7.50 -23.03
CA SER B 393 21.96 6.82 -22.55
C SER B 393 21.27 7.66 -21.48
N ALA B 394 20.05 7.27 -21.14
CA ALA B 394 19.22 8.01 -20.20
C ALA B 394 18.66 7.08 -19.14
N TYR B 395 18.39 7.66 -17.96
CA TYR B 395 17.62 6.95 -16.95
C TYR B 395 16.17 6.83 -17.40
N HIS B 396 15.62 5.63 -17.27
CA HIS B 396 14.28 5.36 -17.79
C HIS B 396 13.22 6.23 -17.10
N GLN B 397 13.35 6.41 -15.79
CA GLN B 397 12.39 7.19 -15.02
C GLN B 397 13.01 8.52 -14.61
N TYR B 398 12.35 9.61 -14.98
CA TYR B 398 12.73 10.93 -14.54
C TYR B 398 11.85 11.34 -13.35
N GLN B 399 12.46 12.01 -12.38
CA GLN B 399 11.73 12.45 -11.19
C GLN B 399 11.71 13.98 -11.17
N PRO B 400 10.63 14.62 -11.61
CA PRO B 400 10.63 16.09 -11.68
C PRO B 400 10.70 16.77 -10.32
N LEU B 401 10.36 16.09 -9.23
CA LEU B 401 10.43 16.71 -7.92
C LEU B 401 11.87 16.95 -7.49
N THR B 402 12.75 15.97 -7.73
CA THR B 402 14.16 16.09 -7.41
C THR B 402 15.01 16.45 -8.62
N LYS B 403 14.43 16.46 -9.82
CA LYS B 403 15.17 16.72 -11.07
C LYS B 403 16.34 15.76 -11.23
N LYS B 404 16.10 14.48 -10.99
CA LYS B 404 17.12 13.46 -11.04
C LYS B 404 16.53 12.19 -11.64
N GLY B 405 17.41 11.31 -12.11
CA GLY B 405 16.99 10.04 -12.64
C GLY B 405 16.95 8.96 -11.57
N ASN B 406 16.09 7.97 -11.79
CA ASN B 406 15.94 6.85 -10.86
C ASN B 406 17.08 5.86 -11.09
N ASN B 407 18.00 5.78 -10.14
CA ASN B 407 19.14 4.88 -10.27
C ASN B 407 18.75 3.42 -10.10
N GLU B 408 17.72 3.14 -9.29
CA GLU B 408 17.30 1.76 -9.09
C GLU B 408 16.73 1.16 -10.36
N ILE B 409 15.90 1.91 -11.08
CA ILE B 409 15.32 1.41 -12.32
C ILE B 409 16.39 1.32 -13.41
N GLY B 410 17.23 2.34 -13.51
CA GLY B 410 18.37 2.28 -14.40
C GLY B 410 18.16 2.81 -15.81
N SER B 411 18.66 2.07 -16.79
CA SER B 411 18.82 2.56 -18.15
C SER B 411 18.60 1.39 -19.11
N ASN B 412 19.12 1.52 -20.33
CA ASN B 412 19.10 0.48 -21.36
C ASN B 412 17.72 0.34 -22.00
N PHE B 413 16.98 1.43 -22.08
CA PHE B 413 15.80 1.52 -22.92
C PHE B 413 16.22 2.36 -24.12
N ASN B 414 16.48 1.70 -25.24
CA ASN B 414 17.35 2.26 -26.27
C ASN B 414 16.68 3.28 -27.17
N ASP B 415 15.37 3.49 -27.04
CA ASP B 415 14.70 4.58 -27.74
C ASP B 415 14.73 5.89 -26.97
N ASP B 416 15.07 5.85 -25.68
CA ASP B 416 14.94 7.02 -24.82
C ASP B 416 15.76 8.22 -25.28
N PRO B 417 17.04 8.09 -25.67
CA PRO B 417 17.81 9.31 -26.02
C PRO B 417 17.26 10.08 -27.20
N LEU B 418 16.62 9.43 -28.18
CA LEU B 418 16.15 10.13 -29.37
C LEU B 418 15.04 11.12 -29.06
N TRP B 419 14.23 10.82 -28.04
CA TRP B 419 13.14 11.71 -27.66
C TRP B 419 13.67 13.07 -27.20
N LEU B 420 14.86 13.11 -26.61
CA LEU B 420 15.44 14.38 -26.22
C LEU B 420 15.73 15.26 -27.43
N ILE B 421 16.29 14.66 -28.49
CA ILE B 421 16.53 15.41 -29.72
C ILE B 421 15.21 15.89 -30.31
N LEU B 422 14.20 15.02 -30.32
CA LEU B 422 12.91 15.40 -30.88
C LEU B 422 12.30 16.59 -30.12
N ALA B 423 12.34 16.54 -28.79
CA ALA B 423 11.77 17.61 -27.97
C ALA B 423 12.55 18.91 -28.11
N THR B 424 13.89 18.83 -28.16
CA THR B 424 14.68 20.04 -28.35
C THR B 424 14.41 20.68 -29.70
N ALA B 425 14.29 19.85 -30.75
CA ALA B 425 13.95 20.38 -32.06
C ALA B 425 12.58 21.03 -32.07
N ALA B 426 11.60 20.42 -31.39
CA ALA B 426 10.28 21.03 -31.29
C ALA B 426 10.35 22.38 -30.59
N TYR B 427 11.12 22.47 -29.50
CA TYR B 427 11.26 23.74 -28.80
C TYR B 427 11.88 24.80 -29.69
N ILE B 428 12.94 24.45 -30.43
CA ILE B 428 13.60 25.42 -31.29
C ILE B 428 12.67 25.86 -32.43
N LYS B 429 11.94 24.92 -33.01
CA LYS B 429 11.00 25.28 -34.07
C LYS B 429 9.92 26.21 -33.55
N GLU B 430 9.45 25.97 -32.32
CA GLU B 430 8.41 26.83 -31.75
C GLU B 430 8.94 28.24 -31.46
N THR B 431 10.10 28.33 -30.79
CA THR B 431 10.57 29.62 -30.30
C THR B 431 11.57 30.30 -31.22
N GLY B 432 12.29 29.54 -32.05
CA GLY B 432 13.40 30.11 -32.77
C GLY B 432 14.61 30.41 -31.94
N ASP B 433 14.65 29.93 -30.70
CA ASP B 433 15.73 30.23 -29.75
C ASP B 433 16.79 29.15 -29.86
N TYR B 434 17.85 29.43 -30.63
CA TYR B 434 18.95 28.49 -30.77
C TYR B 434 19.92 28.53 -29.61
N SER B 435 19.85 29.55 -28.75
CA SER B 435 20.81 29.70 -27.66
C SER B 435 20.77 28.53 -26.70
N ILE B 436 19.65 27.80 -26.64
CA ILE B 436 19.56 26.64 -25.76
C ILE B 436 20.62 25.60 -26.13
N LEU B 437 21.08 25.61 -27.37
CA LEU B 437 22.10 24.66 -27.80
C LEU B 437 23.45 24.96 -27.17
N LYS B 438 23.71 26.19 -26.76
CA LYS B 438 25.00 26.58 -26.21
C LYS B 438 25.04 26.58 -24.69
N GLU B 439 23.95 26.20 -24.03
CA GLU B 439 23.94 26.12 -22.58
C GLU B 439 24.86 25.00 -22.09
N GLN B 440 25.48 25.23 -20.93
CA GLN B 440 26.34 24.23 -20.29
C GLN B 440 25.45 23.35 -19.43
N VAL B 441 25.37 22.08 -19.80
CA VAL B 441 24.51 21.10 -19.14
C VAL B 441 25.41 20.01 -18.55
N PRO B 442 25.22 19.63 -17.30
CA PRO B 442 26.00 18.53 -16.72
C PRO B 442 25.57 17.19 -17.30
N PHE B 443 26.42 16.19 -17.09
CA PHE B 443 26.10 14.80 -17.36
C PHE B 443 25.95 14.08 -16.03
N ASN B 444 24.87 13.30 -15.89
CA ASN B 444 24.58 12.55 -14.67
C ASN B 444 24.47 13.49 -13.46
N ASN B 445 23.94 14.69 -13.70
CA ASN B 445 23.80 15.72 -12.67
C ASN B 445 25.13 16.05 -12.02
N ASP B 446 26.21 15.98 -12.78
CA ASP B 446 27.56 16.24 -12.29
C ASP B 446 28.13 17.48 -12.96
N PRO B 447 28.20 18.62 -12.27
CA PRO B 447 28.68 19.85 -12.92
C PRO B 447 30.12 19.79 -13.40
N SER B 448 30.95 18.89 -12.83
CA SER B 448 32.33 18.79 -13.27
C SER B 448 32.42 18.33 -14.72
N LYS B 449 31.58 17.37 -15.12
CA LYS B 449 31.52 16.91 -16.50
C LYS B 449 30.29 17.51 -17.16
N ALA B 450 30.44 18.75 -17.62
CA ALA B 450 29.38 19.48 -18.31
C ALA B 450 29.83 19.86 -19.70
N ASP B 451 28.90 19.82 -20.65
CA ASP B 451 29.19 20.19 -22.04
C ASP B 451 27.99 20.93 -22.59
N THR B 452 28.04 21.28 -23.87
CA THR B 452 26.90 21.99 -24.46
C THR B 452 25.70 21.05 -24.58
N MET B 453 24.51 21.66 -24.71
CA MET B 453 23.30 20.89 -24.97
C MET B 453 23.39 20.17 -26.31
N PHE B 454 23.99 20.83 -27.31
CA PHE B 454 24.20 20.19 -28.59
C PHE B 454 25.08 18.95 -28.47
N GLU B 455 26.06 18.97 -27.56
CA GLU B 455 26.86 17.78 -27.32
C GLU B 455 26.01 16.66 -26.72
N HIS B 456 25.06 17.00 -25.84
CA HIS B 456 24.12 16.02 -25.34
C HIS B 456 23.32 15.39 -26.47
N LEU B 457 22.85 16.22 -27.40
CA LEU B 457 22.12 15.70 -28.56
C LEU B 457 23.02 14.81 -29.42
N THR B 458 24.31 15.17 -29.53
CA THR B 458 25.25 14.35 -30.29
C THR B 458 25.42 12.97 -29.66
N ARG B 459 25.58 12.93 -28.34
CA ARG B 459 25.69 11.64 -27.65
C ARG B 459 24.41 10.83 -27.81
N SER B 460 23.26 11.50 -27.75
CA SER B 460 22.00 10.79 -27.98
C SER B 460 21.94 10.21 -29.38
N PHE B 461 22.40 10.97 -30.38
CA PHE B 461 22.39 10.48 -31.76
C PHE B 461 23.33 9.29 -31.93
N TYR B 462 24.52 9.35 -31.34
CA TYR B 462 25.52 8.32 -31.57
C TYR B 462 25.42 7.14 -30.61
N HIS B 463 24.52 7.19 -29.63
CA HIS B 463 24.17 5.98 -28.90
C HIS B 463 23.56 4.94 -29.83
N VAL B 464 22.63 5.37 -30.69
CA VAL B 464 22.03 4.47 -31.66
C VAL B 464 23.08 3.98 -32.66
N VAL B 465 23.91 4.90 -33.15
CA VAL B 465 24.94 4.53 -34.12
C VAL B 465 25.88 3.49 -33.53
N ASN B 466 26.21 3.63 -32.25
CA ASN B 466 27.15 2.74 -31.59
C ASN B 466 26.49 1.52 -30.97
N ASN B 467 25.17 1.37 -31.10
CA ASN B 467 24.48 0.20 -30.58
C ASN B 467 23.60 -0.43 -31.67
N LEU B 468 24.18 -0.69 -32.83
CA LEU B 468 23.48 -1.37 -33.91
C LEU B 468 23.61 -2.88 -33.79
N GLY B 469 22.67 -3.59 -34.41
CA GLY B 469 22.62 -5.03 -34.34
C GLY B 469 23.13 -5.73 -35.59
N PRO B 470 22.87 -7.04 -35.67
CA PRO B 470 23.38 -7.82 -36.81
C PRO B 470 22.89 -7.33 -38.17
N HIS B 471 21.66 -6.83 -38.26
CA HIS B 471 21.13 -6.35 -39.53
C HIS B 471 21.37 -4.87 -39.77
N GLY B 472 22.06 -4.19 -38.85
CA GLY B 472 22.22 -2.76 -38.94
C GLY B 472 21.10 -1.96 -38.31
N LEU B 473 20.10 -2.61 -37.76
CA LEU B 473 19.02 -1.95 -37.04
C LEU B 473 19.41 -1.76 -35.58
N PRO B 474 18.82 -0.76 -34.91
CA PRO B 474 19.22 -0.49 -33.52
C PRO B 474 18.87 -1.64 -32.60
N LEU B 475 19.80 -1.93 -31.68
CA LEU B 475 19.53 -2.90 -30.62
C LEU B 475 18.44 -2.36 -29.69
N ILE B 476 17.49 -3.23 -29.33
CA ILE B 476 16.34 -2.76 -28.57
C ILE B 476 16.65 -2.63 -27.08
N GLY B 477 17.54 -3.46 -26.54
CA GLY B 477 17.85 -3.38 -25.12
C GLY B 477 16.72 -3.95 -24.28
N ARG B 478 16.48 -3.31 -23.14
CA ARG B 478 15.40 -3.75 -22.26
C ARG B 478 14.04 -3.60 -22.95
N ALA B 479 13.83 -2.50 -23.65
CA ALA B 479 12.61 -2.25 -24.41
C ALA B 479 12.79 -0.95 -25.19
N ASP B 480 11.81 -0.67 -26.06
CA ASP B 480 11.69 0.59 -26.76
C ASP B 480 10.39 1.23 -26.30
N TRP B 481 9.88 2.22 -27.02
CA TRP B 481 8.63 2.91 -26.66
C TRP B 481 7.59 1.95 -26.09
N ASN B 482 7.44 0.78 -26.70
CA ASN B 482 6.59 -0.28 -26.16
C ASN B 482 7.32 -0.91 -24.98
N ASP B 483 6.92 -0.56 -23.76
CA ASP B 483 7.59 -1.04 -22.56
C ASP B 483 7.31 -2.50 -22.27
N CYS B 484 6.37 -3.13 -22.97
CA CYS B 484 6.01 -4.52 -22.75
C CYS B 484 6.63 -5.46 -23.77
N LEU B 485 7.42 -4.95 -24.71
CA LEU B 485 8.16 -5.78 -25.65
C LEU B 485 9.57 -5.97 -25.07
N ASN B 486 9.74 -7.06 -24.33
CA ASN B 486 10.97 -7.35 -23.61
C ASN B 486 11.59 -8.60 -24.23
N LEU B 487 12.53 -8.39 -25.15
CA LEU B 487 13.12 -9.48 -25.91
C LEU B 487 14.40 -10.02 -25.27
N ASN B 488 14.81 -9.49 -24.13
CA ASN B 488 15.99 -9.97 -23.43
C ASN B 488 15.66 -10.43 -22.00
N CYS B 489 14.38 -10.65 -21.70
CA CYS B 489 13.96 -10.94 -20.33
C CYS B 489 13.94 -12.45 -20.06
N PHE B 490 13.11 -13.19 -20.78
CA PHE B 490 12.93 -14.64 -20.61
C PHE B 490 12.69 -15.00 -19.14
N SER B 491 11.58 -14.51 -18.60
CA SER B 491 11.24 -14.69 -17.20
C SER B 491 10.23 -15.81 -17.02
N THR B 492 10.51 -16.71 -16.08
CA THR B 492 9.59 -17.77 -15.70
C THR B 492 9.07 -17.61 -14.28
N VAL B 493 9.54 -16.62 -13.53
CA VAL B 493 9.30 -16.50 -12.10
C VAL B 493 8.40 -15.30 -11.87
N PRO B 494 7.26 -15.46 -11.20
CA PRO B 494 6.40 -14.32 -10.91
C PRO B 494 7.05 -13.34 -9.95
N ASP B 495 6.60 -12.08 -10.05
CA ASP B 495 6.99 -10.99 -9.14
C ASP B 495 8.41 -10.51 -9.40
N GLU B 496 8.87 -10.61 -10.65
CA GLU B 496 10.08 -9.93 -11.07
C GLU B 496 9.76 -9.07 -12.29
N SER B 497 10.35 -7.88 -12.32
CA SER B 497 10.00 -6.89 -13.34
C SER B 497 10.37 -7.39 -14.73
N PHE B 498 9.44 -7.24 -15.68
CA PHE B 498 9.74 -7.55 -17.06
C PHE B 498 10.68 -6.54 -17.69
N GLN B 499 10.76 -5.33 -17.13
CA GLN B 499 11.52 -4.24 -17.72
C GLN B 499 12.95 -4.14 -17.21
N THR B 500 13.24 -4.63 -16.01
CA THR B 500 14.57 -4.53 -15.44
C THR B 500 15.25 -5.87 -15.22
N THR B 501 14.59 -6.98 -15.56
CA THR B 501 15.20 -8.31 -15.49
C THR B 501 15.61 -8.71 -16.89
N THR B 502 16.90 -9.01 -17.08
CA THR B 502 17.43 -9.37 -18.38
C THR B 502 18.33 -10.59 -18.23
N SER B 503 17.97 -11.69 -18.88
CA SER B 503 18.77 -12.91 -18.89
C SER B 503 19.56 -13.09 -20.17
N LYS B 504 19.56 -12.10 -21.05
CA LYS B 504 20.31 -12.14 -22.31
C LYS B 504 21.23 -10.94 -22.39
N ASP B 505 22.29 -11.08 -23.19
CA ASP B 505 23.29 -10.02 -23.32
C ASP B 505 22.79 -8.83 -24.14
N GLY B 506 21.67 -8.97 -24.84
CA GLY B 506 21.15 -7.87 -25.63
C GLY B 506 21.99 -7.48 -26.83
N LYS B 507 22.54 -8.46 -27.55
CA LYS B 507 23.37 -8.20 -28.72
C LYS B 507 22.76 -8.72 -30.01
N VAL B 508 21.51 -9.21 -29.97
CA VAL B 508 20.85 -9.78 -31.14
C VAL B 508 19.55 -9.07 -31.45
N ALA B 509 18.72 -8.84 -30.45
CA ALA B 509 17.37 -8.32 -30.67
C ALA B 509 17.41 -6.86 -31.12
N GLU B 510 16.76 -6.58 -32.25
CA GLU B 510 16.71 -5.25 -32.83
C GLU B 510 15.28 -4.76 -32.90
N SER B 511 15.12 -3.45 -33.09
CA SER B 511 13.80 -2.83 -33.16
C SER B 511 13.70 -2.02 -34.45
N VAL B 512 12.68 -2.29 -35.25
CA VAL B 512 12.41 -1.49 -36.45
C VAL B 512 11.82 -0.15 -36.07
N MET B 513 11.10 -0.08 -34.95
CA MET B 513 10.52 1.18 -34.50
C MET B 513 11.60 2.20 -34.14
N ILE B 514 12.67 1.75 -33.47
CA ILE B 514 13.78 2.65 -33.17
C ILE B 514 14.46 3.08 -34.45
N ALA B 515 14.54 2.20 -35.45
CA ALA B 515 15.13 2.58 -36.72
C ALA B 515 14.32 3.68 -37.40
N GLY B 516 12.98 3.54 -37.39
CA GLY B 516 12.14 4.59 -37.94
C GLY B 516 12.28 5.90 -37.20
N MET B 517 12.33 5.85 -35.86
CA MET B 517 12.56 7.06 -35.08
C MET B 517 13.90 7.68 -35.40
N PHE B 518 14.93 6.86 -35.59
CA PHE B 518 16.25 7.37 -35.92
C PHE B 518 16.22 8.11 -37.24
N VAL B 519 15.58 7.54 -38.26
CA VAL B 519 15.52 8.21 -39.55
C VAL B 519 14.69 9.49 -39.44
N PHE B 520 13.61 9.47 -38.66
CA PHE B 520 12.73 10.63 -38.57
C PHE B 520 13.38 11.79 -37.82
N ILE B 521 14.12 11.50 -36.76
CA ILE B 521 14.70 12.54 -35.92
C ILE B 521 16.11 12.94 -36.36
N GLY B 522 16.80 12.10 -37.13
CA GLY B 522 18.09 12.48 -37.65
C GLY B 522 18.06 13.64 -38.61
N LYS B 523 16.92 13.87 -39.27
CA LYS B 523 16.78 15.06 -40.09
C LYS B 523 16.92 16.33 -39.25
N ASP B 524 16.24 16.36 -38.10
CA ASP B 524 16.37 17.50 -37.19
C ASP B 524 17.78 17.60 -36.64
N TYR B 525 18.41 16.46 -36.34
CA TYR B 525 19.78 16.50 -35.85
C TYR B 525 20.73 17.06 -36.91
N VAL B 526 20.54 16.68 -38.18
CA VAL B 526 21.37 17.19 -39.26
C VAL B 526 21.17 18.68 -39.43
N LYS B 527 19.92 19.14 -39.34
CA LYS B 527 19.66 20.58 -39.41
C LYS B 527 20.39 21.32 -38.29
N LEU B 528 20.36 20.78 -37.07
CA LEU B 528 21.03 21.43 -35.96
C LEU B 528 22.55 21.39 -36.13
N CYS B 529 23.08 20.32 -36.72
CA CYS B 529 24.49 20.26 -37.07
C CYS B 529 24.85 21.37 -38.05
N GLU B 530 23.99 21.59 -39.04
CA GLU B 530 24.25 22.65 -40.02
C GLU B 530 24.15 24.03 -39.39
N TYR B 531 23.27 24.21 -38.41
CA TYR B 531 23.18 25.51 -37.74
C TYR B 531 24.47 25.85 -37.02
N MET B 532 25.11 24.86 -36.40
CA MET B 532 26.33 25.10 -35.63
C MET B 532 27.57 25.26 -36.50
N GLY B 533 27.44 25.15 -37.83
CA GLY B 533 28.59 25.28 -38.70
C GLY B 533 29.44 24.05 -38.84
N LEU B 534 28.91 22.88 -38.47
CA LEU B 534 29.67 21.63 -38.52
C LEU B 534 29.23 20.86 -39.77
N GLU B 535 29.86 21.20 -40.90
CA GLU B 535 29.47 20.60 -42.18
C GLU B 535 29.85 19.14 -42.25
N GLU B 536 31.06 18.78 -41.80
CA GLU B 536 31.49 17.39 -41.83
C GLU B 536 30.64 16.53 -40.90
N GLU B 537 30.28 17.06 -39.73
CA GLU B 537 29.42 16.33 -38.82
C GLU B 537 28.04 16.09 -39.44
N ALA B 538 27.50 17.10 -40.12
CA ALA B 538 26.22 16.94 -40.80
C ALA B 538 26.30 15.89 -41.90
N ARG B 539 27.40 15.89 -42.66
CA ARG B 539 27.57 14.89 -43.70
C ARG B 539 27.63 13.47 -43.12
N LYS B 540 28.39 13.30 -42.04
CA LYS B 540 28.52 11.99 -41.42
C LYS B 540 27.19 11.51 -40.84
N ALA B 541 26.45 12.43 -40.21
CA ALA B 541 25.12 12.08 -39.70
C ALA B 541 24.18 11.69 -40.82
N GLN B 542 24.22 12.42 -41.94
CA GLN B 542 23.40 12.06 -43.09
C GLN B 542 23.78 10.70 -43.64
N GLN B 543 25.08 10.38 -43.64
CA GLN B 543 25.52 9.06 -44.06
C GLN B 543 24.92 7.97 -43.19
N HIS B 544 24.92 8.19 -41.87
CA HIS B 544 24.35 7.20 -40.96
C HIS B 544 22.83 7.06 -41.18
N ILE B 545 22.15 8.19 -41.42
CA ILE B 545 20.72 8.15 -41.67
C ILE B 545 20.42 7.37 -42.94
N ASP B 546 21.20 7.59 -44.01
CA ASP B 546 21.00 6.85 -45.25
C ASP B 546 21.27 5.37 -45.06
N ALA B 547 22.29 5.02 -44.28
CA ALA B 547 22.54 3.61 -44.00
C ALA B 547 21.38 2.98 -43.25
N MET B 548 20.81 3.71 -42.28
CA MET B 548 19.64 3.20 -41.57
C MET B 548 18.45 3.02 -42.51
N LYS B 549 18.26 3.96 -43.44
CA LYS B 549 17.16 3.84 -44.39
C LYS B 549 17.33 2.60 -45.27
N GLU B 550 18.55 2.35 -45.74
CA GLU B 550 18.80 1.16 -46.53
C GLU B 550 18.59 -0.11 -45.71
N ALA B 551 19.02 -0.09 -44.45
CA ALA B 551 18.80 -1.24 -43.58
C ALA B 551 17.33 -1.51 -43.36
N ILE B 552 16.53 -0.45 -43.19
CA ILE B 552 15.09 -0.62 -43.05
C ILE B 552 14.49 -1.21 -44.33
N LEU B 553 14.93 -0.72 -45.49
CA LEU B 553 14.39 -1.23 -46.74
C LEU B 553 14.78 -2.69 -46.97
N LYS B 554 15.98 -3.09 -46.56
CA LYS B 554 16.47 -4.43 -46.83
C LYS B 554 16.01 -5.47 -45.80
N TYR B 555 15.89 -5.08 -44.54
CA TYR B 555 15.60 -6.03 -43.47
C TYR B 555 14.40 -5.66 -42.61
N GLY B 556 13.75 -4.53 -42.87
CA GLY B 556 12.66 -4.10 -42.02
C GLY B 556 11.29 -4.11 -42.68
N TYR B 557 11.22 -4.54 -43.93
CA TYR B 557 9.97 -4.60 -44.67
C TYR B 557 9.59 -6.05 -44.92
N ASP B 558 8.33 -6.39 -44.62
CA ASP B 558 7.86 -7.77 -44.71
C ASP B 558 7.21 -8.09 -46.06
N GLY B 559 6.98 -7.10 -46.90
CA GLY B 559 6.38 -7.37 -48.21
C GLY B 559 5.08 -6.62 -48.42
N GLU B 560 4.32 -6.48 -47.35
CA GLU B 560 3.06 -5.74 -47.37
C GLU B 560 3.02 -4.66 -46.29
N TRP B 561 3.90 -4.72 -45.31
CA TRP B 561 3.99 -3.77 -44.21
C TRP B 561 5.38 -3.88 -43.63
N PHE B 562 5.69 -2.99 -42.69
CA PHE B 562 7.00 -3.00 -42.04
C PHE B 562 7.04 -3.99 -40.88
N LEU B 563 8.19 -4.64 -40.72
CA LEU B 563 8.41 -5.55 -39.61
C LEU B 563 8.47 -4.76 -38.30
N ARG B 564 8.29 -5.48 -37.20
CA ARG B 564 8.34 -4.86 -35.88
C ARG B 564 9.71 -4.96 -35.23
N ALA B 565 10.32 -6.15 -35.22
CA ALA B 565 11.54 -6.37 -34.47
C ALA B 565 12.16 -7.69 -34.90
N TYR B 566 13.34 -7.96 -34.36
CA TYR B 566 13.94 -9.28 -34.34
C TYR B 566 14.17 -9.66 -32.88
N ASP B 567 13.96 -10.93 -32.54
CA ASP B 567 14.12 -11.34 -31.16
C ASP B 567 15.53 -11.86 -30.92
N ASP B 568 15.76 -12.37 -29.70
CA ASP B 568 17.09 -12.87 -29.34
C ASP B 568 17.49 -14.09 -30.16
N PHE B 569 16.53 -14.82 -30.73
CA PHE B 569 16.85 -15.88 -31.67
C PHE B 569 17.15 -15.37 -33.07
N GLY B 570 16.94 -14.08 -33.32
CA GLY B 570 17.06 -13.55 -34.66
C GLY B 570 15.87 -13.81 -35.55
N ARG B 571 14.70 -14.07 -34.98
CA ARG B 571 13.49 -14.31 -35.75
C ARG B 571 12.68 -13.03 -35.88
N LYS B 572 11.99 -12.90 -37.01
CA LYS B 572 11.18 -11.72 -37.27
C LYS B 572 10.01 -11.64 -36.30
N VAL B 573 9.78 -10.43 -35.79
CA VAL B 573 8.61 -10.10 -34.99
C VAL B 573 7.75 -9.17 -35.81
N GLY B 574 6.46 -9.48 -35.92
CA GLY B 574 5.58 -8.70 -36.76
C GLY B 574 5.65 -9.07 -38.22
N SER B 575 5.76 -10.37 -38.52
CA SER B 575 5.86 -10.86 -39.87
C SER B 575 4.65 -11.74 -40.19
N LYS B 576 4.30 -11.79 -41.48
CA LYS B 576 3.23 -12.68 -41.91
C LYS B 576 3.58 -14.14 -41.68
N GLU B 577 4.86 -14.47 -41.47
CA GLU B 577 5.25 -15.83 -41.14
C GLU B 577 4.91 -16.20 -39.71
N ASN B 578 4.77 -15.23 -38.81
CA ASN B 578 4.34 -15.52 -37.45
C ASN B 578 2.88 -15.94 -37.42
N GLU B 579 2.55 -16.81 -36.47
CA GLU B 579 1.16 -17.24 -36.33
C GLU B 579 0.30 -16.16 -35.67
N GLU B 580 0.83 -15.51 -34.64
CA GLU B 580 0.15 -14.40 -33.99
C GLU B 580 1.07 -13.19 -33.98
N GLY B 581 0.47 -12.00 -34.01
CA GLY B 581 1.22 -10.77 -34.13
C GLY B 581 1.92 -10.62 -35.46
N LYS B 582 1.16 -10.78 -36.55
CA LYS B 582 1.74 -10.67 -37.88
C LYS B 582 2.04 -9.25 -38.29
N ILE B 583 1.43 -8.26 -37.64
CA ILE B 583 1.65 -6.86 -37.98
C ILE B 583 1.44 -6.01 -36.73
N PHE B 584 2.40 -5.13 -36.45
CA PHE B 584 2.32 -4.17 -35.38
C PHE B 584 2.08 -2.78 -35.95
N ILE B 585 1.78 -1.83 -35.08
CA ILE B 585 1.33 -0.51 -35.51
C ILE B 585 2.45 0.52 -35.44
N GLU B 586 3.40 0.34 -34.53
CA GLU B 586 4.40 1.38 -34.27
C GLU B 586 5.33 1.58 -35.46
N SER B 587 5.82 0.48 -36.03
CA SER B 587 6.77 0.57 -37.14
C SER B 587 6.15 1.25 -38.35
N GLN B 588 4.90 0.93 -38.66
CA GLN B 588 4.25 1.55 -39.81
C GLN B 588 4.20 3.06 -39.66
N GLY B 589 3.72 3.53 -38.49
CA GLY B 589 3.61 4.96 -38.29
C GLY B 589 4.94 5.67 -38.36
N PHE B 590 5.95 5.16 -37.65
CA PHE B 590 7.21 5.89 -37.62
C PHE B 590 8.02 5.73 -38.90
N CYS B 591 7.86 4.63 -39.63
CA CYS B 591 8.57 4.49 -40.90
C CYS B 591 7.94 5.34 -41.99
N VAL B 592 6.61 5.42 -42.05
CA VAL B 592 5.98 6.28 -43.04
C VAL B 592 6.22 7.75 -42.69
N MET B 593 6.21 8.09 -41.40
CA MET B 593 6.54 9.46 -41.00
C MET B 593 7.96 9.84 -41.42
N ALA B 594 8.86 8.85 -41.50
CA ALA B 594 10.21 9.06 -41.99
C ALA B 594 10.31 9.07 -43.51
N GLU B 595 9.20 8.82 -44.21
CA GLU B 595 9.11 8.92 -45.67
C GLU B 595 10.02 7.89 -46.35
N ILE B 596 9.89 6.65 -45.92
CA ILE B 596 10.79 5.60 -46.38
C ILE B 596 10.28 4.92 -47.65
N GLY B 597 8.98 4.70 -47.78
CA GLY B 597 8.47 4.03 -48.96
C GLY B 597 7.47 4.84 -49.77
N LEU B 598 7.70 6.15 -49.90
CA LEU B 598 6.73 6.99 -50.59
C LEU B 598 6.76 6.79 -52.10
N GLU B 599 7.94 6.59 -52.67
CA GLU B 599 8.06 6.54 -54.12
C GLU B 599 7.69 5.17 -54.70
N ASP B 600 8.02 4.10 -53.98
CA ASP B 600 7.78 2.75 -54.48
C ASP B 600 6.45 2.17 -54.04
N GLY B 601 5.63 2.92 -53.31
CA GLY B 601 4.35 2.43 -52.87
C GLY B 601 4.36 1.55 -51.64
N LYS B 602 5.50 1.47 -50.94
CA LYS B 602 5.56 0.63 -49.75
C LYS B 602 4.79 1.27 -48.59
N ALA B 603 4.88 2.59 -48.45
CA ALA B 603 4.19 3.28 -47.35
C ALA B 603 2.68 3.17 -47.49
N LEU B 604 2.17 3.37 -48.72
CA LEU B 604 0.74 3.24 -48.96
C LEU B 604 0.28 1.81 -48.71
N LYS B 605 1.10 0.84 -49.11
CA LYS B 605 0.79 -0.57 -48.88
C LYS B 605 0.71 -0.88 -47.39
N ALA B 606 1.66 -0.34 -46.61
CA ALA B 606 1.65 -0.55 -45.16
C ALA B 606 0.43 0.10 -44.51
N LEU B 607 0.05 1.30 -44.98
CA LEU B 607 -1.12 1.96 -44.41
C LEU B 607 -2.41 1.21 -44.76
N ASP B 608 -2.48 0.66 -45.98
CA ASP B 608 -3.61 -0.17 -46.34
C ASP B 608 -3.67 -1.43 -45.47
N SER B 609 -2.51 -2.03 -45.19
CA SER B 609 -2.47 -3.19 -44.30
C SER B 609 -2.93 -2.82 -42.89
N VAL B 610 -2.53 -1.63 -42.42
CA VAL B 610 -2.95 -1.16 -41.11
C VAL B 610 -4.47 -1.03 -41.06
N LYS B 611 -5.05 -0.44 -42.12
CA LYS B 611 -6.50 -0.32 -42.19
C LYS B 611 -7.17 -1.69 -42.22
N LYS B 612 -6.59 -2.64 -42.96
CA LYS B 612 -7.23 -3.93 -43.12
C LYS B 612 -7.19 -4.77 -41.84
N TYR B 613 -6.07 -4.72 -41.10
CA TYR B 613 -5.87 -5.65 -40.00
C TYR B 613 -6.02 -5.06 -38.60
N LEU B 614 -5.85 -3.75 -38.43
CA LEU B 614 -5.82 -3.18 -37.10
C LEU B 614 -6.98 -2.23 -36.81
N ASP B 615 -7.86 -1.98 -37.77
CA ASP B 615 -8.88 -0.94 -37.63
C ASP B 615 -10.13 -1.49 -36.95
N THR B 616 -10.66 -0.73 -36.01
CA THR B 616 -11.91 -1.00 -35.31
C THR B 616 -12.70 0.30 -35.23
N PRO B 617 -14.00 0.23 -34.92
CA PRO B 617 -14.77 1.47 -34.74
C PRO B 617 -14.28 2.34 -33.59
N TYR B 618 -13.49 1.81 -32.66
CA TYR B 618 -13.03 2.57 -31.51
C TYR B 618 -11.55 2.94 -31.58
N GLY B 619 -10.88 2.67 -32.68
CA GLY B 619 -9.48 2.98 -32.82
C GLY B 619 -8.72 1.80 -33.40
N LEU B 620 -7.41 1.92 -33.42
CA LEU B 620 -6.51 0.94 -34.03
C LEU B 620 -5.84 0.12 -32.94
N VAL B 621 -5.84 -1.20 -33.10
CA VAL B 621 -5.21 -2.08 -32.13
C VAL B 621 -3.70 -2.12 -32.37
N LEU B 622 -2.96 -2.48 -31.31
CA LEU B 622 -1.51 -2.46 -31.38
C LEU B 622 -0.97 -3.51 -32.35
N GLN B 623 -1.52 -4.71 -32.33
CA GLN B 623 -1.04 -5.77 -33.21
C GLN B 623 -2.17 -6.77 -33.46
N ASN B 624 -2.03 -7.51 -34.55
CA ASN B 624 -3.02 -8.49 -34.95
C ASN B 624 -2.31 -9.67 -35.58
N PRO B 625 -2.68 -10.91 -35.23
CA PRO B 625 -3.68 -11.29 -34.21
C PRO B 625 -3.15 -11.13 -32.80
N ALA B 626 -4.03 -11.07 -31.81
CA ALA B 626 -3.61 -11.02 -30.42
C ALA B 626 -2.95 -12.33 -30.00
N PHE B 627 -2.05 -12.24 -29.03
CA PHE B 627 -1.42 -13.41 -28.46
C PHE B 627 -2.39 -14.13 -27.54
N THR B 628 -2.56 -15.43 -27.75
CA THR B 628 -3.48 -16.24 -26.96
C THR B 628 -2.77 -17.14 -25.97
N ARG B 629 -1.46 -17.01 -25.83
CA ARG B 629 -0.70 -17.72 -24.82
C ARG B 629 0.47 -16.85 -24.40
N TYR B 630 1.20 -17.31 -23.40
CA TYR B 630 2.38 -16.60 -22.94
C TYR B 630 3.56 -16.93 -23.85
N TYR B 631 4.24 -15.89 -24.32
CA TYR B 631 5.47 -16.03 -25.09
C TYR B 631 6.61 -15.55 -24.21
N ILE B 632 7.49 -16.47 -23.83
CA ILE B 632 8.61 -16.11 -22.95
C ILE B 632 9.60 -15.21 -23.67
N GLU B 633 9.73 -15.36 -24.99
CA GLU B 633 10.67 -14.57 -25.76
C GLU B 633 10.21 -13.13 -26.01
N TYR B 634 8.96 -12.79 -25.71
CA TYR B 634 8.46 -11.46 -25.98
C TYR B 634 8.31 -10.60 -24.73
N GLY B 635 8.28 -11.18 -23.54
CA GLY B 635 8.17 -10.40 -22.32
C GLY B 635 6.76 -10.21 -21.82
N GLU B 636 6.44 -8.98 -21.40
CA GLU B 636 5.16 -8.69 -20.75
C GLU B 636 4.00 -8.58 -21.72
N ILE B 637 4.25 -8.43 -23.03
CA ILE B 637 3.18 -8.10 -23.96
C ILE B 637 2.13 -9.21 -23.99
N SER B 638 2.56 -10.47 -23.96
CA SER B 638 1.65 -11.60 -24.04
C SER B 638 1.06 -12.00 -22.70
N THR B 639 1.43 -11.33 -21.61
CA THR B 639 0.87 -11.68 -20.30
C THR B 639 -0.54 -11.12 -20.12
N TYR B 640 -0.94 -10.14 -20.91
CA TYR B 640 -2.29 -9.61 -20.83
C TYR B 640 -3.27 -10.53 -21.56
N PRO B 641 -4.53 -10.53 -21.15
CA PRO B 641 -5.56 -11.19 -21.96
C PRO B 641 -5.76 -10.44 -23.27
N PRO B 642 -6.19 -11.13 -24.32
CA PRO B 642 -6.32 -10.49 -25.63
C PRO B 642 -7.22 -9.26 -25.60
N GLY B 643 -6.77 -8.20 -26.27
CA GLY B 643 -7.52 -6.97 -26.35
C GLY B 643 -7.30 -5.97 -25.25
N TYR B 644 -6.37 -6.22 -24.33
CA TYR B 644 -6.15 -5.33 -23.20
C TYR B 644 -4.69 -4.90 -23.15
N LYS B 645 -4.48 -3.62 -22.89
CA LYS B 645 -3.15 -3.00 -22.74
C LYS B 645 -2.35 -3.30 -24.01
N GLU B 646 -1.12 -3.80 -23.91
CA GLU B 646 -0.27 -3.97 -25.08
C GLU B 646 -0.60 -5.21 -25.88
N ASN B 647 -1.47 -6.09 -25.39
CA ASN B 647 -1.88 -7.27 -26.15
C ASN B 647 -3.14 -6.94 -26.94
N ALA B 648 -2.93 -6.21 -28.04
CA ALA B 648 -3.97 -5.89 -29.02
C ALA B 648 -5.07 -4.99 -28.43
N GLY B 649 -4.71 -4.17 -27.45
CA GLY B 649 -5.58 -3.08 -27.06
C GLY B 649 -5.41 -1.89 -27.99
N ILE B 650 -6.30 -0.93 -27.86
CA ILE B 650 -6.20 0.32 -28.61
C ILE B 650 -5.41 1.30 -27.75
N PHE B 651 -4.14 1.51 -28.13
CA PHE B 651 -3.30 2.50 -27.49
C PHE B 651 -3.41 3.78 -28.31
N CYS B 652 -4.18 4.74 -27.80
CA CYS B 652 -4.46 5.96 -28.57
C CYS B 652 -3.21 6.80 -28.82
N HIS B 653 -2.11 6.49 -28.12
CA HIS B 653 -0.85 7.20 -28.31
C HIS B 653 -0.27 6.99 -29.71
N ASN B 654 -0.30 5.76 -30.22
CA ASN B 654 0.27 5.47 -31.54
C ASN B 654 -0.74 5.64 -32.68
N ASN B 655 -2.03 5.74 -32.36
CA ASN B 655 -3.00 6.15 -33.36
C ASN B 655 -2.65 7.51 -33.94
N ALA B 656 -2.09 8.40 -33.12
CA ALA B 656 -1.67 9.70 -33.61
C ALA B 656 -0.55 9.58 -34.64
N TRP B 657 0.38 8.64 -34.42
CA TRP B 657 1.43 8.41 -35.40
C TRP B 657 0.86 7.89 -36.71
N ILE B 658 -0.15 7.01 -36.63
CA ILE B 658 -0.81 6.56 -37.84
C ILE B 658 -1.52 7.72 -38.54
N ILE B 659 -2.09 8.65 -37.76
CA ILE B 659 -2.74 9.82 -38.36
C ILE B 659 -1.72 10.69 -39.10
N CYS B 660 -0.57 10.93 -38.48
CA CYS B 660 0.48 11.70 -39.15
C CYS B 660 0.94 10.99 -40.43
N ALA B 661 1.12 9.67 -40.37
CA ALA B 661 1.55 8.93 -41.54
C ALA B 661 0.51 9.00 -42.65
N GLU B 662 -0.78 9.01 -42.29
CA GLU B 662 -1.82 9.17 -43.30
C GLU B 662 -1.74 10.56 -43.94
N THR B 663 -1.45 11.58 -43.15
CA THR B 663 -1.24 12.91 -43.74
C THR B 663 -0.02 12.93 -44.67
N VAL B 664 0.97 12.09 -44.39
CA VAL B 664 2.18 12.08 -45.22
C VAL B 664 1.87 11.62 -46.64
N VAL B 665 1.03 10.60 -46.79
CA VAL B 665 0.69 10.07 -48.10
C VAL B 665 -0.45 10.86 -48.72
N GLY B 666 -0.87 11.94 -48.05
CA GLY B 666 -1.87 12.83 -48.60
C GLY B 666 -3.29 12.32 -48.59
N ARG B 667 -3.69 11.56 -47.57
CA ARG B 667 -5.04 11.04 -47.44
C ARG B 667 -5.67 11.67 -46.19
N GLY B 668 -6.27 12.86 -46.36
CA GLY B 668 -6.80 13.59 -45.23
C GLY B 668 -8.07 13.00 -44.66
N ASP B 669 -8.91 12.40 -45.50
CA ASP B 669 -10.12 11.77 -45.02
C ASP B 669 -9.80 10.63 -44.06
N MET B 670 -8.83 9.79 -44.41
CA MET B 670 -8.44 8.68 -43.54
C MET B 670 -7.85 9.20 -42.24
N ALA B 671 -7.02 10.24 -42.32
CA ALA B 671 -6.41 10.80 -41.12
C ALA B 671 -7.46 11.36 -40.17
N PHE B 672 -8.44 12.10 -40.71
CA PHE B 672 -9.47 12.66 -39.85
C PHE B 672 -10.42 11.58 -39.33
N ASP B 673 -10.67 10.53 -40.12
CA ASP B 673 -11.49 9.42 -39.65
C ASP B 673 -10.81 8.69 -38.49
N TYR B 674 -9.49 8.51 -38.57
CA TYR B 674 -8.75 7.96 -37.43
C TYR B 674 -8.79 8.90 -36.23
N TYR B 675 -8.69 10.21 -36.48
CA TYR B 675 -8.71 11.18 -35.39
C TYR B 675 -10.04 11.16 -34.65
N ARG B 676 -11.15 11.04 -35.39
CA ARG B 676 -12.47 11.14 -34.77
C ARG B 676 -12.80 9.93 -33.92
N LYS B 677 -12.23 8.77 -34.22
CA LYS B 677 -12.60 7.56 -33.51
C LYS B 677 -12.17 7.56 -32.05
N ILE B 678 -11.22 8.42 -31.67
CA ILE B 678 -10.68 8.37 -30.32
C ILE B 678 -10.78 9.73 -29.65
N ALA B 679 -11.18 10.75 -30.40
CA ALA B 679 -11.33 12.08 -29.82
C ALA B 679 -12.50 12.09 -28.84
N PRO B 680 -12.31 12.59 -27.61
CA PRO B 680 -13.38 12.48 -26.59
C PRO B 680 -14.71 13.09 -27.00
N ALA B 681 -14.68 14.25 -27.66
CA ALA B 681 -15.92 14.92 -28.03
C ALA B 681 -16.73 14.13 -29.04
N TYR B 682 -16.10 13.24 -29.80
CA TYR B 682 -16.81 12.45 -30.79
C TYR B 682 -17.34 11.14 -30.24
N ILE B 683 -16.95 10.75 -29.02
CA ILE B 683 -17.46 9.55 -28.36
C ILE B 683 -18.22 9.89 -27.08
N GLU B 684 -18.47 11.18 -26.84
CA GLU B 684 -19.38 11.57 -25.77
C GLU B 684 -20.74 10.89 -25.92
N ASP B 685 -21.16 10.61 -27.15
CA ASP B 685 -22.46 9.97 -27.38
C ASP B 685 -22.47 8.48 -27.05
N VAL B 686 -21.30 7.86 -26.88
CA VAL B 686 -21.21 6.47 -26.46
C VAL B 686 -20.46 6.42 -25.14
N SER B 687 -20.48 7.55 -24.43
CA SER B 687 -19.95 7.63 -23.06
C SER B 687 -20.24 6.39 -22.23
N ASP B 688 -21.41 5.79 -22.38
CA ASP B 688 -21.72 4.58 -21.59
C ASP B 688 -20.80 3.42 -21.95
N ILE B 689 -20.43 3.30 -23.23
CA ILE B 689 -19.47 2.28 -23.64
C ILE B 689 -18.05 2.69 -23.26
N HIS B 690 -17.69 3.94 -23.52
CA HIS B 690 -16.34 4.42 -23.19
C HIS B 690 -16.09 4.39 -21.69
N LYS B 691 -17.11 4.77 -20.90
CA LYS B 691 -17.18 4.61 -19.45
C LYS B 691 -16.30 5.56 -18.65
N LEU B 692 -15.38 6.25 -19.30
CA LEU B 692 -14.51 7.17 -18.61
C LEU B 692 -14.87 8.59 -19.02
N GLU B 693 -14.08 9.55 -18.57
CA GLU B 693 -14.40 10.95 -18.79
C GLU B 693 -14.54 11.23 -20.29
N PRO B 694 -15.64 11.86 -20.72
CA PRO B 694 -15.80 12.19 -22.14
C PRO B 694 -15.14 13.49 -22.57
N TYR B 695 -14.26 14.07 -21.75
CA TYR B 695 -13.62 15.35 -22.08
C TYR B 695 -12.10 15.28 -22.05
N VAL B 696 -11.50 14.14 -21.75
CA VAL B 696 -10.05 13.97 -21.81
C VAL B 696 -9.73 12.62 -22.45
N TYR B 697 -8.52 12.53 -23.00
CA TYR B 697 -8.05 11.27 -23.54
C TYR B 697 -7.69 10.29 -22.43
N ALA B 698 -7.87 9.01 -22.73
CA ALA B 698 -7.39 7.94 -21.88
C ALA B 698 -6.21 7.25 -22.56
N GLN B 699 -5.48 6.45 -21.77
CA GLN B 699 -4.32 5.76 -22.30
C GLN B 699 -4.72 4.62 -23.23
N MET B 700 -5.80 3.91 -22.90
CA MET B 700 -6.04 2.59 -23.47
C MET B 700 -7.54 2.34 -23.61
N VAL B 701 -7.93 1.83 -24.77
CA VAL B 701 -9.30 1.41 -25.04
C VAL B 701 -9.27 -0.07 -25.44
N ALA B 702 -10.18 -0.85 -24.87
CA ALA B 702 -10.22 -2.28 -25.12
C ALA B 702 -10.40 -2.58 -26.60
N GLY B 703 -9.60 -3.50 -27.12
CA GLY B 703 -9.57 -3.80 -28.54
C GLY B 703 -10.65 -4.77 -28.97
N LYS B 704 -10.62 -5.09 -30.26
CA LYS B 704 -11.65 -5.93 -30.86
C LYS B 704 -11.63 -7.37 -30.34
N ASP B 705 -10.53 -7.80 -29.73
CA ASP B 705 -10.43 -9.14 -29.18
C ASP B 705 -10.98 -9.25 -27.76
N ALA B 706 -11.30 -8.13 -27.12
CA ALA B 706 -11.82 -8.10 -25.77
C ALA B 706 -13.35 -8.11 -25.78
N LYS B 707 -13.93 -8.70 -24.74
CA LYS B 707 -15.38 -8.65 -24.57
C LYS B 707 -15.86 -7.25 -24.17
N ARG B 708 -14.98 -6.43 -23.60
CA ARG B 708 -15.29 -5.05 -23.25
C ARG B 708 -14.84 -4.07 -24.33
N HIS B 709 -14.88 -4.49 -25.58
CA HIS B 709 -14.45 -3.69 -26.73
C HIS B 709 -15.06 -2.29 -26.69
N GLY B 710 -14.20 -1.28 -26.58
CA GLY B 710 -14.62 0.10 -26.49
C GLY B 710 -14.45 0.73 -25.14
N GLU B 711 -14.20 -0.05 -24.09
CA GLU B 711 -14.04 0.48 -22.75
C GLU B 711 -12.63 0.98 -22.50
N ALA B 712 -12.53 2.12 -21.83
CA ALA B 712 -11.26 2.80 -21.60
C ALA B 712 -10.73 2.52 -20.19
N LYS B 713 -9.41 2.63 -20.05
CA LYS B 713 -8.74 2.57 -18.75
C LYS B 713 -7.64 3.62 -18.73
N ASN B 714 -7.26 4.03 -17.51
CA ASN B 714 -6.12 4.93 -17.27
C ASN B 714 -6.30 6.25 -18.01
N SER B 715 -7.31 7.00 -17.58
CA SER B 715 -7.60 8.28 -18.18
C SER B 715 -6.77 9.41 -17.56
N TRP B 716 -6.80 10.55 -18.23
CA TRP B 716 -6.36 11.86 -17.73
C TRP B 716 -4.85 12.07 -17.66
N LEU B 717 -4.05 11.01 -17.77
CA LEU B 717 -2.61 11.12 -17.54
C LEU B 717 -1.91 10.20 -18.54
N THR B 718 -1.57 10.75 -19.69
CA THR B 718 -1.02 9.95 -20.77
C THR B 718 -0.43 10.90 -21.80
N GLY B 719 0.44 10.36 -22.65
CA GLY B 719 0.98 11.11 -23.76
C GLY B 719 0.08 11.20 -24.95
N THR B 720 -1.12 10.63 -24.84
CA THR B 720 -2.08 10.67 -25.93
C THR B 720 -2.50 12.10 -26.26
N ALA B 721 -2.71 12.93 -25.23
CA ALA B 721 -3.18 14.29 -25.47
C ALA B 721 -2.19 15.08 -26.32
N ALA B 722 -0.90 15.02 -25.96
CA ALA B 722 0.11 15.80 -26.67
C ALA B 722 0.24 15.37 -28.11
N TRP B 723 0.33 14.06 -28.35
CA TRP B 723 0.53 13.58 -29.71
C TRP B 723 -0.70 13.79 -30.56
N ASN B 724 -1.90 13.65 -29.97
CA ASN B 724 -3.11 13.88 -30.75
C ASN B 724 -3.29 15.36 -31.07
N PHE B 725 -2.95 16.24 -30.13
CA PHE B 725 -2.99 17.66 -30.44
C PHE B 725 -2.00 18.01 -31.54
N VAL B 726 -0.80 17.42 -31.51
CA VAL B 726 0.17 17.66 -32.57
C VAL B 726 -0.36 17.15 -33.90
N ALA B 727 -0.97 15.96 -33.91
CA ALA B 727 -1.50 15.40 -35.13
C ALA B 727 -2.60 16.26 -35.73
N ILE B 728 -3.54 16.73 -34.91
CA ILE B 728 -4.64 17.52 -35.45
C ILE B 728 -4.20 18.93 -35.82
N SER B 729 -3.40 19.58 -34.97
CA SER B 729 -3.12 21.01 -35.15
C SER B 729 -1.99 21.27 -36.13
N GLN B 730 -1.06 20.34 -36.28
CA GLN B 730 0.10 20.52 -37.15
C GLN B 730 0.05 19.70 -38.42
N TRP B 731 -0.34 18.43 -38.36
CA TRP B 731 -0.29 17.58 -39.53
C TRP B 731 -1.56 17.66 -40.38
N ILE B 732 -2.73 17.69 -39.75
CA ILE B 732 -3.99 17.80 -40.47
C ILE B 732 -4.30 19.25 -40.81
N LEU B 733 -4.30 20.13 -39.82
CA LEU B 733 -4.61 21.53 -40.07
C LEU B 733 -3.44 22.28 -40.69
N GLY B 734 -2.23 21.72 -40.64
CA GLY B 734 -1.12 22.22 -41.42
C GLY B 734 -0.41 23.44 -40.88
N VAL B 735 -0.57 23.77 -39.61
CA VAL B 735 0.11 24.91 -39.01
C VAL B 735 1.31 24.33 -38.26
N LYS B 736 2.46 24.26 -38.94
CA LYS B 736 3.62 23.56 -38.40
C LYS B 736 4.73 24.53 -38.08
N PRO B 737 5.19 24.63 -36.83
CA PRO B 737 6.42 25.37 -36.55
C PRO B 737 7.60 24.70 -37.26
N ASP B 738 8.54 25.52 -37.70
CA ASP B 738 9.70 25.02 -38.43
C ASP B 738 10.83 26.02 -38.25
N TYR B 739 12.05 25.56 -38.49
CA TYR B 739 13.16 26.49 -38.58
C TYR B 739 12.85 27.49 -39.68
N ASP B 740 13.13 28.76 -39.40
CA ASP B 740 12.86 29.93 -40.24
C ASP B 740 11.39 30.36 -40.22
N GLY B 741 10.49 29.64 -39.58
CA GLY B 741 9.18 30.24 -39.40
C GLY B 741 8.07 29.21 -39.40
N LEU B 742 6.86 29.69 -39.69
CA LEU B 742 5.64 28.91 -39.61
C LEU B 742 5.30 28.40 -41.00
N LYS B 743 5.24 27.08 -41.17
CA LYS B 743 4.92 26.46 -42.44
C LYS B 743 3.45 26.08 -42.49
N ILE B 744 2.84 26.30 -43.65
CA ILE B 744 1.44 25.97 -43.90
C ILE B 744 1.42 24.80 -44.88
N ASP B 745 0.93 23.65 -44.42
CA ASP B 745 0.85 22.45 -45.25
C ASP B 745 -0.28 21.56 -44.74
N PRO B 746 -1.53 21.95 -44.97
CA PRO B 746 -2.65 21.16 -44.47
C PRO B 746 -2.87 19.88 -45.26
N CYS B 747 -3.48 18.89 -44.59
CA CYS B 747 -3.96 17.67 -45.22
C CYS B 747 -5.32 17.37 -44.59
N ILE B 748 -6.39 17.68 -45.30
CA ILE B 748 -7.72 17.76 -44.72
C ILE B 748 -8.68 16.92 -45.56
N PRO B 749 -9.85 16.58 -45.02
CA PRO B 749 -10.89 15.94 -45.84
C PRO B 749 -11.31 16.83 -47.00
N LYS B 750 -11.56 16.20 -48.15
CA LYS B 750 -11.81 16.94 -49.38
C LYS B 750 -13.09 17.77 -49.30
N ALA B 751 -14.08 17.28 -48.56
CA ALA B 751 -15.38 17.94 -48.54
C ALA B 751 -15.36 19.26 -47.77
N TRP B 752 -14.31 19.52 -47.01
CA TRP B 752 -14.22 20.78 -46.28
C TRP B 752 -14.07 21.95 -47.23
N ASP B 753 -14.82 23.03 -46.96
CA ASP B 753 -14.68 24.23 -47.76
C ASP B 753 -13.51 25.09 -47.32
N GLY B 754 -13.12 24.96 -46.06
CA GLY B 754 -12.04 25.76 -45.50
C GLY B 754 -12.23 25.92 -44.01
N TYR B 755 -11.33 26.69 -43.42
CA TYR B 755 -11.35 26.94 -41.99
C TYR B 755 -10.42 28.11 -41.70
N LYS B 756 -10.29 28.44 -40.42
CA LYS B 756 -9.41 29.54 -40.02
C LYS B 756 -8.72 29.16 -38.71
N VAL B 757 -7.43 29.49 -38.62
CA VAL B 757 -6.65 29.27 -37.41
C VAL B 757 -5.95 30.57 -37.05
N THR B 758 -6.10 31.01 -35.81
CA THR B 758 -5.36 32.14 -35.28
C THR B 758 -4.25 31.60 -34.40
N ARG B 759 -3.01 31.89 -34.78
CA ARG B 759 -1.83 31.27 -34.19
C ARG B 759 -0.90 32.36 -33.68
N TYR B 760 -0.56 32.30 -32.40
CA TYR B 760 0.47 33.16 -31.84
C TYR B 760 1.82 32.46 -31.98
N PHE B 761 2.77 33.13 -32.64
CA PHE B 761 4.01 32.47 -33.02
C PHE B 761 5.13 33.50 -33.05
N ARG B 762 6.09 33.36 -32.15
CA ARG B 762 7.31 34.17 -32.12
C ARG B 762 6.99 35.66 -32.08
N GLY B 763 6.15 36.05 -31.13
CA GLY B 763 5.88 37.45 -30.88
C GLY B 763 4.89 38.11 -31.80
N SER B 764 4.13 37.33 -32.58
CA SER B 764 3.15 37.91 -33.50
C SER B 764 1.98 36.95 -33.64
N THR B 765 0.88 37.48 -34.18
CA THR B 765 -0.33 36.72 -34.40
C THR B 765 -0.59 36.57 -35.89
N TYR B 766 -0.92 35.36 -36.32
CA TYR B 766 -1.23 35.06 -37.71
C TYR B 766 -2.65 34.56 -37.78
N GLU B 767 -3.50 35.27 -38.52
CA GLU B 767 -4.88 34.85 -38.79
C GLU B 767 -4.87 34.20 -40.16
N ILE B 768 -4.87 32.86 -40.18
CA ILE B 768 -4.67 32.09 -41.40
C ILE B 768 -6.01 31.51 -41.81
N THR B 769 -6.51 31.95 -42.96
CA THR B 769 -7.74 31.43 -43.53
C THR B 769 -7.39 30.48 -44.67
N VAL B 770 -7.76 29.22 -44.53
CA VAL B 770 -7.51 28.20 -45.55
C VAL B 770 -8.80 27.99 -46.32
N LYS B 771 -8.71 27.98 -47.65
CA LYS B 771 -9.85 27.79 -48.52
C LYS B 771 -9.60 26.60 -49.44
N ASN B 772 -10.67 25.83 -49.70
CA ASN B 772 -10.61 24.63 -50.52
C ASN B 772 -11.65 24.70 -51.61
N PRO B 773 -11.50 25.63 -52.56
CA PRO B 773 -12.49 25.76 -53.63
C PRO B 773 -12.59 24.55 -54.55
N ASN B 774 -11.49 23.82 -54.74
CA ASN B 774 -11.47 22.68 -55.65
C ASN B 774 -11.61 21.36 -54.90
N HIS B 775 -11.72 21.41 -53.58
CA HIS B 775 -11.95 20.24 -52.74
C HIS B 775 -10.90 19.16 -52.92
N VAL B 776 -9.66 19.51 -52.63
CA VAL B 776 -8.56 18.55 -52.59
C VAL B 776 -8.21 18.28 -51.14
N SER B 777 -7.37 17.29 -50.91
CA SER B 777 -6.88 16.97 -49.58
C SER B 777 -5.59 17.68 -49.23
N LYS B 778 -4.63 17.71 -50.15
CA LYS B 778 -3.30 18.24 -49.88
C LYS B 778 -2.82 19.03 -51.09
N GLY B 779 -1.94 19.99 -50.84
CA GLY B 779 -1.36 20.79 -51.89
C GLY B 779 -1.74 22.26 -51.79
N VAL B 780 -0.77 23.13 -51.58
CA VAL B 780 -1.01 24.56 -51.45
C VAL B 780 -0.77 25.22 -52.79
N ALA B 781 -1.79 25.95 -53.28
CA ALA B 781 -1.67 26.67 -54.54
C ALA B 781 -1.12 28.08 -54.36
N LYS B 782 -1.55 28.79 -53.31
CA LYS B 782 -1.09 30.16 -53.15
C LYS B 782 -1.16 30.56 -51.68
N ILE B 783 -0.22 31.39 -51.26
CA ILE B 783 -0.21 31.97 -49.92
C ILE B 783 -0.02 33.48 -50.06
N THR B 784 -0.90 34.23 -49.41
CA THR B 784 -0.85 35.69 -49.41
C THR B 784 -0.75 36.18 -47.96
N VAL B 785 0.21 37.07 -47.71
CA VAL B 785 0.43 37.65 -46.40
C VAL B 785 0.27 39.16 -46.53
N ASP B 786 -0.64 39.73 -45.73
CA ASP B 786 -0.88 41.17 -45.70
C ASP B 786 -1.20 41.72 -47.09
N GLY B 787 -1.85 40.91 -47.91
CA GLY B 787 -2.24 41.32 -49.24
C GLY B 787 -1.23 41.04 -50.34
N ASN B 788 -0.02 40.61 -49.99
CA ASN B 788 1.02 40.34 -50.98
C ASN B 788 1.30 38.85 -51.04
N GLU B 789 1.30 38.31 -52.25
CA GLU B 789 1.57 36.89 -52.43
C GLU B 789 3.04 36.59 -52.16
N ILE B 790 3.28 35.51 -51.42
CA ILE B 790 4.64 35.09 -51.09
C ILE B 790 4.96 33.81 -51.86
N SER B 791 6.25 33.47 -51.86
CA SER B 791 6.73 32.25 -52.51
C SER B 791 7.09 31.22 -51.44
N GLY B 792 6.77 29.96 -51.73
CA GLY B 792 6.98 28.90 -50.76
C GLY B 792 5.81 28.79 -49.81
N ASN B 793 6.03 28.03 -48.74
CA ASN B 793 4.99 27.79 -47.74
C ASN B 793 5.46 28.14 -46.33
N ILE B 794 6.51 28.94 -46.20
CA ILE B 794 7.02 29.38 -44.91
C ILE B 794 6.66 30.85 -44.73
N LEU B 795 5.96 31.14 -43.64
CA LEU B 795 5.54 32.51 -43.39
C LEU B 795 6.70 33.32 -42.80
N PRO B 796 6.80 34.60 -43.15
CA PRO B 796 7.83 35.45 -42.54
C PRO B 796 7.60 35.66 -41.05
N VAL B 797 8.71 35.82 -40.34
CA VAL B 797 8.68 36.12 -38.91
C VAL B 797 8.68 37.64 -38.73
N PHE B 798 7.71 38.14 -37.96
CA PHE B 798 7.57 39.57 -37.75
C PHE B 798 8.06 40.02 -36.39
N ASN B 799 7.63 39.33 -35.32
CA ASN B 799 8.05 39.63 -33.95
C ASN B 799 7.74 41.09 -33.60
N ASP B 800 6.54 41.55 -33.97
CA ASP B 800 6.15 42.93 -33.76
C ASP B 800 4.90 43.09 -32.91
N GLY B 801 4.33 42.00 -32.42
CA GLY B 801 3.15 42.09 -31.57
C GLY B 801 1.89 42.50 -32.29
N LYS B 802 1.85 42.36 -33.60
CA LYS B 802 0.70 42.74 -34.41
C LYS B 802 0.03 41.51 -35.00
N THR B 803 -1.09 41.72 -35.67
CA THR B 803 -1.86 40.66 -36.30
C THR B 803 -1.68 40.75 -37.81
N HIS B 804 -1.41 39.60 -38.44
CA HIS B 804 -1.15 39.54 -39.87
C HIS B 804 -2.11 38.56 -40.50
N LYS B 805 -2.76 38.98 -41.58
CA LYS B 805 -3.75 38.18 -42.27
C LYS B 805 -3.06 37.33 -43.33
N VAL B 806 -3.37 36.04 -43.34
CA VAL B 806 -2.79 35.07 -44.26
C VAL B 806 -3.93 34.35 -44.96
N GLU B 807 -3.88 34.32 -46.28
CA GLU B 807 -4.84 33.57 -47.08
C GLU B 807 -4.13 32.42 -47.77
N VAL B 808 -4.67 31.22 -47.61
CA VAL B 808 -4.09 30.01 -48.21
C VAL B 808 -5.13 29.43 -49.14
N ILE B 809 -4.75 29.24 -50.40
CA ILE B 809 -5.58 28.56 -51.39
C ILE B 809 -4.92 27.24 -51.73
N LEU B 810 -5.67 26.15 -51.61
CA LEU B 810 -5.14 24.82 -51.86
C LEU B 810 -5.14 24.48 -53.34
C2 BGC C . 8.01 0.77 16.99
C3 BGC C . 8.74 -0.43 17.58
C4 BGC C . 8.94 -1.54 16.56
C5 BGC C . 9.36 -1.02 15.19
C6 BGC C . 9.22 -2.05 14.10
C1 BGC C . 8.65 1.18 15.68
O1 BGC C . 8.00 2.29 15.18
O2 BGC C . 8.04 1.86 17.90
O3 BGC C . 8.00 -0.91 18.70
O4 BGC C . 10.02 -2.38 16.97
O5 BGC C . 8.57 0.11 14.79
O6 BGC C . 10.16 -1.84 13.06
C2 BGC C . 10.61 -4.56 17.66
C3 BGC C . 10.67 -5.56 18.80
C4 BGC C . 11.03 -4.87 20.09
C5 BGC C . 10.03 -3.76 20.36
C6 BGC C . 10.30 -3.00 21.63
C1 BGC C . 9.75 -3.34 18.00
O2 BGC C . 10.08 -5.17 16.48
O3 BGC C . 11.63 -6.57 18.50
O4 BGC C . 11.03 -5.79 21.18
O5 BGC C . 10.09 -2.81 19.29
O6 BGC C . 10.73 -1.67 21.37
C2 BGC D . 2.34 -1.51 -18.60
C3 BGC D . 3.01 -0.41 -19.41
C4 BGC D . 3.66 0.65 -18.51
C5 BGC D . 4.40 0.04 -17.32
C6 BGC D . 4.74 1.05 -16.26
C1 BGC D . 3.27 -2.04 -17.53
O1 BGC D . 2.66 -3.06 -16.83
O2 BGC D . 1.93 -2.57 -19.45
O3 BGC D . 2.05 0.19 -20.26
O4 BGC D . 4.67 1.32 -19.26
O5 BGC D . 3.61 -0.98 -16.68
O6 BGC D . 5.92 0.69 -15.55
C2 BGC D . 5.31 3.41 -20.12
C3 BGC D . 5.18 4.43 -21.26
C4 BGC D . 5.03 3.71 -22.59
C5 BGC D . 3.85 2.77 -22.51
C6 BGC D . 3.62 2.00 -23.79
C1 BGC D . 4.24 2.33 -20.17
O2 BGC D . 5.26 4.07 -18.87
O3 BGC D . 6.31 5.29 -21.28
O4 BGC D . 4.83 4.66 -23.63
O5 BGC D . 4.10 1.80 -21.49
O6 BGC D . 3.92 0.63 -23.64
#